data_2D5A
# 
_entry.id   2D5A 
# 
_audit_conform.dict_name       mmcif_pdbx.dic 
_audit_conform.dict_version    5.388 
_audit_conform.dict_location   http://mmcif.pdb.org/dictionaries/ascii/mmcif_pdbx.dic 
# 
loop_
_database_2.database_id 
_database_2.database_code 
_database_2.pdbx_database_accession 
_database_2.pdbx_DOI 
PDB   2D5A         pdb_00002d5a 10.2210/pdb2d5a/pdb 
RCSB  RCSB025003   ?            ?                   
WWPDB D_1000025003 ?            ?                   
# 
loop_
_pdbx_audit_revision_history.ordinal 
_pdbx_audit_revision_history.data_content_type 
_pdbx_audit_revision_history.major_revision 
_pdbx_audit_revision_history.minor_revision 
_pdbx_audit_revision_history.revision_date 
1 'Structure model' 1 0 2006-10-31 
2 'Structure model' 1 1 2008-04-30 
3 'Structure model' 1 2 2011-07-13 
4 'Structure model' 2 0 2024-03-13 
# 
_pdbx_audit_revision_details.ordinal             1 
_pdbx_audit_revision_details.revision_ordinal    1 
_pdbx_audit_revision_details.data_content_type   'Structure model' 
_pdbx_audit_revision_details.provider            repository 
_pdbx_audit_revision_details.type                'Initial release' 
_pdbx_audit_revision_details.description         ? 
_pdbx_audit_revision_details.details             ? 
# 
loop_
_pdbx_audit_revision_group.ordinal 
_pdbx_audit_revision_group.revision_ordinal 
_pdbx_audit_revision_group.data_content_type 
_pdbx_audit_revision_group.group 
1 2 'Structure model' 'Version format compliance' 
2 3 'Structure model' 'Source and taxonomy'       
3 3 'Structure model' 'Version format compliance' 
4 4 'Structure model' 'Atomic model'              
5 4 'Structure model' 'Data collection'           
6 4 'Structure model' 'Database references'       
7 4 'Structure model' 'Derived calculations'      
# 
loop_
_pdbx_audit_revision_category.ordinal 
_pdbx_audit_revision_category.revision_ordinal 
_pdbx_audit_revision_category.data_content_type 
_pdbx_audit_revision_category.category 
1 4 'Structure model' atom_site      
2 4 'Structure model' chem_comp_atom 
3 4 'Structure model' chem_comp_bond 
4 4 'Structure model' database_2     
5 4 'Structure model' struct_site    
# 
loop_
_pdbx_audit_revision_item.ordinal 
_pdbx_audit_revision_item.revision_ordinal 
_pdbx_audit_revision_item.data_content_type 
_pdbx_audit_revision_item.item 
1 4 'Structure model' '_atom_site.occupancy'                
2 4 'Structure model' '_database_2.pdbx_DOI'                
3 4 'Structure model' '_database_2.pdbx_database_accession' 
4 4 'Structure model' '_struct_site.pdbx_auth_asym_id'      
5 4 'Structure model' '_struct_site.pdbx_auth_comp_id'      
6 4 'Structure model' '_struct_site.pdbx_auth_seq_id'       
# 
_pdbx_database_status.status_code                     REL 
_pdbx_database_status.entry_id                        2D5A 
_pdbx_database_status.recvd_initial_deposition_date   2005-10-31 
_pdbx_database_status.deposit_site                    PDBJ 
_pdbx_database_status.process_site                    PDBJ 
_pdbx_database_status.status_code_sf                  REL 
_pdbx_database_status.status_code_mr                  ? 
_pdbx_database_status.SG_entry                        Y 
_pdbx_database_status.pdb_format_compatible           Y 
_pdbx_database_status.status_code_cs                  ? 
_pdbx_database_status.status_code_nmr_data            ? 
_pdbx_database_status.methods_development_category    ? 
# 
loop_
_pdbx_database_related.db_name 
_pdbx_database_related.db_id 
_pdbx_database_related.details 
_pdbx_database_related.content_type 
PDB      2D59           'PH1109 without ligand' unspecified 
TargetDB pho001001109.2 .                       unspecified 
# 
loop_
_audit_author.name 
_audit_author.pdbx_ordinal 
'Hiyama, T.B.'                                           1 
'Sekine, S.'                                             2 
'Yokoyama, S.'                                           3 
'RIKEN Structural Genomics/Proteomics Initiative (RSGI)' 4 
# 
_citation.id                        primary 
_citation.title                     'Structural basis of CoA recognition by the Pyrococcus single-domain CoA-binding proteins.' 
_citation.journal_abbrev            J.STRUCT.FUNCT.GENOM. 
_citation.journal_volume            7 
_citation.page_first                119 
_citation.page_last                 129 
_citation.year                      2006 
_citation.journal_id_ASTM           ? 
_citation.country                   NE 
_citation.journal_id_ISSN           1345-711X 
_citation.journal_id_CSD            ? 
_citation.book_publisher            ? 
_citation.pdbx_database_id_PubMed   17342453 
_citation.pdbx_database_id_DOI      10.1007/s10969-007-9015-6 
# 
loop_
_citation_author.citation_id 
_citation_author.name 
_citation_author.ordinal 
_citation_author.identifier_ORCID 
primary 'Hiyama, T.B.'  1  ? 
primary 'Zhao, M.'      2  ? 
primary 'Kitago, Y.'    3  ? 
primary 'Yao, M.'       4  ? 
primary 'Sekine, S.'    5  ? 
primary 'Terada, T.'    6  ? 
primary 'Kuroishi, C.'  7  ? 
primary 'Liu, Z.J.'     8  ? 
primary 'Rose, J.P.'    9  ? 
primary 'Kuramitsu, S.' 10 ? 
primary 'Shirouzu, M.'  11 ? 
primary 'Watanabe, N.'  12 ? 
primary 'Yokoyama, S.'  13 ? 
primary 'Tanaka, I.'    14 ? 
primary 'Wang, B.C.'    15 ? 
# 
loop_
_entity.id 
_entity.type 
_entity.src_method 
_entity.pdbx_description 
_entity.formula_weight 
_entity.pdbx_number_of_molecules 
_entity.pdbx_ec 
_entity.pdbx_mutation 
_entity.pdbx_fragment 
_entity.details 
1 polymer     man 'hypothetical protein PH1109' 16747.432 1   ? ? ? ? 
2 non-polymer syn 'COENZYME A'                  767.534   1   ? ? ? ? 
3 water       nat water                         18.015    119 ? ? ? ? 
# 
_entity_poly.entity_id                      1 
_entity_poly.type                           'polypeptide(L)' 
_entity_poly.nstd_linkage                   no 
_entity_poly.nstd_monomer                   no 
_entity_poly.pdbx_seq_one_letter_code       
;MEETRPIDGLTDEDIREILTRYKKIALVGASPKPERDANIVMKYLLEHGYDVYPVNPKYEEVLGRKCYPSVLDIPDKIEV
VDLFVKPKLTMEYVEQAIKKGAKVVWFQYNTYNREASKKADEAGLIIVANRCMMREHERLLGEK
;
_entity_poly.pdbx_seq_one_letter_code_can   
;MEETRPIDGLTDEDIREILTRYKKIALVGASPKPERDANIVMKYLLEHGYDVYPVNPKYEEVLGRKCYPSVLDIPDKIEV
VDLFVKPKLTMEYVEQAIKKGAKVVWFQYNTYNREASKKADEAGLIIVANRCMMREHERLLGEK
;
_entity_poly.pdbx_strand_id                 A 
_entity_poly.pdbx_target_identifier         pho001001109.2 
# 
loop_
_pdbx_entity_nonpoly.entity_id 
_pdbx_entity_nonpoly.name 
_pdbx_entity_nonpoly.comp_id 
2 'COENZYME A' COA 
3 water        HOH 
# 
loop_
_entity_poly_seq.entity_id 
_entity_poly_seq.num 
_entity_poly_seq.mon_id 
_entity_poly_seq.hetero 
1 1   MET n 
1 2   GLU n 
1 3   GLU n 
1 4   THR n 
1 5   ARG n 
1 6   PRO n 
1 7   ILE n 
1 8   ASP n 
1 9   GLY n 
1 10  LEU n 
1 11  THR n 
1 12  ASP n 
1 13  GLU n 
1 14  ASP n 
1 15  ILE n 
1 16  ARG n 
1 17  GLU n 
1 18  ILE n 
1 19  LEU n 
1 20  THR n 
1 21  ARG n 
1 22  TYR n 
1 23  LYS n 
1 24  LYS n 
1 25  ILE n 
1 26  ALA n 
1 27  LEU n 
1 28  VAL n 
1 29  GLY n 
1 30  ALA n 
1 31  SER n 
1 32  PRO n 
1 33  LYS n 
1 34  PRO n 
1 35  GLU n 
1 36  ARG n 
1 37  ASP n 
1 38  ALA n 
1 39  ASN n 
1 40  ILE n 
1 41  VAL n 
1 42  MET n 
1 43  LYS n 
1 44  TYR n 
1 45  LEU n 
1 46  LEU n 
1 47  GLU n 
1 48  HIS n 
1 49  GLY n 
1 50  TYR n 
1 51  ASP n 
1 52  VAL n 
1 53  TYR n 
1 54  PRO n 
1 55  VAL n 
1 56  ASN n 
1 57  PRO n 
1 58  LYS n 
1 59  TYR n 
1 60  GLU n 
1 61  GLU n 
1 62  VAL n 
1 63  LEU n 
1 64  GLY n 
1 65  ARG n 
1 66  LYS n 
1 67  CYS n 
1 68  TYR n 
1 69  PRO n 
1 70  SER n 
1 71  VAL n 
1 72  LEU n 
1 73  ASP n 
1 74  ILE n 
1 75  PRO n 
1 76  ASP n 
1 77  LYS n 
1 78  ILE n 
1 79  GLU n 
1 80  VAL n 
1 81  VAL n 
1 82  ASP n 
1 83  LEU n 
1 84  PHE n 
1 85  VAL n 
1 86  LYS n 
1 87  PRO n 
1 88  LYS n 
1 89  LEU n 
1 90  THR n 
1 91  MET n 
1 92  GLU n 
1 93  TYR n 
1 94  VAL n 
1 95  GLU n 
1 96  GLN n 
1 97  ALA n 
1 98  ILE n 
1 99  LYS n 
1 100 LYS n 
1 101 GLY n 
1 102 ALA n 
1 103 LYS n 
1 104 VAL n 
1 105 VAL n 
1 106 TRP n 
1 107 PHE n 
1 108 GLN n 
1 109 TYR n 
1 110 ASN n 
1 111 THR n 
1 112 TYR n 
1 113 ASN n 
1 114 ARG n 
1 115 GLU n 
1 116 ALA n 
1 117 SER n 
1 118 LYS n 
1 119 LYS n 
1 120 ALA n 
1 121 ASP n 
1 122 GLU n 
1 123 ALA n 
1 124 GLY n 
1 125 LEU n 
1 126 ILE n 
1 127 ILE n 
1 128 VAL n 
1 129 ALA n 
1 130 ASN n 
1 131 ARG n 
1 132 CYS n 
1 133 MET n 
1 134 MET n 
1 135 ARG n 
1 136 GLU n 
1 137 HIS n 
1 138 GLU n 
1 139 ARG n 
1 140 LEU n 
1 141 LEU n 
1 142 GLY n 
1 143 GLU n 
1 144 LYS n 
# 
_entity_src_gen.entity_id                          1 
_entity_src_gen.pdbx_src_id                        1 
_entity_src_gen.pdbx_alt_source_flag               sample 
_entity_src_gen.pdbx_seq_type                      ? 
_entity_src_gen.pdbx_beg_seq_num                   ? 
_entity_src_gen.pdbx_end_seq_num                   ? 
_entity_src_gen.gene_src_common_name               ? 
_entity_src_gen.gene_src_genus                     ? 
_entity_src_gen.pdbx_gene_src_gene                 ph1109 
_entity_src_gen.gene_src_species                   ? 
_entity_src_gen.gene_src_strain                    OT3 
_entity_src_gen.gene_src_tissue                    ? 
_entity_src_gen.gene_src_tissue_fraction           ? 
_entity_src_gen.gene_src_details                   ? 
_entity_src_gen.pdbx_gene_src_fragment             ? 
_entity_src_gen.pdbx_gene_src_scientific_name      'Pyrococcus horikoshii' 
_entity_src_gen.pdbx_gene_src_ncbi_taxonomy_id     70601 
_entity_src_gen.pdbx_gene_src_variant              ? 
_entity_src_gen.pdbx_gene_src_cell_line            ? 
_entity_src_gen.pdbx_gene_src_atcc                 ? 
_entity_src_gen.pdbx_gene_src_organ                ? 
_entity_src_gen.pdbx_gene_src_organelle            ? 
_entity_src_gen.pdbx_gene_src_cell                 ? 
_entity_src_gen.pdbx_gene_src_cellular_location    ? 
_entity_src_gen.host_org_common_name               ? 
_entity_src_gen.pdbx_host_org_scientific_name      'Escherichia coli BL21(DE3)' 
_entity_src_gen.pdbx_host_org_ncbi_taxonomy_id     469008 
_entity_src_gen.host_org_genus                     Escherichia 
_entity_src_gen.pdbx_host_org_gene                 ? 
_entity_src_gen.pdbx_host_org_organ                ? 
_entity_src_gen.host_org_species                   'Escherichia coli' 
_entity_src_gen.pdbx_host_org_tissue               ? 
_entity_src_gen.pdbx_host_org_tissue_fraction      ? 
_entity_src_gen.pdbx_host_org_strain               'BL21(DE3)' 
_entity_src_gen.pdbx_host_org_variant              ? 
_entity_src_gen.pdbx_host_org_cell_line            ? 
_entity_src_gen.pdbx_host_org_atcc                 ? 
_entity_src_gen.pdbx_host_org_culture_collection   ? 
_entity_src_gen.pdbx_host_org_cell                 ? 
_entity_src_gen.pdbx_host_org_organelle            ? 
_entity_src_gen.pdbx_host_org_cellular_location    ? 
_entity_src_gen.pdbx_host_org_vector_type          plasmid 
_entity_src_gen.pdbx_host_org_vector               ? 
_entity_src_gen.host_org_details                   ? 
_entity_src_gen.expression_system_id               ? 
_entity_src_gen.plasmid_name                       ? 
_entity_src_gen.plasmid_details                    ? 
_entity_src_gen.pdbx_description                   ? 
# 
loop_
_chem_comp.id 
_chem_comp.type 
_chem_comp.mon_nstd_flag 
_chem_comp.name 
_chem_comp.pdbx_synonyms 
_chem_comp.formula 
_chem_comp.formula_weight 
ALA 'L-peptide linking' y ALANINE         ? 'C3 H7 N O2'          89.093  
ARG 'L-peptide linking' y ARGININE        ? 'C6 H15 N4 O2 1'      175.209 
ASN 'L-peptide linking' y ASPARAGINE      ? 'C4 H8 N2 O3'         132.118 
ASP 'L-peptide linking' y 'ASPARTIC ACID' ? 'C4 H7 N O4'          133.103 
COA non-polymer         . 'COENZYME A'    ? 'C21 H36 N7 O16 P3 S' 767.534 
CYS 'L-peptide linking' y CYSTEINE        ? 'C3 H7 N O2 S'        121.158 
GLN 'L-peptide linking' y GLUTAMINE       ? 'C5 H10 N2 O3'        146.144 
GLU 'L-peptide linking' y 'GLUTAMIC ACID' ? 'C5 H9 N O4'          147.129 
GLY 'peptide linking'   y GLYCINE         ? 'C2 H5 N O2'          75.067  
HIS 'L-peptide linking' y HISTIDINE       ? 'C6 H10 N3 O2 1'      156.162 
HOH non-polymer         . WATER           ? 'H2 O'                18.015  
ILE 'L-peptide linking' y ISOLEUCINE      ? 'C6 H13 N O2'         131.173 
LEU 'L-peptide linking' y LEUCINE         ? 'C6 H13 N O2'         131.173 
LYS 'L-peptide linking' y LYSINE          ? 'C6 H15 N2 O2 1'      147.195 
MET 'L-peptide linking' y METHIONINE      ? 'C5 H11 N O2 S'       149.211 
PHE 'L-peptide linking' y PHENYLALANINE   ? 'C9 H11 N O2'         165.189 
PRO 'L-peptide linking' y PROLINE         ? 'C5 H9 N O2'          115.130 
SER 'L-peptide linking' y SERINE          ? 'C3 H7 N O3'          105.093 
THR 'L-peptide linking' y THREONINE       ? 'C4 H9 N O3'          119.119 
TRP 'L-peptide linking' y TRYPTOPHAN      ? 'C11 H12 N2 O2'       204.225 
TYR 'L-peptide linking' y TYROSINE        ? 'C9 H11 N O3'         181.189 
VAL 'L-peptide linking' y VALINE          ? 'C5 H11 N O2'         117.146 
# 
loop_
_pdbx_poly_seq_scheme.asym_id 
_pdbx_poly_seq_scheme.entity_id 
_pdbx_poly_seq_scheme.seq_id 
_pdbx_poly_seq_scheme.mon_id 
_pdbx_poly_seq_scheme.ndb_seq_num 
_pdbx_poly_seq_scheme.pdb_seq_num 
_pdbx_poly_seq_scheme.auth_seq_num 
_pdbx_poly_seq_scheme.pdb_mon_id 
_pdbx_poly_seq_scheme.auth_mon_id 
_pdbx_poly_seq_scheme.pdb_strand_id 
_pdbx_poly_seq_scheme.pdb_ins_code 
_pdbx_poly_seq_scheme.hetero 
A 1 1   MET 1   1   1   MET MET A . n 
A 1 2   GLU 2   2   2   GLU GLU A . n 
A 1 3   GLU 3   3   3   GLU GLU A . n 
A 1 4   THR 4   4   4   THR THR A . n 
A 1 5   ARG 5   5   5   ARG ARG A . n 
A 1 6   PRO 6   6   6   PRO PRO A . n 
A 1 7   ILE 7   7   7   ILE ILE A . n 
A 1 8   ASP 8   8   8   ASP ASP A . n 
A 1 9   GLY 9   9   9   GLY GLY A . n 
A 1 10  LEU 10  10  10  LEU LEU A . n 
A 1 11  THR 11  11  11  THR THR A . n 
A 1 12  ASP 12  12  12  ASP ASP A . n 
A 1 13  GLU 13  13  13  GLU GLU A . n 
A 1 14  ASP 14  14  14  ASP ASP A . n 
A 1 15  ILE 15  15  15  ILE ILE A . n 
A 1 16  ARG 16  16  16  ARG ARG A . n 
A 1 17  GLU 17  17  17  GLU GLU A . n 
A 1 18  ILE 18  18  18  ILE ILE A . n 
A 1 19  LEU 19  19  19  LEU LEU A . n 
A 1 20  THR 20  20  20  THR THR A . n 
A 1 21  ARG 21  21  21  ARG ARG A . n 
A 1 22  TYR 22  22  22  TYR TYR A . n 
A 1 23  LYS 23  23  23  LYS LYS A . n 
A 1 24  LYS 24  24  24  LYS LYS A . n 
A 1 25  ILE 25  25  25  ILE ILE A . n 
A 1 26  ALA 26  26  26  ALA ALA A . n 
A 1 27  LEU 27  27  27  LEU LEU A . n 
A 1 28  VAL 28  28  28  VAL VAL A . n 
A 1 29  GLY 29  29  29  GLY GLY A . n 
A 1 30  ALA 30  30  30  ALA ALA A . n 
A 1 31  SER 31  31  31  SER SER A . n 
A 1 32  PRO 32  32  32  PRO PRO A . n 
A 1 33  LYS 33  33  33  LYS LYS A . n 
A 1 34  PRO 34  34  34  PRO PRO A . n 
A 1 35  GLU 35  35  35  GLU GLU A . n 
A 1 36  ARG 36  36  36  ARG ARG A . n 
A 1 37  ASP 37  37  37  ASP ASP A . n 
A 1 38  ALA 38  38  38  ALA ALA A . n 
A 1 39  ASN 39  39  39  ASN ASN A . n 
A 1 40  ILE 40  40  40  ILE ILE A . n 
A 1 41  VAL 41  41  41  VAL VAL A . n 
A 1 42  MET 42  42  42  MET MET A . n 
A 1 43  LYS 43  43  43  LYS LYS A . n 
A 1 44  TYR 44  44  44  TYR TYR A . n 
A 1 45  LEU 45  45  45  LEU LEU A . n 
A 1 46  LEU 46  46  46  LEU LEU A . n 
A 1 47  GLU 47  47  47  GLU GLU A . n 
A 1 48  HIS 48  48  48  HIS HIS A . n 
A 1 49  GLY 49  49  49  GLY GLY A . n 
A 1 50  TYR 50  50  50  TYR TYR A . n 
A 1 51  ASP 51  51  51  ASP ASP A . n 
A 1 52  VAL 52  52  52  VAL VAL A . n 
A 1 53  TYR 53  53  53  TYR TYR A . n 
A 1 54  PRO 54  54  54  PRO PRO A . n 
A 1 55  VAL 55  55  55  VAL VAL A . n 
A 1 56  ASN 56  56  56  ASN ASN A . n 
A 1 57  PRO 57  57  57  PRO PRO A . n 
A 1 58  LYS 58  58  58  LYS LYS A . n 
A 1 59  TYR 59  59  59  TYR TYR A . n 
A 1 60  GLU 60  60  60  GLU GLU A . n 
A 1 61  GLU 61  61  61  GLU GLU A . n 
A 1 62  VAL 62  62  62  VAL VAL A . n 
A 1 63  LEU 63  63  63  LEU LEU A . n 
A 1 64  GLY 64  64  64  GLY GLY A . n 
A 1 65  ARG 65  65  65  ARG ARG A . n 
A 1 66  LYS 66  66  66  LYS LYS A . n 
A 1 67  CYS 67  67  67  CYS CYS A . n 
A 1 68  TYR 68  68  68  TYR TYR A . n 
A 1 69  PRO 69  69  69  PRO PRO A . n 
A 1 70  SER 70  70  70  SER SER A . n 
A 1 71  VAL 71  71  71  VAL VAL A . n 
A 1 72  LEU 72  72  72  LEU LEU A . n 
A 1 73  ASP 73  73  73  ASP ASP A . n 
A 1 74  ILE 74  74  74  ILE ILE A . n 
A 1 75  PRO 75  75  75  PRO PRO A . n 
A 1 76  ASP 76  76  76  ASP ASP A . n 
A 1 77  LYS 77  77  77  LYS LYS A . n 
A 1 78  ILE 78  78  78  ILE ILE A . n 
A 1 79  GLU 79  79  79  GLU GLU A . n 
A 1 80  VAL 80  80  80  VAL VAL A . n 
A 1 81  VAL 81  81  81  VAL VAL A . n 
A 1 82  ASP 82  82  82  ASP ASP A . n 
A 1 83  LEU 83  83  83  LEU LEU A . n 
A 1 84  PHE 84  84  84  PHE PHE A . n 
A 1 85  VAL 85  85  85  VAL VAL A . n 
A 1 86  LYS 86  86  86  LYS LYS A . n 
A 1 87  PRO 87  87  87  PRO PRO A . n 
A 1 88  LYS 88  88  88  LYS LYS A . n 
A 1 89  LEU 89  89  89  LEU LEU A . n 
A 1 90  THR 90  90  90  THR THR A . n 
A 1 91  MET 91  91  91  MET MET A . n 
A 1 92  GLU 92  92  92  GLU GLU A . n 
A 1 93  TYR 93  93  93  TYR TYR A . n 
A 1 94  VAL 94  94  94  VAL VAL A . n 
A 1 95  GLU 95  95  95  GLU GLU A . n 
A 1 96  GLN 96  96  96  GLN GLN A . n 
A 1 97  ALA 97  97  97  ALA ALA A . n 
A 1 98  ILE 98  98  98  ILE ILE A . n 
A 1 99  LYS 99  99  99  LYS LYS A . n 
A 1 100 LYS 100 100 100 LYS LYS A . n 
A 1 101 GLY 101 101 101 GLY GLY A . n 
A 1 102 ALA 102 102 102 ALA ALA A . n 
A 1 103 LYS 103 103 103 LYS LYS A . n 
A 1 104 VAL 104 104 104 VAL VAL A . n 
A 1 105 VAL 105 105 105 VAL VAL A . n 
A 1 106 TRP 106 106 106 TRP TRP A . n 
A 1 107 PHE 107 107 107 PHE PHE A . n 
A 1 108 GLN 108 108 108 GLN GLN A . n 
A 1 109 TYR 109 109 109 TYR TYR A . n 
A 1 110 ASN 110 110 110 ASN ASN A . n 
A 1 111 THR 111 111 111 THR THR A . n 
A 1 112 TYR 112 112 112 TYR TYR A . n 
A 1 113 ASN 113 113 113 ASN ASN A . n 
A 1 114 ARG 114 114 114 ARG ARG A . n 
A 1 115 GLU 115 115 115 GLU GLU A . n 
A 1 116 ALA 116 116 116 ALA ALA A . n 
A 1 117 SER 117 117 117 SER SER A . n 
A 1 118 LYS 118 118 118 LYS LYS A . n 
A 1 119 LYS 119 119 119 LYS LYS A . n 
A 1 120 ALA 120 120 120 ALA ALA A . n 
A 1 121 ASP 121 121 121 ASP ASP A . n 
A 1 122 GLU 122 122 122 GLU GLU A . n 
A 1 123 ALA 123 123 123 ALA ALA A . n 
A 1 124 GLY 124 124 124 GLY GLY A . n 
A 1 125 LEU 125 125 125 LEU LEU A . n 
A 1 126 ILE 126 126 126 ILE ILE A . n 
A 1 127 ILE 127 127 127 ILE ILE A . n 
A 1 128 VAL 128 128 128 VAL VAL A . n 
A 1 129 ALA 129 129 129 ALA ALA A . n 
A 1 130 ASN 130 130 130 ASN ASN A . n 
A 1 131 ARG 131 131 131 ARG ARG A . n 
A 1 132 CYS 132 132 132 CYS CYS A . n 
A 1 133 MET 133 133 133 MET MET A . n 
A 1 134 MET 134 134 134 MET MET A . n 
A 1 135 ARG 135 135 135 ARG ARG A . n 
A 1 136 GLU 136 136 136 GLU GLU A . n 
A 1 137 HIS 137 137 137 HIS HIS A . n 
A 1 138 GLU 138 138 138 GLU GLU A . n 
A 1 139 ARG 139 139 139 ARG ARG A . n 
A 1 140 LEU 140 140 140 LEU LEU A . n 
A 1 141 LEU 141 141 141 LEU LEU A . n 
A 1 142 GLY 142 142 142 GLY GLY A . n 
A 1 143 GLU 143 143 ?   ?   ?   A . n 
A 1 144 LYS 144 144 ?   ?   ?   A . n 
# 
loop_
_pdbx_nonpoly_scheme.asym_id 
_pdbx_nonpoly_scheme.entity_id 
_pdbx_nonpoly_scheme.mon_id 
_pdbx_nonpoly_scheme.ndb_seq_num 
_pdbx_nonpoly_scheme.pdb_seq_num 
_pdbx_nonpoly_scheme.auth_seq_num 
_pdbx_nonpoly_scheme.pdb_mon_id 
_pdbx_nonpoly_scheme.auth_mon_id 
_pdbx_nonpoly_scheme.pdb_strand_id 
_pdbx_nonpoly_scheme.pdb_ins_code 
B 2 COA 1   200  200  COA COA A . 
C 3 HOH 1   1001 1001 HOH TIP A . 
C 3 HOH 2   1002 1002 HOH TIP A . 
C 3 HOH 3   1003 1003 HOH TIP A . 
C 3 HOH 4   1004 1004 HOH TIP A . 
C 3 HOH 5   1005 1005 HOH TIP A . 
C 3 HOH 6   1006 1006 HOH TIP A . 
C 3 HOH 7   1007 1007 HOH TIP A . 
C 3 HOH 8   1008 1008 HOH TIP A . 
C 3 HOH 9   1009 1009 HOH TIP A . 
C 3 HOH 10  1010 1010 HOH TIP A . 
C 3 HOH 11  1011 1011 HOH TIP A . 
C 3 HOH 12  1012 1012 HOH TIP A . 
C 3 HOH 13  1013 1013 HOH TIP A . 
C 3 HOH 14  1014 1014 HOH TIP A . 
C 3 HOH 15  1015 1015 HOH TIP A . 
C 3 HOH 16  1016 1016 HOH TIP A . 
C 3 HOH 17  1017 1017 HOH TIP A . 
C 3 HOH 18  1018 1018 HOH TIP A . 
C 3 HOH 19  1019 1019 HOH TIP A . 
C 3 HOH 20  1020 1020 HOH TIP A . 
C 3 HOH 21  1021 1021 HOH TIP A . 
C 3 HOH 22  1022 1022 HOH TIP A . 
C 3 HOH 23  1023 1023 HOH TIP A . 
C 3 HOH 24  1024 1024 HOH TIP A . 
C 3 HOH 25  1025 1025 HOH TIP A . 
C 3 HOH 26  1026 1026 HOH TIP A . 
C 3 HOH 27  1027 1027 HOH TIP A . 
C 3 HOH 28  1028 1028 HOH TIP A . 
C 3 HOH 29  1029 1029 HOH TIP A . 
C 3 HOH 30  1030 1030 HOH TIP A . 
C 3 HOH 31  1031 1031 HOH TIP A . 
C 3 HOH 32  1032 1032 HOH TIP A . 
C 3 HOH 33  1033 1033 HOH TIP A . 
C 3 HOH 34  1034 1034 HOH TIP A . 
C 3 HOH 35  1035 1035 HOH TIP A . 
C 3 HOH 36  1036 1036 HOH TIP A . 
C 3 HOH 37  1037 1037 HOH TIP A . 
C 3 HOH 38  1038 1038 HOH TIP A . 
C 3 HOH 39  1039 1039 HOH TIP A . 
C 3 HOH 40  1040 1040 HOH TIP A . 
C 3 HOH 41  1041 1041 HOH TIP A . 
C 3 HOH 42  1042 1042 HOH TIP A . 
C 3 HOH 43  1043 1043 HOH TIP A . 
C 3 HOH 44  1044 1044 HOH TIP A . 
C 3 HOH 45  1045 1045 HOH TIP A . 
C 3 HOH 46  1046 1046 HOH TIP A . 
C 3 HOH 47  1048 1048 HOH TIP A . 
C 3 HOH 48  1049 1049 HOH TIP A . 
C 3 HOH 49  1050 1050 HOH TIP A . 
C 3 HOH 50  1051 1051 HOH TIP A . 
C 3 HOH 51  1052 1052 HOH TIP A . 
C 3 HOH 52  1053 1053 HOH TIP A . 
C 3 HOH 53  1054 1054 HOH TIP A . 
C 3 HOH 54  1055 1055 HOH TIP A . 
C 3 HOH 55  1056 1056 HOH TIP A . 
C 3 HOH 56  1057 1057 HOH TIP A . 
C 3 HOH 57  1059 1059 HOH TIP A . 
C 3 HOH 58  1060 1060 HOH TIP A . 
C 3 HOH 59  1061 1061 HOH TIP A . 
C 3 HOH 60  1062 1062 HOH TIP A . 
C 3 HOH 61  1063 1063 HOH TIP A . 
C 3 HOH 62  1064 1064 HOH TIP A . 
C 3 HOH 63  1065 1065 HOH TIP A . 
C 3 HOH 64  1066 1066 HOH TIP A . 
C 3 HOH 65  1067 1067 HOH TIP A . 
C 3 HOH 66  1068 1068 HOH TIP A . 
C 3 HOH 67  1069 1069 HOH TIP A . 
C 3 HOH 68  1070 1070 HOH TIP A . 
C 3 HOH 69  1071 1071 HOH TIP A . 
C 3 HOH 70  1072 1072 HOH TIP A . 
C 3 HOH 71  1073 1073 HOH TIP A . 
C 3 HOH 72  1074 1074 HOH TIP A . 
C 3 HOH 73  1075 1075 HOH TIP A . 
C 3 HOH 74  1076 1076 HOH TIP A . 
C 3 HOH 75  1077 1077 HOH TIP A . 
C 3 HOH 76  1078 1078 HOH TIP A . 
C 3 HOH 77  1079 1079 HOH TIP A . 
C 3 HOH 78  1080 1080 HOH TIP A . 
C 3 HOH 79  1081 1081 HOH TIP A . 
C 3 HOH 80  1082 1082 HOH TIP A . 
C 3 HOH 81  1083 1083 HOH TIP A . 
C 3 HOH 82  1084 1084 HOH TIP A . 
C 3 HOH 83  1085 1085 HOH TIP A . 
C 3 HOH 84  1086 1086 HOH TIP A . 
C 3 HOH 85  1087 1087 HOH TIP A . 
C 3 HOH 86  1088 1088 HOH TIP A . 
C 3 HOH 87  1089 1089 HOH TIP A . 
C 3 HOH 88  1090 1090 HOH TIP A . 
C 3 HOH 89  1091 1091 HOH TIP A . 
C 3 HOH 90  1092 1092 HOH TIP A . 
C 3 HOH 91  1093 1093 HOH TIP A . 
C 3 HOH 92  1094 1094 HOH TIP A . 
C 3 HOH 93  1095 1095 HOH TIP A . 
C 3 HOH 94  1096 1096 HOH TIP A . 
C 3 HOH 95  1097 1097 HOH TIP A . 
C 3 HOH 96  1098 1098 HOH TIP A . 
C 3 HOH 97  1099 1099 HOH TIP A . 
C 3 HOH 98  1100 1100 HOH TIP A . 
C 3 HOH 99  1101 1101 HOH TIP A . 
C 3 HOH 100 1102 1102 HOH TIP A . 
C 3 HOH 101 1103 1103 HOH TIP A . 
C 3 HOH 102 1104 1104 HOH TIP A . 
C 3 HOH 103 1105 1105 HOH TIP A . 
C 3 HOH 104 1106 1106 HOH TIP A . 
C 3 HOH 105 1107 1107 HOH TIP A . 
C 3 HOH 106 1108 1108 HOH TIP A . 
C 3 HOH 107 1109 1109 HOH TIP A . 
C 3 HOH 108 1110 1110 HOH TIP A . 
C 3 HOH 109 1111 1111 HOH TIP A . 
C 3 HOH 110 1112 1112 HOH TIP A . 
C 3 HOH 111 1113 1113 HOH TIP A . 
C 3 HOH 112 1114 1114 HOH TIP A . 
C 3 HOH 113 1115 1115 HOH TIP A . 
C 3 HOH 114 1116 1116 HOH TIP A . 
C 3 HOH 115 1117 1117 HOH TIP A . 
C 3 HOH 116 1118 1118 HOH TIP A . 
C 3 HOH 117 1119 1119 HOH TIP A . 
C 3 HOH 118 1120 1120 HOH TIP A . 
C 3 HOH 119 1121 1121 HOH TIP A . 
# 
loop_
_software.name 
_software.classification 
_software.version 
_software.citation_id 
_software.pdbx_ordinal 
CNS       refinement       1.1 ? 1 
HKL-2000  'data reduction' .   ? 2 
SCALEPACK 'data scaling'   .   ? 3 
MOLREP    phasing          .   ? 4 
# 
_cell.entry_id           2D5A 
_cell.length_a           70.118 
_cell.length_b           70.118 
_cell.length_c           141.712 
_cell.angle_alpha        90.00 
_cell.angle_beta         90.00 
_cell.angle_gamma        120.00 
_cell.Z_PDB              12 
_cell.pdbx_unique_axis   ? 
_cell.length_a_esd       ? 
_cell.length_b_esd       ? 
_cell.length_c_esd       ? 
_cell.angle_alpha_esd    ? 
_cell.angle_beta_esd     ? 
_cell.angle_gamma_esd    ? 
# 
_symmetry.entry_id                         2D5A 
_symmetry.space_group_name_H-M             'P 65 2 2' 
_symmetry.pdbx_full_space_group_name_H-M   ? 
_symmetry.cell_setting                     ? 
_symmetry.Int_Tables_number                179 
_symmetry.space_group_name_Hall            ? 
# 
_exptl.entry_id          2D5A 
_exptl.method            'X-RAY DIFFRACTION' 
_exptl.crystals_number   1 
# 
_exptl_crystal.id                    1 
_exptl_crystal.density_meas          ? 
_exptl_crystal.density_Matthews      3.09 
_exptl_crystal.density_percent_sol   60.16 
_exptl_crystal.description           ? 
_exptl_crystal.F_000                 ? 
_exptl_crystal.preparation           ? 
# 
_exptl_crystal_grow.crystal_id      1 
_exptl_crystal_grow.method          'VAPOR DIFFUSION, SITTING DROP' 
_exptl_crystal_grow.temp            293 
_exptl_crystal_grow.temp_details    ? 
_exptl_crystal_grow.pH              7.5 
_exptl_crystal_grow.pdbx_details    
'30% PEG 4000, 0.1M Tris-HCl, 0.2M Sodium Fluoride, pH 7.5, VAPOR DIFFUSION, SITTING DROP, temperature 293K' 
_exptl_crystal_grow.pdbx_pH_range   . 
# 
_diffrn.id                     1 
_diffrn.ambient_temp           100 
_diffrn.ambient_temp_details   ? 
_diffrn.crystal_id             1 
# 
_diffrn_detector.diffrn_id              1 
_diffrn_detector.detector               CCD 
_diffrn_detector.type                   'ADSC QUANTUM 315' 
_diffrn_detector.pdbx_collection_date   2005-07-25 
_diffrn_detector.details                ? 
# 
_diffrn_radiation.diffrn_id                        1 
_diffrn_radiation.wavelength_id                    1 
_diffrn_radiation.pdbx_monochromatic_or_laue_m_l   M 
_diffrn_radiation.monochromator                    silicon 
_diffrn_radiation.pdbx_diffrn_protocol             'SINGLE WAVELENGTH' 
_diffrn_radiation.pdbx_scattering_type             x-ray 
# 
_diffrn_radiation_wavelength.id           1 
_diffrn_radiation_wavelength.wavelength   1.0 
_diffrn_radiation_wavelength.wt           1.0 
# 
_diffrn_source.diffrn_id                   1 
_diffrn_source.source                      SYNCHROTRON 
_diffrn_source.type                        'SPRING-8 BEAMLINE BL41XU' 
_diffrn_source.pdbx_synchrotron_site       SPring-8 
_diffrn_source.pdbx_synchrotron_beamline   BL41XU 
_diffrn_source.pdbx_wavelength             ? 
_diffrn_source.pdbx_wavelength_list        1.0 
# 
_reflns.entry_id                     2D5A 
_reflns.observed_criterion_sigma_I   -3 
_reflns.observed_criterion_sigma_F   ? 
_reflns.d_resolution_low             50.0 
_reflns.d_resolution_high            1.7 
_reflns.number_obs                   23416 
_reflns.number_all                   ? 
_reflns.percent_possible_obs         98.8 
_reflns.pdbx_Rmerge_I_obs            0.038 
_reflns.pdbx_Rsym_value              0.038 
_reflns.pdbx_netI_over_sigmaI        31.919 
_reflns.B_iso_Wilson_estimate        18.0 
_reflns.pdbx_redundancy              17.2 
_reflns.R_free_details               ? 
_reflns.limit_h_max                  ? 
_reflns.limit_h_min                  ? 
_reflns.limit_k_max                  ? 
_reflns.limit_k_min                  ? 
_reflns.limit_l_max                  ? 
_reflns.limit_l_min                  ? 
_reflns.observed_criterion_F_max     ? 
_reflns.observed_criterion_F_min     ? 
_reflns.pdbx_chi_squared             ? 
_reflns.pdbx_scaling_rejects         ? 
_reflns.pdbx_ordinal                 1 
_reflns.pdbx_diffrn_id               1 
# 
_reflns_shell.d_res_high             1.7 
_reflns_shell.d_res_low              1.76 
_reflns_shell.percent_possible_all   88.1 
_reflns_shell.Rmerge_I_obs           0.639 
_reflns_shell.pdbx_Rsym_value        0.639 
_reflns_shell.meanI_over_sigI_obs    2.5 
_reflns_shell.pdbx_redundancy        6.3 
_reflns_shell.percent_possible_obs   ? 
_reflns_shell.number_unique_all      2041 
_reflns_shell.number_measured_all    ? 
_reflns_shell.number_measured_obs    ? 
_reflns_shell.number_unique_obs      ? 
_reflns_shell.pdbx_chi_squared       ? 
_reflns_shell.pdbx_ordinal           1 
_reflns_shell.pdbx_diffrn_id         1 
# 
_refine.entry_id                                 2D5A 
_refine.ls_number_reflns_obs                     22505 
_refine.ls_number_reflns_all                     ? 
_refine.pdbx_ls_sigma_I                          ? 
_refine.pdbx_ls_sigma_F                          0.0 
_refine.pdbx_data_cutoff_high_absF               255040.99 
_refine.pdbx_data_cutoff_low_absF                0.000000 
_refine.pdbx_data_cutoff_high_rms_absF           ? 
_refine.ls_d_res_low                             37.48 
_refine.ls_d_res_high                            1.70 
_refine.ls_percent_reflns_obs                    93.5 
_refine.ls_R_factor_obs                          ? 
_refine.ls_R_factor_all                          ? 
_refine.ls_R_factor_R_work                       0.225 
_refine.ls_R_factor_R_free                       ? 
_refine.ls_R_factor_R_free_error                 0.014 
_refine.ls_R_factor_R_free_error_details         ? 
_refine.ls_percent_reflns_R_free                 4.8 
_refine.ls_number_reflns_R_free                  1088 
_refine.ls_number_parameters                     ? 
_refine.ls_number_restraints                     ? 
_refine.occupancy_min                            ? 
_refine.occupancy_max                            ? 
_refine.correlation_coeff_Fo_to_Fc               ? 
_refine.correlation_coeff_Fo_to_Fc_free          ? 
_refine.B_iso_mean                               28.8 
_refine.aniso_B[1][1]                            5.42 
_refine.aniso_B[2][2]                            5.42 
_refine.aniso_B[3][3]                            -10.85 
_refine.aniso_B[1][2]                            0.22 
_refine.aniso_B[1][3]                            0.00 
_refine.aniso_B[2][3]                            0.00 
_refine.solvent_model_details                    'FLAT MODEL' 
_refine.solvent_model_param_ksol                 0.381238 
_refine.solvent_model_param_bsol                 63.1413 
_refine.pdbx_solvent_vdw_probe_radii             ? 
_refine.pdbx_solvent_ion_probe_radii             ? 
_refine.pdbx_solvent_shrinkage_radii             ? 
_refine.pdbx_ls_cross_valid_method               THROUGHOUT 
_refine.details                                  ? 
_refine.pdbx_starting_model                      ? 
_refine.pdbx_method_to_determine_struct          'MOLECULAR REPLACEMENT' 
_refine.pdbx_isotropic_thermal_model             RESTRAINED 
_refine.pdbx_stereochemistry_target_values       'Engh & Huber' 
_refine.pdbx_stereochem_target_val_spec_case     ? 
_refine.pdbx_R_Free_selection_details            RANDOM 
_refine.pdbx_overall_ESU_R_Free                  ? 
_refine.overall_SU_ML                            ? 
_refine.overall_SU_B                             ? 
_refine.ls_redundancy_reflns_obs                 ? 
_refine.B_iso_min                                ? 
_refine.B_iso_max                                ? 
_refine.overall_SU_R_Cruickshank_DPI             ? 
_refine.overall_SU_R_free                        ? 
_refine.ls_wR_factor_R_free                      ? 
_refine.ls_wR_factor_R_work                      ? 
_refine.overall_FOM_free_R_set                   ? 
_refine.overall_FOM_work_R_set                   ? 
_refine.pdbx_refine_id                           'X-RAY DIFFRACTION' 
_refine.pdbx_overall_phase_error                 ? 
_refine.pdbx_overall_ESU_R                       ? 
_refine.pdbx_diffrn_id                           1 
_refine.pdbx_TLS_residual_ADP_flag               ? 
_refine.pdbx_overall_SU_R_free_Cruickshank_DPI   ? 
_refine.pdbx_overall_SU_R_Blow_DPI               ? 
_refine.pdbx_overall_SU_R_free_Blow_DPI          ? 
# 
_refine_analyze.entry_id                        2D5A 
_refine_analyze.Luzzati_coordinate_error_obs    0.64 
_refine_analyze.Luzzati_sigma_a_obs             0.68 
_refine_analyze.Luzzati_d_res_low_obs           5.00 
_refine_analyze.Luzzati_coordinate_error_free   0.56 
_refine_analyze.Luzzati_sigma_a_free            0.81 
_refine_analyze.Luzzati_d_res_low_free          ? 
_refine_analyze.number_disordered_residues      ? 
_refine_analyze.occupancy_sum_hydrogen          ? 
_refine_analyze.occupancy_sum_non_hydrogen      ? 
_refine_analyze.pdbx_Luzzati_d_res_high_obs     ? 
_refine_analyze.pdbx_refine_id                  'X-RAY DIFFRACTION' 
# 
_refine_hist.pdbx_refine_id                   'X-RAY DIFFRACTION' 
_refine_hist.cycle_id                         LAST 
_refine_hist.pdbx_number_atoms_protein        1155 
_refine_hist.pdbx_number_atoms_nucleic_acid   0 
_refine_hist.pdbx_number_atoms_ligand         48 
_refine_hist.number_atoms_solvent             119 
_refine_hist.number_atoms_total               1322 
_refine_hist.d_res_high                       1.70 
_refine_hist.d_res_low                        37.48 
# 
loop_
_refine_ls_restr.type 
_refine_ls_restr.dev_ideal 
_refine_ls_restr.dev_ideal_target 
_refine_ls_restr.weight 
_refine_ls_restr.number 
_refine_ls_restr.pdbx_refine_id 
_refine_ls_restr.pdbx_restraint_function 
c_bond_d                0.035 ?    ? ? 'X-RAY DIFFRACTION' ? 
c_bond_d_na             ?     ?    ? ? 'X-RAY DIFFRACTION' ? 
c_bond_d_prot           ?     ?    ? ? 'X-RAY DIFFRACTION' ? 
c_angle_d               ?     ?    ? ? 'X-RAY DIFFRACTION' ? 
c_angle_d_na            ?     ?    ? ? 'X-RAY DIFFRACTION' ? 
c_angle_d_prot          ?     ?    ? ? 'X-RAY DIFFRACTION' ? 
c_angle_deg             2.6   ?    ? ? 'X-RAY DIFFRACTION' ? 
c_angle_deg_na          ?     ?    ? ? 'X-RAY DIFFRACTION' ? 
c_angle_deg_prot        ?     ?    ? ? 'X-RAY DIFFRACTION' ? 
c_dihedral_angle_d      24.4  ?    ? ? 'X-RAY DIFFRACTION' ? 
c_dihedral_angle_d_na   ?     ?    ? ? 'X-RAY DIFFRACTION' ? 
c_dihedral_angle_d_prot ?     ?    ? ? 'X-RAY DIFFRACTION' ? 
c_improper_angle_d      3.22  ?    ? ? 'X-RAY DIFFRACTION' ? 
c_improper_angle_d_na   ?     ?    ? ? 'X-RAY DIFFRACTION' ? 
c_improper_angle_d_prot ?     ?    ? ? 'X-RAY DIFFRACTION' ? 
c_mcbond_it             2.71  1.50 ? ? 'X-RAY DIFFRACTION' ? 
c_mcangle_it            3.60  2.00 ? ? 'X-RAY DIFFRACTION' ? 
c_scbond_it             4.00  2.00 ? ? 'X-RAY DIFFRACTION' ? 
c_scangle_it            5.66  2.50 ? ? 'X-RAY DIFFRACTION' ? 
# 
_refine_ls_shell.pdbx_total_number_of_bins_used   6 
_refine_ls_shell.d_res_high                       1.70 
_refine_ls_shell.d_res_low                        1.81 
_refine_ls_shell.number_reflns_R_work             2701 
_refine_ls_shell.R_factor_R_work                  0.513 
_refine_ls_shell.percent_reflns_obs               72.9 
_refine_ls_shell.R_factor_R_free                  0.532 
_refine_ls_shell.R_factor_R_free_error            0.044 
_refine_ls_shell.percent_reflns_R_free            5.1 
_refine_ls_shell.number_reflns_R_free             146 
_refine_ls_shell.number_reflns_all                ? 
_refine_ls_shell.R_factor_all                     ? 
_refine_ls_shell.number_reflns_obs                ? 
_refine_ls_shell.redundancy_reflns_obs            ? 
_refine_ls_shell.pdbx_refine_id                   'X-RAY DIFFRACTION' 
# 
loop_
_pdbx_xplor_file.serial_no 
_pdbx_xplor_file.param_file 
_pdbx_xplor_file.topol_file 
_pdbx_xplor_file.pdbx_refine_id 
1 protein_rep.param protein.top 'X-RAY DIFFRACTION' 
2 coa2end.param     coa2end.top 'X-RAY DIFFRACTION' 
3 water_rep.param   water.top   'X-RAY DIFFRACTION' 
# 
_struct.entry_id                  2D5A 
_struct.title                     'hypothetical protein from Pyrococcus horikoshii OT3' 
_struct.pdbx_model_details        ? 
_struct.pdbx_CASP_flag            ? 
_struct.pdbx_model_type_details   ? 
# 
_struct_keywords.entry_id        2D5A 
_struct_keywords.pdbx_keywords   'STRUCTURAL GENOMICS, UNKNOWN FUNCTION' 
_struct_keywords.text            
;coa binding, hypothetical protein, Structural Genomics, NPPSFA, National Project on Protein Structural and Functional Analyses, RIKEN Structural Genomics/Proteomics Initiative, RSGI, UNKNOWN FUNCTION
;
# 
loop_
_struct_asym.id 
_struct_asym.pdbx_blank_PDB_chainid_flag 
_struct_asym.pdbx_modified 
_struct_asym.entity_id 
_struct_asym.details 
A N N 1 ? 
B N N 2 ? 
C N N 3 ? 
# 
_struct_ref.id                         1 
_struct_ref.db_name                    UNP 
_struct_ref.db_code                    O58836_PYRHO 
_struct_ref.pdbx_db_accession          O58836 
_struct_ref.entity_id                  1 
_struct_ref.pdbx_align_begin           1 
_struct_ref.pdbx_seq_one_letter_code   ? 
_struct_ref.pdbx_db_isoform            ? 
# 
_struct_ref_seq.align_id                      1 
_struct_ref_seq.ref_id                        1 
_struct_ref_seq.pdbx_PDB_id_code              2D5A 
_struct_ref_seq.pdbx_strand_id                A 
_struct_ref_seq.seq_align_beg                 1 
_struct_ref_seq.pdbx_seq_align_beg_ins_code   ? 
_struct_ref_seq.seq_align_end                 144 
_struct_ref_seq.pdbx_seq_align_end_ins_code   ? 
_struct_ref_seq.pdbx_db_accession             O58836 
_struct_ref_seq.db_align_beg                  1 
_struct_ref_seq.pdbx_db_align_beg_ins_code    ? 
_struct_ref_seq.db_align_end                  144 
_struct_ref_seq.pdbx_db_align_end_ins_code    ? 
_struct_ref_seq.pdbx_auth_seq_align_beg       1 
_struct_ref_seq.pdbx_auth_seq_align_end       144 
# 
_pdbx_struct_assembly.id                   1 
_pdbx_struct_assembly.details              author_and_software_defined_assembly 
_pdbx_struct_assembly.method_details       PISA 
_pdbx_struct_assembly.oligomeric_details   monomeric 
_pdbx_struct_assembly.oligomeric_count     1 
# 
_pdbx_struct_assembly_gen.assembly_id       1 
_pdbx_struct_assembly_gen.oper_expression   1 
_pdbx_struct_assembly_gen.asym_id_list      A,B,C 
# 
_pdbx_struct_oper_list.id                   1 
_pdbx_struct_oper_list.type                 'identity operation' 
_pdbx_struct_oper_list.name                 1_555 
_pdbx_struct_oper_list.symmetry_operation   x,y,z 
_pdbx_struct_oper_list.matrix[1][1]         1.0000000000 
_pdbx_struct_oper_list.matrix[1][2]         0.0000000000 
_pdbx_struct_oper_list.matrix[1][3]         0.0000000000 
_pdbx_struct_oper_list.vector[1]            0.0000000000 
_pdbx_struct_oper_list.matrix[2][1]         0.0000000000 
_pdbx_struct_oper_list.matrix[2][2]         1.0000000000 
_pdbx_struct_oper_list.matrix[2][3]         0.0000000000 
_pdbx_struct_oper_list.vector[2]            0.0000000000 
_pdbx_struct_oper_list.matrix[3][1]         0.0000000000 
_pdbx_struct_oper_list.matrix[3][2]         0.0000000000 
_pdbx_struct_oper_list.matrix[3][3]         1.0000000000 
_pdbx_struct_oper_list.vector[3]            0.0000000000 
# 
_struct_biol.id        1 
_struct_biol.details   ? 
# 
loop_
_struct_conf.conf_type_id 
_struct_conf.id 
_struct_conf.pdbx_PDB_helix_id 
_struct_conf.beg_label_comp_id 
_struct_conf.beg_label_asym_id 
_struct_conf.beg_label_seq_id 
_struct_conf.pdbx_beg_PDB_ins_code 
_struct_conf.end_label_comp_id 
_struct_conf.end_label_asym_id 
_struct_conf.end_label_seq_id 
_struct_conf.pdbx_end_PDB_ins_code 
_struct_conf.beg_auth_comp_id 
_struct_conf.beg_auth_asym_id 
_struct_conf.beg_auth_seq_id 
_struct_conf.end_auth_comp_id 
_struct_conf.end_auth_asym_id 
_struct_conf.end_auth_seq_id 
_struct_conf.pdbx_PDB_helix_class 
_struct_conf.details 
_struct_conf.pdbx_PDB_helix_length 
HELX_P HELX_P1 1 THR A 11  ? TYR A 22  ? THR A 11  TYR A 22  1 ? 12 
HELX_P HELX_P2 2 ARG A 36  ? HIS A 48  ? ARG A 36  HIS A 48  1 ? 13 
HELX_P HELX_P3 3 SER A 70  ? ILE A 74  ? SER A 70  ILE A 74  5 ? 5  
HELX_P HELX_P4 4 LYS A 86  ? LYS A 88  ? LYS A 86  LYS A 88  5 ? 3  
HELX_P HELX_P5 5 LEU A 89  ? GLY A 101 ? LEU A 89  GLY A 101 1 ? 13 
HELX_P HELX_P6 6 ASN A 113 ? ALA A 123 ? ASN A 113 ALA A 123 1 ? 11 
HELX_P HELX_P7 7 CYS A 132 ? GLY A 142 ? CYS A 132 GLY A 142 1 ? 11 
# 
_struct_conf_type.id          HELX_P 
_struct_conf_type.criteria    ? 
_struct_conf_type.reference   ? 
# 
loop_
_struct_sheet.id 
_struct_sheet.type 
_struct_sheet.number_strands 
_struct_sheet.details 
A ? 5 ? 
B ? 2 ? 
# 
loop_
_struct_sheet_order.sheet_id 
_struct_sheet_order.range_id_1 
_struct_sheet_order.range_id_2 
_struct_sheet_order.offset 
_struct_sheet_order.sense 
A 1 2 ? parallel      
A 2 3 ? parallel      
A 3 4 ? parallel      
A 4 5 ? parallel      
B 1 2 ? anti-parallel 
# 
loop_
_struct_sheet_range.sheet_id 
_struct_sheet_range.id 
_struct_sheet_range.beg_label_comp_id 
_struct_sheet_range.beg_label_asym_id 
_struct_sheet_range.beg_label_seq_id 
_struct_sheet_range.pdbx_beg_PDB_ins_code 
_struct_sheet_range.end_label_comp_id 
_struct_sheet_range.end_label_asym_id 
_struct_sheet_range.end_label_seq_id 
_struct_sheet_range.pdbx_end_PDB_ins_code 
_struct_sheet_range.beg_auth_comp_id 
_struct_sheet_range.beg_auth_asym_id 
_struct_sheet_range.beg_auth_seq_id 
_struct_sheet_range.end_auth_comp_id 
_struct_sheet_range.end_auth_asym_id 
_struct_sheet_range.end_auth_seq_id 
A 1 ASP A 51  ? VAL A 55  ? ASP A 51  VAL A 55  
A 2 LYS A 24  ? VAL A 28  ? LYS A 24  VAL A 28  
A 3 VAL A 80  ? LEU A 83  ? VAL A 80  LEU A 83  
A 4 VAL A 104 ? PHE A 107 ? VAL A 104 PHE A 107 
A 5 ILE A 126 ? ALA A 129 ? ILE A 126 ALA A 129 
B 1 GLU A 61  ? VAL A 62  ? GLU A 61  VAL A 62  
B 2 ARG A 65  ? LYS A 66  ? ARG A 65  LYS A 66  
# 
loop_
_pdbx_struct_sheet_hbond.sheet_id 
_pdbx_struct_sheet_hbond.range_id_1 
_pdbx_struct_sheet_hbond.range_id_2 
_pdbx_struct_sheet_hbond.range_1_label_atom_id 
_pdbx_struct_sheet_hbond.range_1_label_comp_id 
_pdbx_struct_sheet_hbond.range_1_label_asym_id 
_pdbx_struct_sheet_hbond.range_1_label_seq_id 
_pdbx_struct_sheet_hbond.range_1_PDB_ins_code 
_pdbx_struct_sheet_hbond.range_1_auth_atom_id 
_pdbx_struct_sheet_hbond.range_1_auth_comp_id 
_pdbx_struct_sheet_hbond.range_1_auth_asym_id 
_pdbx_struct_sheet_hbond.range_1_auth_seq_id 
_pdbx_struct_sheet_hbond.range_2_label_atom_id 
_pdbx_struct_sheet_hbond.range_2_label_comp_id 
_pdbx_struct_sheet_hbond.range_2_label_asym_id 
_pdbx_struct_sheet_hbond.range_2_label_seq_id 
_pdbx_struct_sheet_hbond.range_2_PDB_ins_code 
_pdbx_struct_sheet_hbond.range_2_auth_atom_id 
_pdbx_struct_sheet_hbond.range_2_auth_comp_id 
_pdbx_struct_sheet_hbond.range_2_auth_asym_id 
_pdbx_struct_sheet_hbond.range_2_auth_seq_id 
A 1 2 O TYR A 53  ? O TYR A 53  N ILE A 25  ? N ILE A 25  
A 2 3 N ALA A 26  ? N ALA A 26  O VAL A 80  ? O VAL A 80  
A 3 4 N VAL A 81  ? N VAL A 81  O TRP A 106 ? O TRP A 106 
A 4 5 N PHE A 107 ? N PHE A 107 O VAL A 128 ? O VAL A 128 
B 1 2 N VAL A 62  ? N VAL A 62  O ARG A 65  ? O ARG A 65  
# 
_struct_site.id                   AC1 
_struct_site.pdbx_evidence_code   Software 
_struct_site.pdbx_auth_asym_id    A 
_struct_site.pdbx_auth_comp_id    COA 
_struct_site.pdbx_auth_seq_id     200 
_struct_site.pdbx_auth_ins_code   ? 
_struct_site.pdbx_num_residues    26 
_struct_site.details              'BINDING SITE FOR RESIDUE COA A 200' 
# 
loop_
_struct_site_gen.id 
_struct_site_gen.site_id 
_struct_site_gen.pdbx_num_res 
_struct_site_gen.label_comp_id 
_struct_site_gen.label_asym_id 
_struct_site_gen.label_seq_id 
_struct_site_gen.pdbx_auth_ins_code 
_struct_site_gen.auth_comp_id 
_struct_site_gen.auth_asym_id 
_struct_site_gen.auth_seq_id 
_struct_site_gen.label_atom_id 
_struct_site_gen.label_alt_id 
_struct_site_gen.symmetry 
_struct_site_gen.details 
1  AC1 26 GLU A 2   ? GLU A 2    . ? 11_655 ? 
2  AC1 26 GLY A 29  ? GLY A 29   . ? 1_555  ? 
3  AC1 26 SER A 31  ? SER A 31   . ? 1_555  ? 
4  AC1 26 LYS A 33  ? LYS A 33   . ? 1_555  ? 
5  AC1 26 ARG A 36  ? ARG A 36   . ? 1_555  ? 
6  AC1 26 ASP A 37  ? ASP A 37   . ? 1_555  ? 
7  AC1 26 ASN A 56  ? ASN A 56   . ? 1_555  ? 
8  AC1 26 PRO A 57  ? PRO A 57   . ? 1_555  ? 
9  AC1 26 LYS A 58  ? LYS A 58   . ? 1_555  ? 
10 AC1 26 TYR A 59  ? TYR A 59   . ? 1_555  ? 
11 AC1 26 PHE A 84  ? PHE A 84   . ? 1_555  ? 
12 AC1 26 VAL A 85  ? VAL A 85   . ? 1_555  ? 
13 AC1 26 LYS A 86  ? LYS A 86   . ? 1_555  ? 
14 AC1 26 LEU A 89  ? LEU A 89   . ? 1_555  ? 
15 AC1 26 TYR A 93  ? TYR A 93   . ? 1_555  ? 
16 AC1 26 GLN A 108 ? GLN A 108  . ? 1_555  ? 
17 AC1 26 TYR A 109 ? TYR A 109  . ? 1_555  ? 
18 AC1 26 CYS A 132 ? CYS A 132  . ? 1_555  ? 
19 AC1 26 MET A 134 ? MET A 134  . ? 1_555  ? 
20 AC1 26 ARG A 135 ? ARG A 135  . ? 1_555  ? 
21 AC1 26 HOH C .   ? HOH A 1013 . ? 1_555  ? 
22 AC1 26 HOH C .   ? HOH A 1018 . ? 1_555  ? 
23 AC1 26 HOH C .   ? HOH A 1021 . ? 1_555  ? 
24 AC1 26 HOH C .   ? HOH A 1023 . ? 1_555  ? 
25 AC1 26 HOH C .   ? HOH A 1083 . ? 1_555  ? 
26 AC1 26 HOH C .   ? HOH A 1119 . ? 1_555  ? 
# 
loop_
_pdbx_validate_close_contact.id 
_pdbx_validate_close_contact.PDB_model_num 
_pdbx_validate_close_contact.auth_atom_id_1 
_pdbx_validate_close_contact.auth_asym_id_1 
_pdbx_validate_close_contact.auth_comp_id_1 
_pdbx_validate_close_contact.auth_seq_id_1 
_pdbx_validate_close_contact.PDB_ins_code_1 
_pdbx_validate_close_contact.label_alt_id_1 
_pdbx_validate_close_contact.auth_atom_id_2 
_pdbx_validate_close_contact.auth_asym_id_2 
_pdbx_validate_close_contact.auth_comp_id_2 
_pdbx_validate_close_contact.auth_seq_id_2 
_pdbx_validate_close_contact.PDB_ins_code_2 
_pdbx_validate_close_contact.label_alt_id_2 
_pdbx_validate_close_contact.dist 
1  1 O   A HOH 1028 ? ? O A HOH 1034 ? ? 1.53 
2  1 O   A HOH 1055 ? ? O A HOH 1098 ? ? 1.57 
3  1 O   A HOH 1062 ? ? O A HOH 1117 ? ? 1.73 
4  1 CD  A LYS 88   ? ? O A HOH 1106 ? ? 1.74 
5  1 O   A HOH 1066 ? ? O A HOH 1075 ? ? 1.79 
6  1 O   A HOH 1040 ? ? O A HOH 1057 ? ? 1.82 
7  1 O   A PRO 6    ? ? O A HOH 1108 ? ? 1.95 
8  1 OE2 A GLU 17   ? ? O A HOH 1101 ? ? 2.00 
9  1 O   A HOH 1061 ? ? O A HOH 1116 ? ? 2.07 
10 1 O   A HOH 1041 ? ? O A HOH 1073 ? ? 2.18 
# 
loop_
_pdbx_validate_symm_contact.id 
_pdbx_validate_symm_contact.PDB_model_num 
_pdbx_validate_symm_contact.auth_atom_id_1 
_pdbx_validate_symm_contact.auth_asym_id_1 
_pdbx_validate_symm_contact.auth_comp_id_1 
_pdbx_validate_symm_contact.auth_seq_id_1 
_pdbx_validate_symm_contact.PDB_ins_code_1 
_pdbx_validate_symm_contact.label_alt_id_1 
_pdbx_validate_symm_contact.site_symmetry_1 
_pdbx_validate_symm_contact.auth_atom_id_2 
_pdbx_validate_symm_contact.auth_asym_id_2 
_pdbx_validate_symm_contact.auth_comp_id_2 
_pdbx_validate_symm_contact.auth_seq_id_2 
_pdbx_validate_symm_contact.PDB_ins_code_2 
_pdbx_validate_symm_contact.label_alt_id_2 
_pdbx_validate_symm_contact.site_symmetry_2 
_pdbx_validate_symm_contact.dist 
1 1 O A HOH 1120 ? ? 1_555 O A HOH 1120 ? ? 9_765  1.65 
2 1 O A HOH 1064 ? ? 1_555 O A HOH 1064 ? ? 11_755 1.74 
3 1 O A HOH 1012 ? ? 1_555 O A HOH 1117 ? ? 5_665  1.87 
4 1 O A HOH 1121 ? ? 1_555 O A HOH 1121 ? ? 11_655 2.13 
# 
loop_
_pdbx_validate_rmsd_bond.id 
_pdbx_validate_rmsd_bond.PDB_model_num 
_pdbx_validate_rmsd_bond.auth_atom_id_1 
_pdbx_validate_rmsd_bond.auth_asym_id_1 
_pdbx_validate_rmsd_bond.auth_comp_id_1 
_pdbx_validate_rmsd_bond.auth_seq_id_1 
_pdbx_validate_rmsd_bond.PDB_ins_code_1 
_pdbx_validate_rmsd_bond.label_alt_id_1 
_pdbx_validate_rmsd_bond.auth_atom_id_2 
_pdbx_validate_rmsd_bond.auth_asym_id_2 
_pdbx_validate_rmsd_bond.auth_comp_id_2 
_pdbx_validate_rmsd_bond.auth_seq_id_2 
_pdbx_validate_rmsd_bond.PDB_ins_code_2 
_pdbx_validate_rmsd_bond.label_alt_id_2 
_pdbx_validate_rmsd_bond.bond_value 
_pdbx_validate_rmsd_bond.bond_target_value 
_pdbx_validate_rmsd_bond.bond_deviation 
_pdbx_validate_rmsd_bond.bond_standard_deviation 
_pdbx_validate_rmsd_bond.linker_flag 
1 1 CB  A GLU 35  ? ? CG  A GLU 35  ? ? 1.638 1.517 0.121 0.019 N 
2 1 CE2 A TYR 50  ? ? CD2 A TYR 50  ? ? 1.508 1.389 0.119 0.015 N 
3 1 CZ  A TYR 59  ? ? CE2 A TYR 59  ? ? 1.463 1.381 0.082 0.013 N 
4 1 CD1 A TYR 109 ? ? CE1 A TYR 109 ? ? 1.498 1.389 0.109 0.015 N 
5 1 CG  A GLU 136 ? ? CD  A GLU 136 ? ? 1.624 1.515 0.109 0.015 N 
# 
loop_
_pdbx_validate_rmsd_angle.id 
_pdbx_validate_rmsd_angle.PDB_model_num 
_pdbx_validate_rmsd_angle.auth_atom_id_1 
_pdbx_validate_rmsd_angle.auth_asym_id_1 
_pdbx_validate_rmsd_angle.auth_comp_id_1 
_pdbx_validate_rmsd_angle.auth_seq_id_1 
_pdbx_validate_rmsd_angle.PDB_ins_code_1 
_pdbx_validate_rmsd_angle.label_alt_id_1 
_pdbx_validate_rmsd_angle.auth_atom_id_2 
_pdbx_validate_rmsd_angle.auth_asym_id_2 
_pdbx_validate_rmsd_angle.auth_comp_id_2 
_pdbx_validate_rmsd_angle.auth_seq_id_2 
_pdbx_validate_rmsd_angle.PDB_ins_code_2 
_pdbx_validate_rmsd_angle.label_alt_id_2 
_pdbx_validate_rmsd_angle.auth_atom_id_3 
_pdbx_validate_rmsd_angle.auth_asym_id_3 
_pdbx_validate_rmsd_angle.auth_comp_id_3 
_pdbx_validate_rmsd_angle.auth_seq_id_3 
_pdbx_validate_rmsd_angle.PDB_ins_code_3 
_pdbx_validate_rmsd_angle.label_alt_id_3 
_pdbx_validate_rmsd_angle.angle_value 
_pdbx_validate_rmsd_angle.angle_target_value 
_pdbx_validate_rmsd_angle.angle_deviation 
_pdbx_validate_rmsd_angle.angle_standard_deviation 
_pdbx_validate_rmsd_angle.linker_flag 
1 1 NE A ARG 65 ? ? CZ A ARG 65 ? ? NH2 A ARG 65 ? ? 116.93 120.30 -3.37 0.50 N 
2 1 CB A ASP 82 ? ? CG A ASP 82 ? ? OD2 A ASP 82 ? ? 123.78 118.30 5.48  0.90 N 
# 
_pdbx_validate_torsion.id              1 
_pdbx_validate_torsion.PDB_model_num   1 
_pdbx_validate_torsion.auth_comp_id    ASN 
_pdbx_validate_torsion.auth_asym_id    A 
_pdbx_validate_torsion.auth_seq_id     56 
_pdbx_validate_torsion.PDB_ins_code    ? 
_pdbx_validate_torsion.label_alt_id    ? 
_pdbx_validate_torsion.phi             -173.83 
_pdbx_validate_torsion.psi             110.63 
# 
_pdbx_SG_project.id                    1 
_pdbx_SG_project.project_name          'NPPSFA, National Project on Protein Structural and Functional Analyses' 
_pdbx_SG_project.full_name_of_center   'RIKEN Structural Genomics/Proteomics Initiative' 
_pdbx_SG_project.initial_of_center     RSGI 
# 
loop_
_pdbx_struct_special_symmetry.id 
_pdbx_struct_special_symmetry.PDB_model_num 
_pdbx_struct_special_symmetry.auth_asym_id 
_pdbx_struct_special_symmetry.auth_comp_id 
_pdbx_struct_special_symmetry.auth_seq_id 
_pdbx_struct_special_symmetry.PDB_ins_code 
_pdbx_struct_special_symmetry.label_asym_id 
_pdbx_struct_special_symmetry.label_comp_id 
_pdbx_struct_special_symmetry.label_seq_id 
1 1 A HOH 1001 ? C HOH . 
2 1 A HOH 1037 ? C HOH . 
# 
loop_
_pdbx_unobs_or_zero_occ_residues.id 
_pdbx_unobs_or_zero_occ_residues.PDB_model_num 
_pdbx_unobs_or_zero_occ_residues.polymer_flag 
_pdbx_unobs_or_zero_occ_residues.occupancy_flag 
_pdbx_unobs_or_zero_occ_residues.auth_asym_id 
_pdbx_unobs_or_zero_occ_residues.auth_comp_id 
_pdbx_unobs_or_zero_occ_residues.auth_seq_id 
_pdbx_unobs_or_zero_occ_residues.PDB_ins_code 
_pdbx_unobs_or_zero_occ_residues.label_asym_id 
_pdbx_unobs_or_zero_occ_residues.label_comp_id 
_pdbx_unobs_or_zero_occ_residues.label_seq_id 
1 1 Y 1 A GLU 143 ? A GLU 143 
2 1 Y 1 A LYS 144 ? A LYS 144 
# 
loop_
_chem_comp_atom.comp_id 
_chem_comp_atom.atom_id 
_chem_comp_atom.type_symbol 
_chem_comp_atom.pdbx_aromatic_flag 
_chem_comp_atom.pdbx_stereo_config 
_chem_comp_atom.pdbx_ordinal 
ALA N    N N N 1   
ALA CA   C N S 2   
ALA C    C N N 3   
ALA O    O N N 4   
ALA CB   C N N 5   
ALA OXT  O N N 6   
ALA H    H N N 7   
ALA H2   H N N 8   
ALA HA   H N N 9   
ALA HB1  H N N 10  
ALA HB2  H N N 11  
ALA HB3  H N N 12  
ALA HXT  H N N 13  
ARG N    N N N 14  
ARG CA   C N S 15  
ARG C    C N N 16  
ARG O    O N N 17  
ARG CB   C N N 18  
ARG CG   C N N 19  
ARG CD   C N N 20  
ARG NE   N N N 21  
ARG CZ   C N N 22  
ARG NH1  N N N 23  
ARG NH2  N N N 24  
ARG OXT  O N N 25  
ARG H    H N N 26  
ARG H2   H N N 27  
ARG HA   H N N 28  
ARG HB2  H N N 29  
ARG HB3  H N N 30  
ARG HG2  H N N 31  
ARG HG3  H N N 32  
ARG HD2  H N N 33  
ARG HD3  H N N 34  
ARG HE   H N N 35  
ARG HH11 H N N 36  
ARG HH12 H N N 37  
ARG HH21 H N N 38  
ARG HH22 H N N 39  
ARG HXT  H N N 40  
ASN N    N N N 41  
ASN CA   C N S 42  
ASN C    C N N 43  
ASN O    O N N 44  
ASN CB   C N N 45  
ASN CG   C N N 46  
ASN OD1  O N N 47  
ASN ND2  N N N 48  
ASN OXT  O N N 49  
ASN H    H N N 50  
ASN H2   H N N 51  
ASN HA   H N N 52  
ASN HB2  H N N 53  
ASN HB3  H N N 54  
ASN HD21 H N N 55  
ASN HD22 H N N 56  
ASN HXT  H N N 57  
ASP N    N N N 58  
ASP CA   C N S 59  
ASP C    C N N 60  
ASP O    O N N 61  
ASP CB   C N N 62  
ASP CG   C N N 63  
ASP OD1  O N N 64  
ASP OD2  O N N 65  
ASP OXT  O N N 66  
ASP H    H N N 67  
ASP H2   H N N 68  
ASP HA   H N N 69  
ASP HB2  H N N 70  
ASP HB3  H N N 71  
ASP HD2  H N N 72  
ASP HXT  H N N 73  
COA N1A  N Y N 74  
COA C2A  C Y N 75  
COA N3A  N Y N 76  
COA C4A  C Y N 77  
COA C5A  C Y N 78  
COA C6A  C Y N 79  
COA N6A  N N N 80  
COA N7A  N Y N 81  
COA C8A  C Y N 82  
COA N9A  N Y N 83  
COA C1B  C N R 84  
COA C2B  C N R 85  
COA O2B  O N N 86  
COA C3B  C N S 87  
COA O3B  O N N 88  
COA P3B  P N N 89  
COA O7A  O N N 90  
COA O8A  O N N 91  
COA O9A  O N N 92  
COA C4B  C N R 93  
COA O4B  O N N 94  
COA C5B  C N N 95  
COA O5B  O N N 96  
COA P1A  P N S 97  
COA O1A  O N N 98  
COA O2A  O N N 99  
COA O3A  O N N 100 
COA P2A  P N S 101 
COA O4A  O N N 102 
COA O5A  O N N 103 
COA O6A  O N N 104 
COA CBP  C N N 105 
COA CCP  C N N 106 
COA CDP  C N N 107 
COA CEP  C N N 108 
COA CAP  C N R 109 
COA OAP  O N N 110 
COA C9P  C N N 111 
COA O9P  O N N 112 
COA N8P  N N N 113 
COA C7P  C N N 114 
COA C6P  C N N 115 
COA C5P  C N N 116 
COA O5P  O N N 117 
COA N4P  N N N 118 
COA C3P  C N N 119 
COA C2P  C N N 120 
COA S1P  S N N 121 
COA H2A  H N N 122 
COA H61A H N N 123 
COA H62A H N N 124 
COA H8A  H N N 125 
COA H1B  H N N 126 
COA H2B  H N N 127 
COA HO2A H N N 128 
COA H3B  H N N 129 
COA HOA8 H N N 130 
COA HOA9 H N N 131 
COA H4B  H N N 132 
COA H51A H N N 133 
COA H52A H N N 134 
COA HOA2 H N N 135 
COA HOA5 H N N 136 
COA H121 H N N 137 
COA H122 H N N 138 
COA H131 H N N 139 
COA H132 H N N 140 
COA H133 H N N 141 
COA H141 H N N 142 
COA H142 H N N 143 
COA H143 H N N 144 
COA H10  H N N 145 
COA HO1  H N N 146 
COA HN8  H N N 147 
COA H71  H N N 148 
COA H72  H N N 149 
COA H61  H N N 150 
COA H62  H N N 151 
COA HN4  H N N 152 
COA H31  H N N 153 
COA H32  H N N 154 
COA H21  H N N 155 
COA H22  H N N 156 
COA HS1  H N N 157 
CYS N    N N N 158 
CYS CA   C N R 159 
CYS C    C N N 160 
CYS O    O N N 161 
CYS CB   C N N 162 
CYS SG   S N N 163 
CYS OXT  O N N 164 
CYS H    H N N 165 
CYS H2   H N N 166 
CYS HA   H N N 167 
CYS HB2  H N N 168 
CYS HB3  H N N 169 
CYS HG   H N N 170 
CYS HXT  H N N 171 
GLN N    N N N 172 
GLN CA   C N S 173 
GLN C    C N N 174 
GLN O    O N N 175 
GLN CB   C N N 176 
GLN CG   C N N 177 
GLN CD   C N N 178 
GLN OE1  O N N 179 
GLN NE2  N N N 180 
GLN OXT  O N N 181 
GLN H    H N N 182 
GLN H2   H N N 183 
GLN HA   H N N 184 
GLN HB2  H N N 185 
GLN HB3  H N N 186 
GLN HG2  H N N 187 
GLN HG3  H N N 188 
GLN HE21 H N N 189 
GLN HE22 H N N 190 
GLN HXT  H N N 191 
GLU N    N N N 192 
GLU CA   C N S 193 
GLU C    C N N 194 
GLU O    O N N 195 
GLU CB   C N N 196 
GLU CG   C N N 197 
GLU CD   C N N 198 
GLU OE1  O N N 199 
GLU OE2  O N N 200 
GLU OXT  O N N 201 
GLU H    H N N 202 
GLU H2   H N N 203 
GLU HA   H N N 204 
GLU HB2  H N N 205 
GLU HB3  H N N 206 
GLU HG2  H N N 207 
GLU HG3  H N N 208 
GLU HE2  H N N 209 
GLU HXT  H N N 210 
GLY N    N N N 211 
GLY CA   C N N 212 
GLY C    C N N 213 
GLY O    O N N 214 
GLY OXT  O N N 215 
GLY H    H N N 216 
GLY H2   H N N 217 
GLY HA2  H N N 218 
GLY HA3  H N N 219 
GLY HXT  H N N 220 
HIS N    N N N 221 
HIS CA   C N S 222 
HIS C    C N N 223 
HIS O    O N N 224 
HIS CB   C N N 225 
HIS CG   C Y N 226 
HIS ND1  N Y N 227 
HIS CD2  C Y N 228 
HIS CE1  C Y N 229 
HIS NE2  N Y N 230 
HIS OXT  O N N 231 
HIS H    H N N 232 
HIS H2   H N N 233 
HIS HA   H N N 234 
HIS HB2  H N N 235 
HIS HB3  H N N 236 
HIS HD1  H N N 237 
HIS HD2  H N N 238 
HIS HE1  H N N 239 
HIS HE2  H N N 240 
HIS HXT  H N N 241 
HOH O    O N N 242 
HOH H1   H N N 243 
HOH H2   H N N 244 
ILE N    N N N 245 
ILE CA   C N S 246 
ILE C    C N N 247 
ILE O    O N N 248 
ILE CB   C N S 249 
ILE CG1  C N N 250 
ILE CG2  C N N 251 
ILE CD1  C N N 252 
ILE OXT  O N N 253 
ILE H    H N N 254 
ILE H2   H N N 255 
ILE HA   H N N 256 
ILE HB   H N N 257 
ILE HG12 H N N 258 
ILE HG13 H N N 259 
ILE HG21 H N N 260 
ILE HG22 H N N 261 
ILE HG23 H N N 262 
ILE HD11 H N N 263 
ILE HD12 H N N 264 
ILE HD13 H N N 265 
ILE HXT  H N N 266 
LEU N    N N N 267 
LEU CA   C N S 268 
LEU C    C N N 269 
LEU O    O N N 270 
LEU CB   C N N 271 
LEU CG   C N N 272 
LEU CD1  C N N 273 
LEU CD2  C N N 274 
LEU OXT  O N N 275 
LEU H    H N N 276 
LEU H2   H N N 277 
LEU HA   H N N 278 
LEU HB2  H N N 279 
LEU HB3  H N N 280 
LEU HG   H N N 281 
LEU HD11 H N N 282 
LEU HD12 H N N 283 
LEU HD13 H N N 284 
LEU HD21 H N N 285 
LEU HD22 H N N 286 
LEU HD23 H N N 287 
LEU HXT  H N N 288 
LYS N    N N N 289 
LYS CA   C N S 290 
LYS C    C N N 291 
LYS O    O N N 292 
LYS CB   C N N 293 
LYS CG   C N N 294 
LYS CD   C N N 295 
LYS CE   C N N 296 
LYS NZ   N N N 297 
LYS OXT  O N N 298 
LYS H    H N N 299 
LYS H2   H N N 300 
LYS HA   H N N 301 
LYS HB2  H N N 302 
LYS HB3  H N N 303 
LYS HG2  H N N 304 
LYS HG3  H N N 305 
LYS HD2  H N N 306 
LYS HD3  H N N 307 
LYS HE2  H N N 308 
LYS HE3  H N N 309 
LYS HZ1  H N N 310 
LYS HZ2  H N N 311 
LYS HZ3  H N N 312 
LYS HXT  H N N 313 
MET N    N N N 314 
MET CA   C N S 315 
MET C    C N N 316 
MET O    O N N 317 
MET CB   C N N 318 
MET CG   C N N 319 
MET SD   S N N 320 
MET CE   C N N 321 
MET OXT  O N N 322 
MET H    H N N 323 
MET H2   H N N 324 
MET HA   H N N 325 
MET HB2  H N N 326 
MET HB3  H N N 327 
MET HG2  H N N 328 
MET HG3  H N N 329 
MET HE1  H N N 330 
MET HE2  H N N 331 
MET HE3  H N N 332 
MET HXT  H N N 333 
PHE N    N N N 334 
PHE CA   C N S 335 
PHE C    C N N 336 
PHE O    O N N 337 
PHE CB   C N N 338 
PHE CG   C Y N 339 
PHE CD1  C Y N 340 
PHE CD2  C Y N 341 
PHE CE1  C Y N 342 
PHE CE2  C Y N 343 
PHE CZ   C Y N 344 
PHE OXT  O N N 345 
PHE H    H N N 346 
PHE H2   H N N 347 
PHE HA   H N N 348 
PHE HB2  H N N 349 
PHE HB3  H N N 350 
PHE HD1  H N N 351 
PHE HD2  H N N 352 
PHE HE1  H N N 353 
PHE HE2  H N N 354 
PHE HZ   H N N 355 
PHE HXT  H N N 356 
PRO N    N N N 357 
PRO CA   C N S 358 
PRO C    C N N 359 
PRO O    O N N 360 
PRO CB   C N N 361 
PRO CG   C N N 362 
PRO CD   C N N 363 
PRO OXT  O N N 364 
PRO H    H N N 365 
PRO HA   H N N 366 
PRO HB2  H N N 367 
PRO HB3  H N N 368 
PRO HG2  H N N 369 
PRO HG3  H N N 370 
PRO HD2  H N N 371 
PRO HD3  H N N 372 
PRO HXT  H N N 373 
SER N    N N N 374 
SER CA   C N S 375 
SER C    C N N 376 
SER O    O N N 377 
SER CB   C N N 378 
SER OG   O N N 379 
SER OXT  O N N 380 
SER H    H N N 381 
SER H2   H N N 382 
SER HA   H N N 383 
SER HB2  H N N 384 
SER HB3  H N N 385 
SER HG   H N N 386 
SER HXT  H N N 387 
THR N    N N N 388 
THR CA   C N S 389 
THR C    C N N 390 
THR O    O N N 391 
THR CB   C N R 392 
THR OG1  O N N 393 
THR CG2  C N N 394 
THR OXT  O N N 395 
THR H    H N N 396 
THR H2   H N N 397 
THR HA   H N N 398 
THR HB   H N N 399 
THR HG1  H N N 400 
THR HG21 H N N 401 
THR HG22 H N N 402 
THR HG23 H N N 403 
THR HXT  H N N 404 
TRP N    N N N 405 
TRP CA   C N S 406 
TRP C    C N N 407 
TRP O    O N N 408 
TRP CB   C N N 409 
TRP CG   C Y N 410 
TRP CD1  C Y N 411 
TRP CD2  C Y N 412 
TRP NE1  N Y N 413 
TRP CE2  C Y N 414 
TRP CE3  C Y N 415 
TRP CZ2  C Y N 416 
TRP CZ3  C Y N 417 
TRP CH2  C Y N 418 
TRP OXT  O N N 419 
TRP H    H N N 420 
TRP H2   H N N 421 
TRP HA   H N N 422 
TRP HB2  H N N 423 
TRP HB3  H N N 424 
TRP HD1  H N N 425 
TRP HE1  H N N 426 
TRP HE3  H N N 427 
TRP HZ2  H N N 428 
TRP HZ3  H N N 429 
TRP HH2  H N N 430 
TRP HXT  H N N 431 
TYR N    N N N 432 
TYR CA   C N S 433 
TYR C    C N N 434 
TYR O    O N N 435 
TYR CB   C N N 436 
TYR CG   C Y N 437 
TYR CD1  C Y N 438 
TYR CD2  C Y N 439 
TYR CE1  C Y N 440 
TYR CE2  C Y N 441 
TYR CZ   C Y N 442 
TYR OH   O N N 443 
TYR OXT  O N N 444 
TYR H    H N N 445 
TYR H2   H N N 446 
TYR HA   H N N 447 
TYR HB2  H N N 448 
TYR HB3  H N N 449 
TYR HD1  H N N 450 
TYR HD2  H N N 451 
TYR HE1  H N N 452 
TYR HE2  H N N 453 
TYR HH   H N N 454 
TYR HXT  H N N 455 
VAL N    N N N 456 
VAL CA   C N S 457 
VAL C    C N N 458 
VAL O    O N N 459 
VAL CB   C N N 460 
VAL CG1  C N N 461 
VAL CG2  C N N 462 
VAL OXT  O N N 463 
VAL H    H N N 464 
VAL H2   H N N 465 
VAL HA   H N N 466 
VAL HB   H N N 467 
VAL HG11 H N N 468 
VAL HG12 H N N 469 
VAL HG13 H N N 470 
VAL HG21 H N N 471 
VAL HG22 H N N 472 
VAL HG23 H N N 473 
VAL HXT  H N N 474 
# 
loop_
_chem_comp_bond.comp_id 
_chem_comp_bond.atom_id_1 
_chem_comp_bond.atom_id_2 
_chem_comp_bond.value_order 
_chem_comp_bond.pdbx_aromatic_flag 
_chem_comp_bond.pdbx_stereo_config 
_chem_comp_bond.pdbx_ordinal 
ALA N   CA   sing N N 1   
ALA N   H    sing N N 2   
ALA N   H2   sing N N 3   
ALA CA  C    sing N N 4   
ALA CA  CB   sing N N 5   
ALA CA  HA   sing N N 6   
ALA C   O    doub N N 7   
ALA C   OXT  sing N N 8   
ALA CB  HB1  sing N N 9   
ALA CB  HB2  sing N N 10  
ALA CB  HB3  sing N N 11  
ALA OXT HXT  sing N N 12  
ARG N   CA   sing N N 13  
ARG N   H    sing N N 14  
ARG N   H2   sing N N 15  
ARG CA  C    sing N N 16  
ARG CA  CB   sing N N 17  
ARG CA  HA   sing N N 18  
ARG C   O    doub N N 19  
ARG C   OXT  sing N N 20  
ARG CB  CG   sing N N 21  
ARG CB  HB2  sing N N 22  
ARG CB  HB3  sing N N 23  
ARG CG  CD   sing N N 24  
ARG CG  HG2  sing N N 25  
ARG CG  HG3  sing N N 26  
ARG CD  NE   sing N N 27  
ARG CD  HD2  sing N N 28  
ARG CD  HD3  sing N N 29  
ARG NE  CZ   sing N N 30  
ARG NE  HE   sing N N 31  
ARG CZ  NH1  sing N N 32  
ARG CZ  NH2  doub N N 33  
ARG NH1 HH11 sing N N 34  
ARG NH1 HH12 sing N N 35  
ARG NH2 HH21 sing N N 36  
ARG NH2 HH22 sing N N 37  
ARG OXT HXT  sing N N 38  
ASN N   CA   sing N N 39  
ASN N   H    sing N N 40  
ASN N   H2   sing N N 41  
ASN CA  C    sing N N 42  
ASN CA  CB   sing N N 43  
ASN CA  HA   sing N N 44  
ASN C   O    doub N N 45  
ASN C   OXT  sing N N 46  
ASN CB  CG   sing N N 47  
ASN CB  HB2  sing N N 48  
ASN CB  HB3  sing N N 49  
ASN CG  OD1  doub N N 50  
ASN CG  ND2  sing N N 51  
ASN ND2 HD21 sing N N 52  
ASN ND2 HD22 sing N N 53  
ASN OXT HXT  sing N N 54  
ASP N   CA   sing N N 55  
ASP N   H    sing N N 56  
ASP N   H2   sing N N 57  
ASP CA  C    sing N N 58  
ASP CA  CB   sing N N 59  
ASP CA  HA   sing N N 60  
ASP C   O    doub N N 61  
ASP C   OXT  sing N N 62  
ASP CB  CG   sing N N 63  
ASP CB  HB2  sing N N 64  
ASP CB  HB3  sing N N 65  
ASP CG  OD1  doub N N 66  
ASP CG  OD2  sing N N 67  
ASP OD2 HD2  sing N N 68  
ASP OXT HXT  sing N N 69  
COA N1A C2A  sing Y N 70  
COA N1A C6A  doub Y N 71  
COA C2A N3A  doub Y N 72  
COA C2A H2A  sing N N 73  
COA N3A C4A  sing Y N 74  
COA C4A C5A  doub Y N 75  
COA C4A N9A  sing Y N 76  
COA C5A C6A  sing Y N 77  
COA C5A N7A  sing Y N 78  
COA C6A N6A  sing N N 79  
COA N6A H61A sing N N 80  
COA N6A H62A sing N N 81  
COA N7A C8A  doub Y N 82  
COA C8A N9A  sing Y N 83  
COA C8A H8A  sing N N 84  
COA N9A C1B  sing N N 85  
COA C1B C2B  sing N N 86  
COA C1B O4B  sing N N 87  
COA C1B H1B  sing N N 88  
COA C2B O2B  sing N N 89  
COA C2B C3B  sing N N 90  
COA C2B H2B  sing N N 91  
COA O2B HO2A sing N N 92  
COA C3B O3B  sing N N 93  
COA C3B C4B  sing N N 94  
COA C3B H3B  sing N N 95  
COA O3B P3B  sing N N 96  
COA P3B O7A  doub N N 97  
COA P3B O8A  sing N N 98  
COA P3B O9A  sing N N 99  
COA O8A HOA8 sing N N 100 
COA O9A HOA9 sing N N 101 
COA C4B O4B  sing N N 102 
COA C4B C5B  sing N N 103 
COA C4B H4B  sing N N 104 
COA C5B O5B  sing N N 105 
COA C5B H51A sing N N 106 
COA C5B H52A sing N N 107 
COA O5B P1A  sing N N 108 
COA P1A O1A  doub N N 109 
COA P1A O2A  sing N N 110 
COA P1A O3A  sing N N 111 
COA O2A HOA2 sing N N 112 
COA O3A P2A  sing N N 113 
COA P2A O4A  doub N N 114 
COA P2A O5A  sing N N 115 
COA P2A O6A  sing N N 116 
COA O5A HOA5 sing N N 117 
COA O6A CCP  sing N N 118 
COA CBP CCP  sing N N 119 
COA CBP CDP  sing N N 120 
COA CBP CEP  sing N N 121 
COA CBP CAP  sing N N 122 
COA CCP H121 sing N N 123 
COA CCP H122 sing N N 124 
COA CDP H131 sing N N 125 
COA CDP H132 sing N N 126 
COA CDP H133 sing N N 127 
COA CEP H141 sing N N 128 
COA CEP H142 sing N N 129 
COA CEP H143 sing N N 130 
COA CAP OAP  sing N N 131 
COA CAP C9P  sing N N 132 
COA CAP H10  sing N N 133 
COA OAP HO1  sing N N 134 
COA C9P O9P  doub N N 135 
COA C9P N8P  sing N N 136 
COA N8P C7P  sing N N 137 
COA N8P HN8  sing N N 138 
COA C7P C6P  sing N N 139 
COA C7P H71  sing N N 140 
COA C7P H72  sing N N 141 
COA C6P C5P  sing N N 142 
COA C6P H61  sing N N 143 
COA C6P H62  sing N N 144 
COA C5P O5P  doub N N 145 
COA C5P N4P  sing N N 146 
COA N4P C3P  sing N N 147 
COA N4P HN4  sing N N 148 
COA C3P C2P  sing N N 149 
COA C3P H31  sing N N 150 
COA C3P H32  sing N N 151 
COA C2P S1P  sing N N 152 
COA C2P H21  sing N N 153 
COA C2P H22  sing N N 154 
COA S1P HS1  sing N N 155 
CYS N   CA   sing N N 156 
CYS N   H    sing N N 157 
CYS N   H2   sing N N 158 
CYS CA  C    sing N N 159 
CYS CA  CB   sing N N 160 
CYS CA  HA   sing N N 161 
CYS C   O    doub N N 162 
CYS C   OXT  sing N N 163 
CYS CB  SG   sing N N 164 
CYS CB  HB2  sing N N 165 
CYS CB  HB3  sing N N 166 
CYS SG  HG   sing N N 167 
CYS OXT HXT  sing N N 168 
GLN N   CA   sing N N 169 
GLN N   H    sing N N 170 
GLN N   H2   sing N N 171 
GLN CA  C    sing N N 172 
GLN CA  CB   sing N N 173 
GLN CA  HA   sing N N 174 
GLN C   O    doub N N 175 
GLN C   OXT  sing N N 176 
GLN CB  CG   sing N N 177 
GLN CB  HB2  sing N N 178 
GLN CB  HB3  sing N N 179 
GLN CG  CD   sing N N 180 
GLN CG  HG2  sing N N 181 
GLN CG  HG3  sing N N 182 
GLN CD  OE1  doub N N 183 
GLN CD  NE2  sing N N 184 
GLN NE2 HE21 sing N N 185 
GLN NE2 HE22 sing N N 186 
GLN OXT HXT  sing N N 187 
GLU N   CA   sing N N 188 
GLU N   H    sing N N 189 
GLU N   H2   sing N N 190 
GLU CA  C    sing N N 191 
GLU CA  CB   sing N N 192 
GLU CA  HA   sing N N 193 
GLU C   O    doub N N 194 
GLU C   OXT  sing N N 195 
GLU CB  CG   sing N N 196 
GLU CB  HB2  sing N N 197 
GLU CB  HB3  sing N N 198 
GLU CG  CD   sing N N 199 
GLU CG  HG2  sing N N 200 
GLU CG  HG3  sing N N 201 
GLU CD  OE1  doub N N 202 
GLU CD  OE2  sing N N 203 
GLU OE2 HE2  sing N N 204 
GLU OXT HXT  sing N N 205 
GLY N   CA   sing N N 206 
GLY N   H    sing N N 207 
GLY N   H2   sing N N 208 
GLY CA  C    sing N N 209 
GLY CA  HA2  sing N N 210 
GLY CA  HA3  sing N N 211 
GLY C   O    doub N N 212 
GLY C   OXT  sing N N 213 
GLY OXT HXT  sing N N 214 
HIS N   CA   sing N N 215 
HIS N   H    sing N N 216 
HIS N   H2   sing N N 217 
HIS CA  C    sing N N 218 
HIS CA  CB   sing N N 219 
HIS CA  HA   sing N N 220 
HIS C   O    doub N N 221 
HIS C   OXT  sing N N 222 
HIS CB  CG   sing N N 223 
HIS CB  HB2  sing N N 224 
HIS CB  HB3  sing N N 225 
HIS CG  ND1  sing Y N 226 
HIS CG  CD2  doub Y N 227 
HIS ND1 CE1  doub Y N 228 
HIS ND1 HD1  sing N N 229 
HIS CD2 NE2  sing Y N 230 
HIS CD2 HD2  sing N N 231 
HIS CE1 NE2  sing Y N 232 
HIS CE1 HE1  sing N N 233 
HIS NE2 HE2  sing N N 234 
HIS OXT HXT  sing N N 235 
HOH O   H1   sing N N 236 
HOH O   H2   sing N N 237 
ILE N   CA   sing N N 238 
ILE N   H    sing N N 239 
ILE N   H2   sing N N 240 
ILE CA  C    sing N N 241 
ILE CA  CB   sing N N 242 
ILE CA  HA   sing N N 243 
ILE C   O    doub N N 244 
ILE C   OXT  sing N N 245 
ILE CB  CG1  sing N N 246 
ILE CB  CG2  sing N N 247 
ILE CB  HB   sing N N 248 
ILE CG1 CD1  sing N N 249 
ILE CG1 HG12 sing N N 250 
ILE CG1 HG13 sing N N 251 
ILE CG2 HG21 sing N N 252 
ILE CG2 HG22 sing N N 253 
ILE CG2 HG23 sing N N 254 
ILE CD1 HD11 sing N N 255 
ILE CD1 HD12 sing N N 256 
ILE CD1 HD13 sing N N 257 
ILE OXT HXT  sing N N 258 
LEU N   CA   sing N N 259 
LEU N   H    sing N N 260 
LEU N   H2   sing N N 261 
LEU CA  C    sing N N 262 
LEU CA  CB   sing N N 263 
LEU CA  HA   sing N N 264 
LEU C   O    doub N N 265 
LEU C   OXT  sing N N 266 
LEU CB  CG   sing N N 267 
LEU CB  HB2  sing N N 268 
LEU CB  HB3  sing N N 269 
LEU CG  CD1  sing N N 270 
LEU CG  CD2  sing N N 271 
LEU CG  HG   sing N N 272 
LEU CD1 HD11 sing N N 273 
LEU CD1 HD12 sing N N 274 
LEU CD1 HD13 sing N N 275 
LEU CD2 HD21 sing N N 276 
LEU CD2 HD22 sing N N 277 
LEU CD2 HD23 sing N N 278 
LEU OXT HXT  sing N N 279 
LYS N   CA   sing N N 280 
LYS N   H    sing N N 281 
LYS N   H2   sing N N 282 
LYS CA  C    sing N N 283 
LYS CA  CB   sing N N 284 
LYS CA  HA   sing N N 285 
LYS C   O    doub N N 286 
LYS C   OXT  sing N N 287 
LYS CB  CG   sing N N 288 
LYS CB  HB2  sing N N 289 
LYS CB  HB3  sing N N 290 
LYS CG  CD   sing N N 291 
LYS CG  HG2  sing N N 292 
LYS CG  HG3  sing N N 293 
LYS CD  CE   sing N N 294 
LYS CD  HD2  sing N N 295 
LYS CD  HD3  sing N N 296 
LYS CE  NZ   sing N N 297 
LYS CE  HE2  sing N N 298 
LYS CE  HE3  sing N N 299 
LYS NZ  HZ1  sing N N 300 
LYS NZ  HZ2  sing N N 301 
LYS NZ  HZ3  sing N N 302 
LYS OXT HXT  sing N N 303 
MET N   CA   sing N N 304 
MET N   H    sing N N 305 
MET N   H2   sing N N 306 
MET CA  C    sing N N 307 
MET CA  CB   sing N N 308 
MET CA  HA   sing N N 309 
MET C   O    doub N N 310 
MET C   OXT  sing N N 311 
MET CB  CG   sing N N 312 
MET CB  HB2  sing N N 313 
MET CB  HB3  sing N N 314 
MET CG  SD   sing N N 315 
MET CG  HG2  sing N N 316 
MET CG  HG3  sing N N 317 
MET SD  CE   sing N N 318 
MET CE  HE1  sing N N 319 
MET CE  HE2  sing N N 320 
MET CE  HE3  sing N N 321 
MET OXT HXT  sing N N 322 
PHE N   CA   sing N N 323 
PHE N   H    sing N N 324 
PHE N   H2   sing N N 325 
PHE CA  C    sing N N 326 
PHE CA  CB   sing N N 327 
PHE CA  HA   sing N N 328 
PHE C   O    doub N N 329 
PHE C   OXT  sing N N 330 
PHE CB  CG   sing N N 331 
PHE CB  HB2  sing N N 332 
PHE CB  HB3  sing N N 333 
PHE CG  CD1  doub Y N 334 
PHE CG  CD2  sing Y N 335 
PHE CD1 CE1  sing Y N 336 
PHE CD1 HD1  sing N N 337 
PHE CD2 CE2  doub Y N 338 
PHE CD2 HD2  sing N N 339 
PHE CE1 CZ   doub Y N 340 
PHE CE1 HE1  sing N N 341 
PHE CE2 CZ   sing Y N 342 
PHE CE2 HE2  sing N N 343 
PHE CZ  HZ   sing N N 344 
PHE OXT HXT  sing N N 345 
PRO N   CA   sing N N 346 
PRO N   CD   sing N N 347 
PRO N   H    sing N N 348 
PRO CA  C    sing N N 349 
PRO CA  CB   sing N N 350 
PRO CA  HA   sing N N 351 
PRO C   O    doub N N 352 
PRO C   OXT  sing N N 353 
PRO CB  CG   sing N N 354 
PRO CB  HB2  sing N N 355 
PRO CB  HB3  sing N N 356 
PRO CG  CD   sing N N 357 
PRO CG  HG2  sing N N 358 
PRO CG  HG3  sing N N 359 
PRO CD  HD2  sing N N 360 
PRO CD  HD3  sing N N 361 
PRO OXT HXT  sing N N 362 
SER N   CA   sing N N 363 
SER N   H    sing N N 364 
SER N   H2   sing N N 365 
SER CA  C    sing N N 366 
SER CA  CB   sing N N 367 
SER CA  HA   sing N N 368 
SER C   O    doub N N 369 
SER C   OXT  sing N N 370 
SER CB  OG   sing N N 371 
SER CB  HB2  sing N N 372 
SER CB  HB3  sing N N 373 
SER OG  HG   sing N N 374 
SER OXT HXT  sing N N 375 
THR N   CA   sing N N 376 
THR N   H    sing N N 377 
THR N   H2   sing N N 378 
THR CA  C    sing N N 379 
THR CA  CB   sing N N 380 
THR CA  HA   sing N N 381 
THR C   O    doub N N 382 
THR C   OXT  sing N N 383 
THR CB  OG1  sing N N 384 
THR CB  CG2  sing N N 385 
THR CB  HB   sing N N 386 
THR OG1 HG1  sing N N 387 
THR CG2 HG21 sing N N 388 
THR CG2 HG22 sing N N 389 
THR CG2 HG23 sing N N 390 
THR OXT HXT  sing N N 391 
TRP N   CA   sing N N 392 
TRP N   H    sing N N 393 
TRP N   H2   sing N N 394 
TRP CA  C    sing N N 395 
TRP CA  CB   sing N N 396 
TRP CA  HA   sing N N 397 
TRP C   O    doub N N 398 
TRP C   OXT  sing N N 399 
TRP CB  CG   sing N N 400 
TRP CB  HB2  sing N N 401 
TRP CB  HB3  sing N N 402 
TRP CG  CD1  doub Y N 403 
TRP CG  CD2  sing Y N 404 
TRP CD1 NE1  sing Y N 405 
TRP CD1 HD1  sing N N 406 
TRP CD2 CE2  doub Y N 407 
TRP CD2 CE3  sing Y N 408 
TRP NE1 CE2  sing Y N 409 
TRP NE1 HE1  sing N N 410 
TRP CE2 CZ2  sing Y N 411 
TRP CE3 CZ3  doub Y N 412 
TRP CE3 HE3  sing N N 413 
TRP CZ2 CH2  doub Y N 414 
TRP CZ2 HZ2  sing N N 415 
TRP CZ3 CH2  sing Y N 416 
TRP CZ3 HZ3  sing N N 417 
TRP CH2 HH2  sing N N 418 
TRP OXT HXT  sing N N 419 
TYR N   CA   sing N N 420 
TYR N   H    sing N N 421 
TYR N   H2   sing N N 422 
TYR CA  C    sing N N 423 
TYR CA  CB   sing N N 424 
TYR CA  HA   sing N N 425 
TYR C   O    doub N N 426 
TYR C   OXT  sing N N 427 
TYR CB  CG   sing N N 428 
TYR CB  HB2  sing N N 429 
TYR CB  HB3  sing N N 430 
TYR CG  CD1  doub Y N 431 
TYR CG  CD2  sing Y N 432 
TYR CD1 CE1  sing Y N 433 
TYR CD1 HD1  sing N N 434 
TYR CD2 CE2  doub Y N 435 
TYR CD2 HD2  sing N N 436 
TYR CE1 CZ   doub Y N 437 
TYR CE1 HE1  sing N N 438 
TYR CE2 CZ   sing Y N 439 
TYR CE2 HE2  sing N N 440 
TYR CZ  OH   sing N N 441 
TYR OH  HH   sing N N 442 
TYR OXT HXT  sing N N 443 
VAL N   CA   sing N N 444 
VAL N   H    sing N N 445 
VAL N   H2   sing N N 446 
VAL CA  C    sing N N 447 
VAL CA  CB   sing N N 448 
VAL CA  HA   sing N N 449 
VAL C   O    doub N N 450 
VAL C   OXT  sing N N 451 
VAL CB  CG1  sing N N 452 
VAL CB  CG2  sing N N 453 
VAL CB  HB   sing N N 454 
VAL CG1 HG11 sing N N 455 
VAL CG1 HG12 sing N N 456 
VAL CG1 HG13 sing N N 457 
VAL CG2 HG21 sing N N 458 
VAL CG2 HG22 sing N N 459 
VAL CG2 HG23 sing N N 460 
VAL OXT HXT  sing N N 461 
# 
_atom_sites.entry_id                    2D5A 
_atom_sites.fract_transf_matrix[1][1]   -0.00542610 
_atom_sites.fract_transf_matrix[1][2]   -0.00858349 
_atom_sites.fract_transf_matrix[1][3]   0.01296474 
_atom_sites.fract_transf_matrix[2][1]   -0.01562661 
_atom_sites.fract_transf_matrix[2][2]   -0.00517304 
_atom_sites.fract_transf_matrix[2][3]   0.00049390 
_atom_sites.fract_transf_matrix[3][1]   0.00188777 
_atom_sites.fract_transf_matrix[3][2]   -0.00600681 
_atom_sites.fract_transf_matrix[3][3]   -0.00318681 
_atom_sites.fract_transf_vector[1]      0.759493 
_atom_sites.fract_transf_vector[2]      0.064650 
_atom_sites.fract_transf_vector[3]      0.253445 
# 
loop_
_atom_type.symbol 
C 
N 
O 
P 
S 
# 
loop_
_atom_site.group_PDB 
_atom_site.id 
_atom_site.type_symbol 
_atom_site.label_atom_id 
_atom_site.label_alt_id 
_atom_site.label_comp_id 
_atom_site.label_asym_id 
_atom_site.label_entity_id 
_atom_site.label_seq_id 
_atom_site.pdbx_PDB_ins_code 
_atom_site.Cartn_x 
_atom_site.Cartn_y 
_atom_site.Cartn_z 
_atom_site.occupancy 
_atom_site.B_iso_or_equiv 
_atom_site.pdbx_formal_charge 
_atom_site.auth_seq_id 
_atom_site.auth_comp_id 
_atom_site.auth_asym_id 
_atom_site.auth_atom_id 
_atom_site.pdbx_PDB_model_num 
ATOM   1    N N   . MET A 1 1   ? -12.684 -0.839  -30.513 1.00 72.88 ? 1    MET A N   1 
ATOM   2    C CA  . MET A 1 1   ? -13.411 -0.169  -29.411 1.00 69.15 ? 1    MET A CA  1 
ATOM   3    C C   . MET A 1 1   ? -12.797 -0.666  -28.087 1.00 67.08 ? 1    MET A C   1 
ATOM   4    O O   . MET A 1 1   ? -13.303 -1.580  -27.414 1.00 63.19 ? 1    MET A O   1 
ATOM   5    C CB  . MET A 1 1   ? -14.901 -0.514  -29.523 1.00 73.84 ? 1    MET A CB  1 
ATOM   6    C CG  . MET A 1 1   ? -15.560 -0.049  -30.843 1.00 77.46 ? 1    MET A CG  1 
ATOM   7    S SD  . MET A 1 1   ? -16.297 -1.358  -32.002 1.00 84.21 ? 1    MET A SD  1 
ATOM   8    C CE  . MET A 1 1   ? -14.941 -1.622  -33.245 1.00 74.65 ? 1    MET A CE  1 
ATOM   9    N N   . GLU A 1 2   ? -11.668 -0.087  -27.724 1.00 64.18 ? 2    GLU A N   1 
ATOM   10   C CA  . GLU A 1 2   ? -11.052 -0.475  -26.477 1.00 64.46 ? 2    GLU A CA  1 
ATOM   11   C C   . GLU A 1 2   ? -11.851 0.104   -25.328 1.00 64.52 ? 2    GLU A C   1 
ATOM   12   O O   . GLU A 1 2   ? -12.416 1.200   -25.392 1.00 61.90 ? 2    GLU A O   1 
ATOM   13   C CB  . GLU A 1 2   ? -9.610  -0.023  -26.418 1.00 61.57 ? 2    GLU A CB  1 
ATOM   14   C CG  . GLU A 1 2   ? -8.847  -0.645  -27.532 1.00 62.66 ? 2    GLU A CG  1 
ATOM   15   C CD  . GLU A 1 2   ? -7.346  -0.424  -27.468 1.00 64.43 ? 2    GLU A CD  1 
ATOM   16   O OE1 . GLU A 1 2   ? -6.676  -0.884  -28.428 1.00 62.18 ? 2    GLU A OE1 1 
ATOM   17   O OE2 . GLU A 1 2   ? -6.832  0.183   -26.494 1.00 61.59 ? 2    GLU A OE2 1 
ATOM   18   N N   . GLU A 1 3   ? -11.935 -0.708  -24.294 1.00 64.65 ? 3    GLU A N   1 
ATOM   19   C CA  . GLU A 1 3   ? -12.642 -0.359  -23.085 1.00 65.35 ? 3    GLU A CA  1 
ATOM   20   C C   . GLU A 1 3   ? -11.663 0.345   -22.173 1.00 60.83 ? 3    GLU A C   1 
ATOM   21   O O   . GLU A 1 3   ? -10.453 0.125   -22.282 1.00 56.02 ? 3    GLU A O   1 
ATOM   22   C CB  . GLU A 1 3   ? -13.103 -1.643  -22.371 1.00 68.39 ? 3    GLU A CB  1 
ATOM   23   C CG  . GLU A 1 3   ? -14.350 -2.280  -22.929 1.00 71.88 ? 3    GLU A CG  1 
ATOM   24   C CD  . GLU A 1 3   ? -15.529 -1.293  -22.998 1.00 76.54 ? 3    GLU A CD  1 
ATOM   25   O OE1 . GLU A 1 3   ? -16.689 -1.782  -23.146 1.00 78.18 ? 3    GLU A OE1 1 
ATOM   26   O OE2 . GLU A 1 3   ? -15.290 -0.041  -22.915 1.00 78.46 ? 3    GLU A OE2 1 
ATOM   27   N N   . THR A 1 4   ? -12.181 1.185   -21.289 1.00 59.96 ? 4    THR A N   1 
ATOM   28   C CA  . THR A 1 4   ? -11.304 1.810   -20.302 1.00 60.02 ? 4    THR A CA  1 
ATOM   29   C C   . THR A 1 4   ? -10.792 0.668   -19.355 1.00 59.71 ? 4    THR A C   1 
ATOM   30   O O   . THR A 1 4   ? -11.494 -0.328  -19.081 1.00 58.74 ? 4    THR A O   1 
ATOM   31   C CB  . THR A 1 4   ? -12.049 2.890   -19.454 1.00 61.24 ? 4    THR A CB  1 
ATOM   32   O OG1 . THR A 1 4   ? -11.186 3.324   -18.400 1.00 60.21 ? 4    THR A OG1 1 
ATOM   33   C CG2 . THR A 1 4   ? -13.368 2.344   -18.855 1.00 60.32 ? 4    THR A CG2 1 
ATOM   34   N N   . ARG A 1 5   ? -9.563  0.799   -18.905 1.00 56.17 ? 5    ARG A N   1 
ATOM   35   C CA  . ARG A 1 5   ? -8.975  -0.170  -18.012 1.00 56.46 ? 5    ARG A CA  1 
ATOM   36   C C   . ARG A 1 5   ? -8.038  0.638   -17.094 1.00 56.58 ? 5    ARG A C   1 
ATOM   37   O O   . ARG A 1 5   ? -7.608  1.759   -17.422 1.00 55.49 ? 5    ARG A O   1 
ATOM   38   C CB  . ARG A 1 5   ? -8.156  -1.216  -18.796 1.00 59.95 ? 5    ARG A CB  1 
ATOM   39   C CG  . ARG A 1 5   ? -8.873  -2.015  -19.927 1.00 62.57 ? 5    ARG A CG  1 
ATOM   40   C CD  . ARG A 1 5   ? -10.011 -2.949  -19.407 1.00 68.84 ? 5    ARG A CD  1 
ATOM   41   N NE  . ARG A 1 5   ? -9.550  -4.070  -18.553 1.00 73.08 ? 5    ARG A NE  1 
ATOM   42   C CZ  . ARG A 1 5   ? -9.230  -5.312  -18.963 1.00 73.50 ? 5    ARG A CZ  1 
ATOM   43   N NH1 . ARG A 1 5   ? -9.314  -5.663  -20.260 1.00 70.89 ? 5    ARG A NH1 1 
ATOM   44   N NH2 . ARG A 1 5   ? -8.792  -6.198  -18.052 1.00 72.44 ? 5    ARG A NH2 1 
ATOM   45   N N   . PRO A 1 6   ? -7.680  0.076   -15.929 1.00 56.11 ? 6    PRO A N   1 
ATOM   46   C CA  . PRO A 1 6   ? -6.791  0.838   -15.051 1.00 49.30 ? 6    PRO A CA  1 
ATOM   47   C C   . PRO A 1 6   ? -5.485  1.230   -15.678 1.00 44.44 ? 6    PRO A C   1 
ATOM   48   O O   . PRO A 1 6   ? -4.822  0.466   -16.370 1.00 41.40 ? 6    PRO A O   1 
ATOM   49   C CB  . PRO A 1 6   ? -6.623  -0.095  -13.862 1.00 51.85 ? 6    PRO A CB  1 
ATOM   50   C CG  . PRO A 1 6   ? -8.008  -0.634  -13.712 1.00 53.93 ? 6    PRO A CG  1 
ATOM   51   C CD  . PRO A 1 6   ? -8.240  -1.077  -15.194 1.00 56.99 ? 6    PRO A CD  1 
ATOM   52   N N   . ILE A 1 7   ? -5.077  2.442   -15.378 1.00 36.39 ? 7    ILE A N   1 
ATOM   53   C CA  . ILE A 1 7   ? -3.856  2.943   -15.934 1.00 35.12 ? 7    ILE A CA  1 
ATOM   54   C C   . ILE A 1 7   ? -2.502  2.271   -15.556 1.00 35.06 ? 7    ILE A C   1 
ATOM   55   O O   . ILE A 1 7   ? -1.444  2.533   -16.162 1.00 31.90 ? 7    ILE A O   1 
ATOM   56   C CB  . ILE A 1 7   ? -3.878  4.486   -15.634 1.00 37.96 ? 7    ILE A CB  1 
ATOM   57   C CG1 . ILE A 1 7   ? -3.107  5.251   -16.697 1.00 36.78 ? 7    ILE A CG1 1 
ATOM   58   C CG2 . ILE A 1 7   ? -3.299  4.755   -14.180 1.00 34.53 ? 7    ILE A CG2 1 
ATOM   59   C CD1 . ILE A 1 7   ? -3.104  6.752   -16.504 1.00 34.73 ? 7    ILE A CD1 1 
ATOM   60   N N   . ASP A 1 8   ? -2.491  1.424   -14.496 1.00 33.23 ? 8    ASP A N   1 
ATOM   61   C CA  . ASP A 1 8   ? -1.239  0.795   -14.085 1.00 30.36 ? 8    ASP A CA  1 
ATOM   62   C C   . ASP A 1 8   ? -1.039  -0.423  -14.985 1.00 30.18 ? 8    ASP A C   1 
ATOM   63   O O   . ASP A 1 8   ? -0.019  -1.097  -14.944 1.00 32.39 ? 8    ASP A O   1 
ATOM   64   C CB  . ASP A 1 8   ? -1.254  0.401   -12.563 1.00 28.27 ? 8    ASP A CB  1 
ATOM   65   C CG  . ASP A 1 8   ? -2.413  -0.452  -12.195 1.00 33.42 ? 8    ASP A CG  1 
ATOM   66   O OD1 . ASP A 1 8   ? -2.929  -0.342  -11.028 1.00 30.24 ? 8    ASP A OD1 1 
ATOM   67   O OD2 . ASP A 1 8   ? -2.889  -1.310  -13.026 1.00 30.14 ? 8    ASP A OD2 1 
ATOM   68   N N   . GLY A 1 9   ? -2.081  -0.716  -15.735 1.00 30.37 ? 9    GLY A N   1 
ATOM   69   C CA  . GLY A 1 9   ? -1.940  -1.749  -16.772 1.00 34.46 ? 9    GLY A CA  1 
ATOM   70   C C   . GLY A 1 9   ? -1.880  -3.179  -16.279 1.00 38.14 ? 9    GLY A C   1 
ATOM   71   O O   . GLY A 1 9   ? -1.278  -4.033  -16.967 1.00 38.66 ? 9    GLY A O   1 
ATOM   72   N N   . LEU A 1 10  ? -2.456  -3.430  -15.086 1.00 33.94 ? 10   LEU A N   1 
ATOM   73   C CA  . LEU A 1 10  ? -2.443  -4.766  -14.484 1.00 31.11 ? 10   LEU A CA  1 
ATOM   74   C C   . LEU A 1 10  ? -3.763  -5.398  -14.709 1.00 28.03 ? 10   LEU A C   1 
ATOM   75   O O   . LEU A 1 10  ? -4.812  -4.768  -14.565 1.00 31.01 ? 10   LEU A O   1 
ATOM   76   C CB  . LEU A 1 10  ? -2.154  -4.639  -12.906 1.00 27.98 ? 10   LEU A CB  1 
ATOM   77   C CG  . LEU A 1 10  ? -0.775  -4.073  -12.608 1.00 30.94 ? 10   LEU A CG  1 
ATOM   78   C CD1 . LEU A 1 10  ? -0.568  -3.774  -11.006 1.00 25.07 ? 10   LEU A CD1 1 
ATOM   79   C CD2 . LEU A 1 10  ? 0.257   -5.023  -13.036 1.00 34.17 ? 10   LEU A CD2 1 
ATOM   80   N N   . THR A 1 11  ? -3.782  -6.731  -14.958 1.00 27.89 ? 11   THR A N   1 
ATOM   81   C CA  . THR A 1 11  ? -5.035  -7.387  -15.175 1.00 32.61 ? 11   THR A CA  1 
ATOM   82   C C   . THR A 1 11  ? -5.587  -7.772  -13.874 1.00 35.39 ? 11   THR A C   1 
ATOM   83   O O   . THR A 1 11  ? -4.858  -7.742  -12.874 1.00 37.49 ? 11   THR A O   1 
ATOM   84   C CB  . THR A 1 11  ? -4.809  -8.710  -15.930 1.00 37.66 ? 11   THR A CB  1 
ATOM   85   O OG1 . THR A 1 11  ? -3.804  -9.471  -15.186 1.00 41.01 ? 11   THR A OG1 1 
ATOM   86   C CG2 . THR A 1 11  ? -4.206  -8.440  -17.308 1.00 33.98 ? 11   THR A CG2 1 
ATOM   87   N N   . ASP A 1 12  ? -6.845  -8.177  -13.881 1.00 35.54 ? 12   ASP A N   1 
ATOM   88   C CA  . ASP A 1 12  ? -7.528  -8.620  -12.711 1.00 39.65 ? 12   ASP A CA  1 
ATOM   89   C C   . ASP A 1 12  ? -6.747  -9.807  -12.127 1.00 45.29 ? 12   ASP A C   1 
ATOM   90   O O   . ASP A 1 12  ? -6.670  -10.002 -10.880 1.00 42.98 ? 12   ASP A O   1 
ATOM   91   C CB  . ASP A 1 12  ? -8.937  -9.092  -13.049 1.00 41.11 ? 12   ASP A CB  1 
ATOM   92   C CG  . ASP A 1 12  ? -9.952  -7.956  -13.132 1.00 45.67 ? 12   ASP A CG  1 
ATOM   93   O OD1 . ASP A 1 12  ? -11.182 -8.237  -13.293 1.00 43.84 ? 12   ASP A OD1 1 
ATOM   94   O OD2 . ASP A 1 12  ? -9.540  -6.771  -13.027 1.00 45.71 ? 12   ASP A OD2 1 
ATOM   95   N N   . GLU A 1 13  ? -6.147  -10.591 -13.020 1.00 44.30 ? 13   GLU A N   1 
ATOM   96   C CA  . GLU A 1 13  ? -5.426  -11.750 -12.544 1.00 42.21 ? 13   GLU A CA  1 
ATOM   97   C C   . GLU A 1 13  ? -4.207  -11.320 -11.789 1.00 38.76 ? 13   GLU A C   1 
ATOM   98   O O   . GLU A 1 13  ? -3.905  -11.921 -10.746 1.00 33.17 ? 13   GLU A O   1 
ATOM   99   C CB  . GLU A 1 13  ? -5.036  -12.702 -13.715 1.00 45.90 ? 13   GLU A CB  1 
ATOM   100  C CG  . GLU A 1 13  ? -4.113  -13.856 -13.311 1.00 52.22 ? 13   GLU A CG  1 
ATOM   101  C CD  . GLU A 1 13  ? -4.847  -14.931 -12.451 1.00 55.62 ? 13   GLU A CD  1 
ATOM   102  O OE1 . GLU A 1 13  ? -5.608  -14.601 -11.513 1.00 55.94 ? 13   GLU A OE1 1 
ATOM   103  O OE2 . GLU A 1 13  ? -4.659  -16.152 -12.731 1.00 67.49 ? 13   GLU A OE2 1 
ATOM   104  N N   . ASP A 1 14  ? -3.482  -10.317 -12.287 1.00 34.07 ? 14   ASP A N   1 
ATOM   105  C CA  . ASP A 1 14  ? -2.278  -9.882  -11.599 1.00 34.16 ? 14   ASP A CA  1 
ATOM   106  C C   . ASP A 1 14  ? -2.656  -9.351  -10.171 1.00 32.61 ? 14   ASP A C   1 
ATOM   107  O O   . ASP A 1 14  ? -1.951  -9.648  -9.221  1.00 34.07 ? 14   ASP A O   1 
ATOM   108  C CB  . ASP A 1 14  ? -1.577  -8.735  -12.315 1.00 38.08 ? 14   ASP A CB  1 
ATOM   109  C CG  . ASP A 1 14  ? -1.208  -9.080  -13.789 1.00 46.16 ? 14   ASP A CG  1 
ATOM   110  O OD1 . ASP A 1 14  ? -0.588  -10.146 -14.034 1.00 39.69 ? 14   ASP A OD1 1 
ATOM   111  O OD2 . ASP A 1 14  ? -1.523  -8.260  -14.681 1.00 42.76 ? 14   ASP A OD2 1 
ATOM   112  N N   . ILE A 1 15  ? -3.740  -8.607  -10.083 1.00 29.96 ? 15   ILE A N   1 
ATOM   113  C CA  . ILE A 1 15  ? -4.100  -7.990  -8.809  1.00 28.90 ? 15   ILE A CA  1 
ATOM   114  C C   . ILE A 1 15  ? -4.525  -9.118  -7.930  1.00 30.62 ? 15   ILE A C   1 
ATOM   115  O O   . ILE A 1 15  ? -4.167  -9.189  -6.759  1.00 25.34 ? 15   ILE A O   1 
ATOM   116  C CB  . ILE A 1 15  ? -5.270  -6.945  -8.945  1.00 33.48 ? 15   ILE A CB  1 
ATOM   117  C CG1 . ILE A 1 15  ? -4.865  -5.799  -9.942  1.00 27.86 ? 15   ILE A CG1 1 
ATOM   118  C CG2 . ILE A 1 15  ? -5.726  -6.463  -7.479  1.00 29.56 ? 15   ILE A CG2 1 
ATOM   119  C CD1 . ILE A 1 15  ? -3.737  -4.947  -9.392  1.00 28.88 ? 15   ILE A CD1 1 
ATOM   120  N N   . ARG A 1 16  ? -5.339  -10.026 -8.445  1.00 28.83 ? 16   ARG A N   1 
ATOM   121  C CA  . ARG A 1 16  ? -5.749  -11.170 -7.575  1.00 30.85 ? 16   ARG A CA  1 
ATOM   122  C C   . ARG A 1 16  ? -4.513  -11.911 -7.033  1.00 29.51 ? 16   ARG A C   1 
ATOM   123  O O   . ARG A 1 16  ? -4.483  -12.287 -5.810  1.00 32.17 ? 16   ARG A O   1 
ATOM   124  C CB  . ARG A 1 16  ? -6.655  -12.158 -8.345  1.00 32.62 ? 16   ARG A CB  1 
ATOM   125  C CG  . ARG A 1 16  ? -7.549  -13.050 -7.491  1.00 42.69 ? 16   ARG A CG  1 
ATOM   126  C CD  . ARG A 1 16  ? -8.438  -13.983 -8.471  1.00 49.99 ? 16   ARG A CD  1 
ATOM   127  N NE  . ARG A 1 16  ? -9.594  -14.699 -7.829  1.00 61.32 ? 16   ARG A NE  1 
ATOM   128  C CZ  . ARG A 1 16  ? -10.115 -15.914 -8.194  1.00 57.81 ? 16   ARG A CZ  1 
ATOM   129  N NH1 . ARG A 1 16  ? -9.603  -16.631 -9.203  1.00 59.75 ? 16   ARG A NH1 1 
ATOM   130  N NH2 . ARG A 1 16  ? -11.200 -16.401 -7.584  1.00 54.56 ? 16   ARG A NH2 1 
ATOM   131  N N   . GLU A 1 17  ? -3.473  -12.097 -7.817  1.00 29.75 ? 17   GLU A N   1 
ATOM   132  C CA  . GLU A 1 17  ? -2.238  -12.745 -7.352  1.00 30.75 ? 17   GLU A CA  1 
ATOM   133  C C   . GLU A 1 17  ? -1.531  -11.959 -6.273  1.00 34.70 ? 17   GLU A C   1 
ATOM   134  O O   . GLU A 1 17  ? -1.051  -12.513 -5.260  1.00 30.67 ? 17   GLU A O   1 
ATOM   135  C CB  . GLU A 1 17  ? -1.214  -12.958 -8.466  1.00 30.75 ? 17   GLU A CB  1 
ATOM   136  C CG  . GLU A 1 17  ? -1.631  -14.033 -9.406  1.00 38.08 ? 17   GLU A CG  1 
ATOM   137  C CD  . GLU A 1 17  ? -0.585  -14.310 -10.511 1.00 47.13 ? 17   GLU A CD  1 
ATOM   138  O OE1 . GLU A 1 17  ? 0.650   -14.141 -10.278 1.00 49.28 ? 17   GLU A OE1 1 
ATOM   139  O OE2 . GLU A 1 17  ? -1.005  -14.730 -11.618 1.00 48.50 ? 17   GLU A OE2 1 
ATOM   140  N N   . ILE A 1 18  ? -1.458  -10.642 -6.492  1.00 23.77 ? 18   ILE A N   1 
ATOM   141  C CA  . ILE A 1 18  ? -0.775  -9.819  -5.498  1.00 25.53 ? 18   ILE A CA  1 
ATOM   142  C C   . ILE A 1 18  ? -1.618  -9.898  -4.186  1.00 22.14 ? 18   ILE A C   1 
ATOM   143  O O   . ILE A 1 18  ? -1.003  -9.973  -3.104  1.00 21.90 ? 18   ILE A O   1 
ATOM   144  C CB  . ILE A 1 18  ? -0.773  -8.329  -6.009  1.00 22.25 ? 18   ILE A CB  1 
ATOM   145  C CG1 . ILE A 1 18  ? 0.335   -8.102  -7.038  1.00 26.21 ? 18   ILE A CG1 1 
ATOM   146  C CG2 . ILE A 1 18  ? -0.652  -7.367  -4.730  1.00 21.14 ? 18   ILE A CG2 1 
ATOM   147  C CD1 . ILE A 1 18  ? -0.023  -6.834  -7.975  1.00 27.43 ? 18   ILE A CD1 1 
ATOM   148  N N   . LEU A 1 19  ? -2.961  -9.913  -4.258  1.00 19.91 ? 19   LEU A N   1 
ATOM   149  C CA  . LEU A 1 19  ? -3.814  -9.873  -3.031  1.00 21.40 ? 19   LEU A CA  1 
ATOM   150  C C   . LEU A 1 19  ? -3.822  -11.204 -2.280  1.00 21.71 ? 19   LEU A C   1 
ATOM   151  O O   . LEU A 1 19  ? -4.204  -11.271 -1.115  1.00 20.77 ? 19   LEU A O   1 
ATOM   152  C CB  . LEU A 1 19  ? -5.231  -9.495  -3.316  1.00 24.40 ? 19   LEU A CB  1 
ATOM   153  C CG  . LEU A 1 19  ? -5.367  -8.020  -3.854  1.00 20.21 ? 19   LEU A CG  1 
ATOM   154  C CD1 . LEU A 1 19  ? -6.937  -7.688  -4.082  1.00 22.48 ? 19   LEU A CD1 1 
ATOM   155  C CD2 . LEU A 1 19  ? -4.910  -7.068  -2.701  1.00 18.21 ? 19   LEU A CD2 1 
ATOM   156  N N   . THR A 1 20  ? -3.506  -12.257 -3.047  1.00 21.65 ? 20   THR A N   1 
ATOM   157  C CA  . THR A 1 20  ? -3.468  -13.621 -2.411  1.00 22.43 ? 20   THR A CA  1 
ATOM   158  C C   . THR A 1 20  ? -2.112  -13.965 -1.780  1.00 19.82 ? 20   THR A C   1 
ATOM   159  O O   . THR A 1 20  ? -2.057  -14.634 -0.678  1.00 22.52 ? 20   THR A O   1 
ATOM   160  C CB  . THR A 1 20  ? -3.744  -14.658 -3.524  1.00 26.72 ? 20   THR A CB  1 
ATOM   161  O OG1 . THR A 1 20  ? -5.039  -14.401 -4.031  1.00 26.15 ? 20   THR A OG1 1 
ATOM   162  C CG2 . THR A 1 20  ? -3.755  -16.095 -2.885  1.00 30.14 ? 20   THR A CG2 1 
ATOM   163  N N   . ARG A 1 21  ? -1.053  -13.542 -2.467  1.00 21.85 ? 21   ARG A N   1 
ATOM   164  C CA  . ARG A 1 21  ? 0.341   -13.831 -2.113  1.00 19.89 ? 21   ARG A CA  1 
ATOM   165  C C   . ARG A 1 21  ? 1.050   -12.846 -1.222  1.00 23.20 ? 21   ARG A C   1 
ATOM   166  O O   . ARG A 1 21  ? 1.832   -13.219 -0.335  1.00 24.71 ? 21   ARG A O   1 
ATOM   167  C CB  . ARG A 1 21  ? 1.218   -13.997 -3.411  1.00 20.26 ? 21   ARG A CB  1 
ATOM   168  C CG  . ARG A 1 21  ? 2.742   -13.972 -3.191  1.00 22.33 ? 21   ARG A CG  1 
ATOM   169  C CD  . ARG A 1 21  ? 3.228   -15.331 -2.531  1.00 25.35 ? 21   ARG A CD  1 
ATOM   170  N NE  . ARG A 1 21  ? 4.671   -15.272 -2.285  1.00 22.66 ? 21   ARG A NE  1 
ATOM   171  C CZ  . ARG A 1 21  ? 5.310   -14.527 -1.364  1.00 23.16 ? 21   ARG A CZ  1 
ATOM   172  N NH1 . ARG A 1 21  ? 4.616   -13.755 -0.539  1.00 25.03 ? 21   ARG A NH1 1 
ATOM   173  N NH2 . ARG A 1 21  ? 6.661   -14.478 -1.350  1.00 27.87 ? 21   ARG A NH2 1 
ATOM   174  N N   . TYR A 1 22  ? 0.862   -11.519 -1.475  1.00 21.35 ? 22   TYR A N   1 
ATOM   175  C CA  . TYR A 1 22  ? 1.726   -10.566 -0.728  1.00 26.24 ? 22   TYR A CA  1 
ATOM   176  C C   . TYR A 1 22  ? 0.930   -10.002 0.446   1.00 30.35 ? 22   TYR A C   1 
ATOM   177  O O   . TYR A 1 22  ? 0.179   -9.020  0.286   1.00 34.12 ? 22   TYR A O   1 
ATOM   178  C CB  . TYR A 1 22  ? 2.180   -9.463  -1.703  1.00 24.29 ? 22   TYR A CB  1 
ATOM   179  C CG  . TYR A 1 22  ? 3.167   -9.936  -2.761  1.00 28.59 ? 22   TYR A CG  1 
ATOM   180  C CD1 . TYR A 1 22  ? 4.283   -10.752 -2.414  1.00 18.29 ? 22   TYR A CD1 1 
ATOM   181  C CD2 . TYR A 1 22  ? 3.078   -9.478  -4.115  1.00 28.27 ? 22   TYR A CD2 1 
ATOM   182  C CE1 . TYR A 1 22  ? 5.271   -11.099 -3.332  1.00 27.75 ? 22   TYR A CE1 1 
ATOM   183  C CE2 . TYR A 1 22  ? 4.082   -9.820  -5.017  1.00 29.61 ? 22   TYR A CE2 1 
ATOM   184  C CZ  . TYR A 1 22  ? 5.166   -10.634 -4.652  1.00 30.08 ? 22   TYR A CZ  1 
ATOM   185  O OH  . TYR A 1 22  ? 6.107   -11.078 -5.549  1.00 34.86 ? 22   TYR A OH  1 
ATOM   186  N N   . LYS A 1 23  ? 1.058   -10.597 1.620   1.00 20.54 ? 23   LYS A N   1 
ATOM   187  C CA  . LYS A 1 23  ? 0.194   -10.171 2.707   1.00 16.95 ? 23   LYS A CA  1 
ATOM   188  C C   . LYS A 1 23  ? 0.904   -9.425  3.844   1.00 15.80 ? 23   LYS A C   1 
ATOM   189  O O   . LYS A 1 23  ? 0.237   -9.093  4.815   1.00 17.62 ? 23   LYS A O   1 
ATOM   190  C CB  . LYS A 1 23  ? -0.535  -11.361 3.281   1.00 19.47 ? 23   LYS A CB  1 
ATOM   191  C CG  . LYS A 1 23  ? -1.369  -11.860 1.984   1.00 24.97 ? 23   LYS A CG  1 
ATOM   192  C CD  . LYS A 1 23  ? -2.601  -12.578 2.290   1.00 19.61 ? 23   LYS A CD  1 
ATOM   193  C CE  . LYS A 1 23  ? -3.589  -11.786 3.078   1.00 18.46 ? 23   LYS A CE  1 
ATOM   194  N NZ  . LYS A 1 23  ? -4.681  -12.760 3.439   1.00 18.05 ? 23   LYS A NZ  1 
ATOM   195  N N   . LYS A 1 24  ? 2.192   -9.183  3.637   1.00 14.90 ? 24   LYS A N   1 
ATOM   196  C CA  . LYS A 1 24  ? 2.992   -8.341  4.669   1.00 14.13 ? 24   LYS A CA  1 
ATOM   197  C C   . LYS A 1 24  ? 2.872   -6.916  4.126   1.00 16.33 ? 24   LYS A C   1 
ATOM   198  O O   . LYS A 1 24  ? 3.566   -6.580  3.090   1.00 18.02 ? 24   LYS A O   1 
ATOM   199  C CB  . LYS A 1 24  ? 4.479   -8.767  4.642   1.00 16.50 ? 24   LYS A CB  1 
ATOM   200  C CG  . LYS A 1 24  ? 4.640   -10.262 5.139   1.00 19.67 ? 24   LYS A CG  1 
ATOM   201  C CD  . LYS A 1 24  ? 4.403   -10.345 6.627   1.00 18.95 ? 24   LYS A CD  1 
ATOM   202  C CE  . LYS A 1 24  ? 4.904   -11.716 7.253   1.00 18.20 ? 24   LYS A CE  1 
ATOM   203  N NZ  . LYS A 1 24  ? 4.704   -11.678 8.765   1.00 17.21 ? 24   LYS A NZ  1 
ATOM   204  N N   . ILE A 1 25  ? 2.058   -6.114  4.806   1.00 14.90 ? 25   ILE A N   1 
ATOM   205  C CA  . ILE A 1 25  ? 1.752   -4.755  4.260   1.00 16.56 ? 25   ILE A CA  1 
ATOM   206  C C   . ILE A 1 25  ? 2.324   -3.677  5.172   1.00 15.90 ? 25   ILE A C   1 
ATOM   207  O O   . ILE A 1 25  ? 2.138   -3.801  6.420   1.00 15.13 ? 25   ILE A O   1 
ATOM   208  C CB  . ILE A 1 25  ? 0.218   -4.538  4.245   1.00 17.49 ? 25   ILE A CB  1 
ATOM   209  C CG1 . ILE A 1 25  ? -0.578  -5.709  3.516   1.00 16.21 ? 25   ILE A CG1 1 
ATOM   210  C CG2 . ILE A 1 25  ? -0.106  -3.173  3.393   1.00 14.64 ? 25   ILE A CG2 1 
ATOM   211  C CD1 . ILE A 1 25  ? -0.127  -6.000  2.108   1.00 16.72 ? 25   ILE A CD1 1 
ATOM   212  N N   . ALA A 1 26  ? 2.961   -2.632  4.617   1.00 14.18 ? 26   ALA A N   1 
ATOM   213  C CA  . ALA A 1 26  ? 3.352   -1.434  5.439   1.00 13.94 ? 26   ALA A CA  1 
ATOM   214  C C   . ALA A 1 26  ? 2.291   -0.462  4.973   1.00 16.28 ? 26   ALA A C   1 
ATOM   215  O O   . ALA A 1 26  ? 2.323   -0.061  3.775   1.00 16.52 ? 26   ALA A O   1 
ATOM   216  C CB  . ALA A 1 26  ? 4.690   -0.942  5.031   1.00 14.17 ? 26   ALA A CB  1 
ATOM   217  N N   . LEU A 1 27  ? 1.420   -0.010  5.894   1.00 12.31 ? 27   LEU A N   1 
ATOM   218  C CA  . LEU A 1 27  ? 0.301   0.872   5.503   1.00 12.70 ? 27   LEU A CA  1 
ATOM   219  C C   . LEU A 1 27  ? 0.716   2.275   6.006   1.00 16.56 ? 27   LEU A C   1 
ATOM   220  O O   . LEU A 1 27  ? 0.671   2.636   7.181   1.00 14.07 ? 27   LEU A O   1 
ATOM   221  C CB  . LEU A 1 27  ? -1.009  0.382   6.129   1.00 12.62 ? 27   LEU A CB  1 
ATOM   222  C CG  . LEU A 1 27  ? -2.299  1.063   5.527   1.00 14.65 ? 27   LEU A CG  1 
ATOM   223  C CD1 . LEU A 1 27  ? -3.521  0.159   5.615   1.00 15.48 ? 27   LEU A CD1 1 
ATOM   224  C CD2 . LEU A 1 27  ? -2.590  2.432   6.325   1.00 15.80 ? 27   LEU A CD2 1 
ATOM   225  N N   . VAL A 1 28  ? 1.060   3.084   4.998   1.00 13.31 ? 28   VAL A N   1 
ATOM   226  C CA  . VAL A 1 28  ? 1.706   4.418   5.324   1.00 13.40 ? 28   VAL A CA  1 
ATOM   227  C C   . VAL A 1 28  ? 0.648   5.486   5.377   1.00 14.00 ? 28   VAL A C   1 
ATOM   228  O O   . VAL A 1 28  ? -0.185  5.607   4.455   1.00 17.02 ? 28   VAL A O   1 
ATOM   229  C CB  . VAL A 1 28  ? 2.761   4.743   4.164   1.00 11.95 ? 28   VAL A CB  1 
ATOM   230  C CG1 . VAL A 1 28  ? 3.318   6.171   4.408   1.00 12.77 ? 28   VAL A CG1 1 
ATOM   231  C CG2 . VAL A 1 28  ? 3.869   3.699   4.120   1.00 14.34 ? 28   VAL A CG2 1 
ATOM   232  N N   . GLY A 1 29  ? 0.649   6.268   6.445   1.00 13.08 ? 29   GLY A N   1 
ATOM   233  C CA  . GLY A 1 29  ? -0.466  7.235   6.652   1.00 14.77 ? 29   GLY A CA  1 
ATOM   234  C C   . GLY A 1 29  ? -1.546  6.638   7.572   1.00 15.75 ? 29   GLY A C   1 
ATOM   235  O O   . GLY A 1 29  ? -2.639  7.145   7.759   1.00 14.69 ? 29   GLY A O   1 
ATOM   236  N N   . ALA A 1 30  ? -1.155  5.520   8.240   1.00 15.92 ? 30   ALA A N   1 
ATOM   237  C CA  . ALA A 1 30  ? -2.120  4.918   9.177   1.00 13.82 ? 30   ALA A CA  1 
ATOM   238  C C   . ALA A 1 30  ? -2.596  5.944   10.212  1.00 17.57 ? 30   ALA A C   1 
ATOM   239  O O   . ALA A 1 30  ? -1.806  6.752   10.676  1.00 17.75 ? 30   ALA A O   1 
ATOM   240  C CB  . ALA A 1 30  ? -1.415  3.776   9.944   1.00 14.96 ? 30   ALA A CB  1 
ATOM   241  N N   . SER A 1 31  ? -3.840  5.796   10.664  1.00 14.22 ? 31   SER A N   1 
ATOM   242  C CA  . SER A 1 31  ? -4.414  6.789   11.591  1.00 15.16 ? 31   SER A CA  1 
ATOM   243  C C   . SER A 1 31  ? -5.443  6.061   12.488  1.00 15.03 ? 31   SER A C   1 
ATOM   244  O O   . SER A 1 31  ? -6.150  5.125   12.014  1.00 17.03 ? 31   SER A O   1 
ATOM   245  C CB  . SER A 1 31  ? -5.226  7.827   10.786  1.00 16.88 ? 31   SER A CB  1 
ATOM   246  O OG  . SER A 1 31  ? -5.950  8.673   11.695  1.00 17.65 ? 31   SER A OG  1 
ATOM   247  N N   . PRO A 1 32  ? -5.534  6.444   13.767  1.00 16.69 ? 32   PRO A N   1 
ATOM   248  C CA  . PRO A 1 32  ? -6.485  5.813   14.666  1.00 18.22 ? 32   PRO A CA  1 
ATOM   249  C C   . PRO A 1 32  ? -7.880  6.474   14.447  1.00 17.91 ? 32   PRO A C   1 
ATOM   250  O O   . PRO A 1 32  ? -8.885  6.070   15.096  1.00 20.84 ? 32   PRO A O   1 
ATOM   251  C CB  . PRO A 1 32  ? -5.965  6.180   16.063  1.00 22.16 ? 32   PRO A CB  1 
ATOM   252  C CG  . PRO A 1 32  ? -5.317  7.572   15.850  1.00 20.91 ? 32   PRO A CG  1 
ATOM   253  C CD  . PRO A 1 32  ? -4.591  7.379   14.489  1.00 17.28 ? 32   PRO A CD  1 
ATOM   254  N N   . LYS A 1 33  ? -7.955  7.558   13.600  1.00 17.53 ? 33   LYS A N   1 
ATOM   255  C CA  . LYS A 1 33  ? -9.313  8.198   13.380  1.00 21.61 ? 33   LYS A CA  1 
ATOM   256  C C   . LYS A 1 33  ? -10.220 7.305   12.489  1.00 20.16 ? 33   LYS A C   1 
ATOM   257  O O   . LYS A 1 33  ? -9.903  7.079   11.316  1.00 21.04 ? 33   LYS A O   1 
ATOM   258  C CB  . LYS A 1 33  ? -9.084  9.588   12.697  1.00 21.33 ? 33   LYS A CB  1 
ATOM   259  C CG  . LYS A 1 33  ? -8.228  10.485  13.545  1.00 20.64 ? 33   LYS A CG  1 
ATOM   260  C CD  . LYS A 1 33  ? -7.922  11.830  12.791  1.00 20.75 ? 33   LYS A CD  1 
ATOM   261  C CE  . LYS A 1 33  ? -7.079  12.761  13.681  1.00 24.28 ? 33   LYS A CE  1 
ATOM   262  N NZ  . LYS A 1 33  ? -6.641  13.934  12.754  1.00 25.82 ? 33   LYS A NZ  1 
ATOM   263  N N   . PRO A 1 34  ? -11.381 6.849   13.011  1.00 28.70 ? 34   PRO A N   1 
ATOM   264  C CA  . PRO A 1 34  ? -12.315 5.947   12.299  1.00 31.71 ? 34   PRO A CA  1 
ATOM   265  C C   . PRO A 1 34  ? -12.731 6.509   10.973  1.00 31.99 ? 34   PRO A C   1 
ATOM   266  O O   . PRO A 1 34  ? -12.964 5.801   9.973   1.00 37.42 ? 34   PRO A O   1 
ATOM   267  C CB  . PRO A 1 34  ? -13.482 5.828   13.275  1.00 30.96 ? 34   PRO A CB  1 
ATOM   268  C CG  . PRO A 1 34  ? -12.741 5.746   14.647  1.00 35.59 ? 34   PRO A CG  1 
ATOM   269  C CD  . PRO A 1 34  ? -11.847 7.066   14.413  1.00 30.83 ? 34   PRO A CD  1 
ATOM   270  N N   . GLU A 1 35  ? -12.794 7.814   10.954  1.00 33.16 ? 35   GLU A N   1 
ATOM   271  C CA  . GLU A 1 35  ? -13.173 8.523   9.765   1.00 38.52 ? 35   GLU A CA  1 
ATOM   272  C C   . GLU A 1 35  ? -12.147 8.431   8.598   1.00 39.63 ? 35   GLU A C   1 
ATOM   273  O O   . GLU A 1 35  ? -12.574 8.490   7.455   1.00 38.59 ? 35   GLU A O   1 
ATOM   274  C CB  . GLU A 1 35  ? -13.372 10.039  10.140  1.00 45.33 ? 35   GLU A CB  1 
ATOM   275  C CG  . GLU A 1 35  ? -11.901 10.750  10.263  1.00 54.07 ? 35   GLU A CG  1 
ATOM   276  C CD  . GLU A 1 35  ? -11.731 12.146  10.969  1.00 59.20 ? 35   GLU A CD  1 
ATOM   277  O OE1 . GLU A 1 35  ? -12.084 12.282  12.171  1.00 58.68 ? 35   GLU A OE1 1 
ATOM   278  O OE2 . GLU A 1 35  ? -11.180 13.112  10.324  1.00 61.12 ? 35   GLU A OE2 1 
ATOM   279  N N   . ARG A 1 36  ? -10.812 8.352   8.853   1.00 26.62 ? 36   ARG A N   1 
ATOM   280  C CA  . ARG A 1 36  ? -9.848  8.346   7.762   1.00 24.85 ? 36   ARG A CA  1 
ATOM   281  C C   . ARG A 1 36  ? -9.924  7.074   6.983   1.00 22.37 ? 36   ARG A C   1 
ATOM   282  O O   . ARG A 1 36  ? -10.109 5.990   7.569   1.00 22.49 ? 36   ARG A O   1 
ATOM   283  C CB  . ARG A 1 36  ? -8.417  8.413   8.331   1.00 20.57 ? 36   ARG A CB  1 
ATOM   284  C CG  . ARG A 1 36  ? -8.112  9.794   9.074   1.00 29.03 ? 36   ARG A CG  1 
ATOM   285  C CD  . ARG A 1 36  ? -7.435  10.582  8.162   1.00 26.44 ? 36   ARG A CD  1 
ATOM   286  N NE  . ARG A 1 36  ? -7.039  11.900  8.697   1.00 24.94 ? 36   ARG A NE  1 
ATOM   287  C CZ  . ARG A 1 36  ? -7.098  12.997  7.943   1.00 35.08 ? 36   ARG A CZ  1 
ATOM   288  N NH1 . ARG A 1 36  ? -6.626  14.125  8.440   1.00 32.17 ? 36   ARG A NH1 1 
ATOM   289  N NH2 . ARG A 1 36  ? -7.749  12.960  6.721   1.00 36.06 ? 36   ARG A NH2 1 
ATOM   290  N N   . ASP A 1 37  ? -9.781  7.204   5.662   1.00 19.09 ? 37   ASP A N   1 
ATOM   291  C CA  . ASP A 1 37  ? -9.778  6.006   4.833   1.00 19.44 ? 37   ASP A CA  1 
ATOM   292  C C   . ASP A 1 37  ? -8.696  5.014   5.220   1.00 19.29 ? 37   ASP A C   1 
ATOM   293  O O   . ASP A 1 37  ? -8.881  3.777   5.144   1.00 20.35 ? 37   ASP A O   1 
ATOM   294  C CB  . ASP A 1 37  ? -9.537  6.422   3.380   1.00 22.65 ? 37   ASP A CB  1 
ATOM   295  C CG  . ASP A 1 37  ? -10.824 7.161   2.817   1.00 33.87 ? 37   ASP A CG  1 
ATOM   296  O OD1 . ASP A 1 37  ? -11.597 7.704   3.664   1.00 35.39 ? 37   ASP A OD1 1 
ATOM   297  O OD2 . ASP A 1 37  ? -11.084 7.161   1.609   1.00 25.28 ? 37   ASP A OD2 1 
ATOM   298  N N   . ALA A 1 38  ? -7.542  5.522   5.629   1.00 19.55 ? 38   ALA A N   1 
ATOM   299  C CA  . ALA A 1 38  ? -6.486  4.576   6.056   1.00 15.93 ? 38   ALA A CA  1 
ATOM   300  C C   . ALA A 1 38  ? -6.948  3.690   7.241   1.00 19.78 ? 38   ALA A C   1 
ATOM   301  O O   . ALA A 1 38  ? -6.480  2.506   7.386   1.00 18.27 ? 38   ALA A O   1 
ATOM   302  C CB  . ALA A 1 38  ? -5.186  5.399   6.494   1.00 16.03 ? 38   ALA A CB  1 
ATOM   303  N N   . ASN A 1 39  ? -7.799  4.200   8.126   1.00 18.35 ? 39   ASN A N   1 
ATOM   304  C CA  . ASN A 1 39  ? -8.208  3.405   9.312   1.00 19.62 ? 39   ASN A CA  1 
ATOM   305  C C   . ASN A 1 39  ? -9.158  2.313   8.843   1.00 21.51 ? 39   ASN A C   1 
ATOM   306  O O   . ASN A 1 39  ? -9.108  1.126   9.242   1.00 19.26 ? 39   ASN A O   1 
ATOM   307  C CB  . ASN A 1 39  ? -8.854  4.344   10.330  1.00 18.90 ? 39   ASN A CB  1 
ATOM   308  C CG  . ASN A 1 39  ? -9.325  3.614   11.560  1.00 22.07 ? 39   ASN A CG  1 
ATOM   309  O OD1 . ASN A 1 39  ? -10.468 3.038   11.583  1.00 28.21 ? 39   ASN A OD1 1 
ATOM   310  N ND2 . ASN A 1 39  ? -8.514  3.653   12.621  1.00 18.81 ? 39   ASN A ND2 1 
ATOM   311  N N   . ILE A 1 40  ? -10.116 2.738   8.009   1.00 17.58 ? 40   ILE A N   1 
ATOM   312  C CA  . ILE A 1 40  ? -11.105 1.759   7.481   1.00 15.96 ? 40   ILE A CA  1 
ATOM   313  C C   . ILE A 1 40  ? -10.420 0.644   6.689   1.00 17.77 ? 40   ILE A C   1 
ATOM   314  O O   . ILE A 1 40  ? -10.699 -0.546  6.971   1.00 21.09 ? 40   ILE A O   1 
ATOM   315  C CB  . ILE A 1 40  ? -12.069 2.463   6.446   1.00 22.56 ? 40   ILE A CB  1 
ATOM   316  C CG1 . ILE A 1 40  ? -12.690 3.705   7.075   1.00 26.31 ? 40   ILE A CG1 1 
ATOM   317  C CG2 . ILE A 1 40  ? -13.181 1.455   5.978   1.00 24.23 ? 40   ILE A CG2 1 
ATOM   318  C CD1 . ILE A 1 40  ? -13.076 3.434   8.374   1.00 33.91 ? 40   ILE A CD1 1 
ATOM   319  N N   . VAL A 1 41  ? -9.496  0.965   5.785   1.00 16.47 ? 41   VAL A N   1 
ATOM   320  C CA  . VAL A 1 41  ? -8.855  -0.086  4.982   1.00 15.40 ? 41   VAL A CA  1 
ATOM   321  C C   . VAL A 1 41  ? -7.936  -0.958  5.900   1.00 17.55 ? 41   VAL A C   1 
ATOM   322  O O   . VAL A 1 41  ? -7.837  -2.147  5.689   1.00 17.63 ? 41   VAL A O   1 
ATOM   323  C CB  . VAL A 1 41  ? -8.029  0.495   3.808   1.00 17.57 ? 41   VAL A CB  1 
ATOM   324  C CG1 . VAL A 1 41  ? -7.157  -0.555  3.066   1.00 17.68 ? 41   VAL A CG1 1 
ATOM   325  C CG2 . VAL A 1 41  ? -9.053  1.184   2.740   1.00 18.74 ? 41   VAL A CG2 1 
ATOM   326  N N   . MET A 1 42  ? -7.207  -0.290  6.810   1.00 16.57 ? 42   MET A N   1 
ATOM   327  C CA  . MET A 1 42  ? -6.330  -1.124  7.738   1.00 14.79 ? 42   MET A CA  1 
ATOM   328  C C   . MET A 1 42  ? -7.192  -2.135  8.527   1.00 17.03 ? 42   MET A C   1 
ATOM   329  O O   . MET A 1 42  ? -6.872  -3.334  8.574   1.00 19.44 ? 42   MET A O   1 
ATOM   330  C CB  . MET A 1 42  ? -5.632  -0.181  8.752   1.00 15.05 ? 42   MET A CB  1 
ATOM   331  C CG  . MET A 1 42  ? -4.868  -1.181  9.721   1.00 13.37 ? 42   MET A CG  1 
ATOM   332  S SD  . MET A 1 42  ? -3.569  -0.017  10.484  1.00 15.97 ? 42   MET A SD  1 
ATOM   333  C CE  . MET A 1 42  ? -2.913  -1.163  11.783  1.00 15.88 ? 42   MET A CE  1 
ATOM   334  N N   . LYS A 1 43  ? -8.333  -1.714  9.063   1.00 18.69 ? 43   LYS A N   1 
ATOM   335  C CA  . LYS A 1 43  ? -9.158  -2.693  9.784   1.00 17.99 ? 43   LYS A CA  1 
ATOM   336  C C   . LYS A 1 43  ? -9.609  -3.828  8.811   1.00 17.80 ? 43   LYS A C   1 
ATOM   337  O O   . LYS A 1 43  ? -9.611  -5.006  9.110   1.00 19.16 ? 43   LYS A O   1 
ATOM   338  C CB  . LYS A 1 43  ? -10.422 -1.945  10.228  1.00 24.90 ? 43   LYS A CB  1 
ATOM   339  C CG  . LYS A 1 43  ? -11.311 -2.578  11.224  1.00 35.27 ? 43   LYS A CG  1 
ATOM   340  C CD  . LYS A 1 43  ? -12.451 -1.475  11.543  1.00 39.17 ? 43   LYS A CD  1 
ATOM   341  C CE  . LYS A 1 43  ? -11.800 -0.100  11.945  1.00 41.71 ? 43   LYS A CE  1 
ATOM   342  N NZ  . LYS A 1 43  ? -12.799 1.057   12.328  1.00 48.73 ? 43   LYS A NZ  1 
ATOM   343  N N   . TYR A 1 44  ? -10.056 -3.417  7.622   1.00 18.37 ? 44   TYR A N   1 
ATOM   344  C CA  . TYR A 1 44  ? -10.495 -4.440  6.663   1.00 21.01 ? 44   TYR A CA  1 
ATOM   345  C C   . TYR A 1 44  ? -9.346  -5.440  6.291   1.00 22.43 ? 44   TYR A C   1 
ATOM   346  O O   . TYR A 1 44  ? -9.565  -6.674  6.268   1.00 21.41 ? 44   TYR A O   1 
ATOM   347  C CB  . TYR A 1 44  ? -11.012 -3.779  5.389   1.00 19.37 ? 44   TYR A CB  1 
ATOM   348  C CG  . TYR A 1 44  ? -11.407 -4.729  4.278   1.00 20.69 ? 44   TYR A CG  1 
ATOM   349  C CD1 . TYR A 1 44  ? -10.464 -5.209  3.373   1.00 21.20 ? 44   TYR A CD1 1 
ATOM   350  C CD2 . TYR A 1 44  ? -12.766 -5.133  4.157   1.00 24.53 ? 44   TYR A CD2 1 
ATOM   351  C CE1 . TYR A 1 44  ? -10.782 -6.107  2.318   1.00 22.63 ? 44   TYR A CE1 1 
ATOM   352  C CE2 . TYR A 1 44  ? -13.114 -6.019  3.154   1.00 25.14 ? 44   TYR A CE2 1 
ATOM   353  C CZ  . TYR A 1 44  ? -12.152 -6.498  2.244   1.00 24.03 ? 44   TYR A CZ  1 
ATOM   354  O OH  . TYR A 1 44  ? -12.534 -7.379  1.218   1.00 28.29 ? 44   TYR A OH  1 
ATOM   355  N N   . LEU A 1 45  ? -8.125  -4.933  6.073   1.00 19.39 ? 45   LEU A N   1 
ATOM   356  C CA  . LEU A 1 45  ? -7.077  -5.833  5.691   1.00 15.10 ? 45   LEU A CA  1 
ATOM   357  C C   . LEU A 1 45  ? -6.780  -6.761  6.896   1.00 18.62 ? 45   LEU A C   1 
ATOM   358  O O   . LEU A 1 45  ? -6.556  -7.970  6.689   1.00 17.01 ? 45   LEU A O   1 
ATOM   359  C CB  . LEU A 1 45  ? -5.803  -5.092  5.305   1.00 17.46 ? 45   LEU A CB  1 
ATOM   360  C CG  . LEU A 1 45  ? -6.052  -4.301  3.984   1.00 16.07 ? 45   LEU A CG  1 
ATOM   361  C CD1 . LEU A 1 45  ? -4.810  -3.343  3.669   1.00 16.92 ? 45   LEU A CD1 1 
ATOM   362  C CD2 . LEU A 1 45  ? -6.310  -5.297  2.784   1.00 18.37 ? 45   LEU A CD2 1 
ATOM   363  N N   . LEU A 1 46  ? -6.756  -6.211  8.102   1.00 15.97 ? 46   LEU A N   1 
ATOM   364  C CA  . LEU A 1 46  ? -6.452  -7.083  9.287   1.00 15.09 ? 46   LEU A CA  1 
ATOM   365  C C   . LEU A 1 46  ? -7.549  -8.162  9.404   1.00 17.90 ? 46   LEU A C   1 
ATOM   366  O O   . LEU A 1 46  ? -7.285  -9.315  9.774   1.00 19.93 ? 46   LEU A O   1 
ATOM   367  C CB  . LEU A 1 46  ? -6.446  -6.284  10.632  1.00 16.33 ? 46   LEU A CB  1 
ATOM   368  C CG  . LEU A 1 46  ? -5.201  -5.333  10.686  1.00 17.25 ? 46   LEU A CG  1 
ATOM   369  C CD1 . LEU A 1 46  ? -5.277  -4.295  11.852  1.00 18.18 ? 46   LEU A CD1 1 
ATOM   370  C CD2 . LEU A 1 46  ? -3.892  -6.244  10.902  1.00 15.30 ? 46   LEU A CD2 1 
ATOM   371  N N   . GLU A 1 47  ? -8.785  -7.797  9.068   1.00 18.56 ? 47   GLU A N   1 
ATOM   372  C CA  . GLU A 1 47  ? -9.896  -8.825  9.140   1.00 19.94 ? 47   GLU A CA  1 
ATOM   373  C C   . GLU A 1 47  ? -9.815  -9.902  8.085   1.00 21.60 ? 47   GLU A C   1 
ATOM   374  O O   . GLU A 1 47  ? -10.506 -10.941 8.244   1.00 22.31 ? 47   GLU A O   1 
ATOM   375  C CB  . GLU A 1 47  ? -11.277 -8.130  9.001   1.00 18.56 ? 47   GLU A CB  1 
ATOM   376  C CG  . GLU A 1 47  ? -11.562 -7.355  10.248  1.00 29.58 ? 47   GLU A CG  1 
ATOM   377  C CD  . GLU A 1 47  ? -12.646 -6.253  9.984   1.00 42.83 ? 47   GLU A CD  1 
ATOM   378  O OE1 . GLU A 1 47  ? -12.850 -5.400  10.877  1.00 49.10 ? 47   GLU A OE1 1 
ATOM   379  O OE2 . GLU A 1 47  ? -13.252 -6.223  8.866   1.00 47.85 ? 47   GLU A OE2 1 
ATOM   380  N N   . HIS A 1 48  ? -9.013  -9.677  7.034   1.00 18.11 ? 48   HIS A N   1 
ATOM   381  C CA  . HIS A 1 48  ? -8.838  -10.594 5.954   1.00 17.73 ? 48   HIS A CA  1 
ATOM   382  C C   . HIS A 1 48  ? -7.443  -11.253 5.855   1.00 16.72 ? 48   HIS A C   1 
ATOM   383  O O   . HIS A 1 48  ? -7.002  -11.625 4.778   1.00 16.77 ? 48   HIS A O   1 
ATOM   384  C CB  . HIS A 1 48  ? -9.189  -9.918  4.605   1.00 22.24 ? 48   HIS A CB  1 
ATOM   385  C CG  . HIS A 1 48  ? -10.655 -9.635  4.468   1.00 31.22 ? 48   HIS A CG  1 
ATOM   386  N ND1 . HIS A 1 48  ? -11.254 -8.500  5.007   1.00 25.96 ? 48   HIS A ND1 1 
ATOM   387  C CD2 . HIS A 1 48  ? -11.675 -10.417 4.007   1.00 32.86 ? 48   HIS A CD2 1 
ATOM   388  C CE1 . HIS A 1 48  ? -12.577 -8.603  4.915   1.00 29.62 ? 48   HIS A CE1 1 
ATOM   389  N NE2 . HIS A 1 48  ? -12.859 -9.754  4.313   1.00 33.26 ? 48   HIS A NE2 1 
ATOM   390  N N   . GLY A 1 49  ? -6.772  -11.347 7.005   1.00 17.79 ? 49   GLY A N   1 
ATOM   391  C CA  . GLY A 1 49  ? -5.525  -12.129 7.054   1.00 18.27 ? 49   GLY A CA  1 
ATOM   392  C C   . GLY A 1 49  ? -4.256  -11.413 6.652   1.00 16.11 ? 49   GLY A C   1 
ATOM   393  O O   . GLY A 1 49  ? -3.214  -12.025 6.443   1.00 17.50 ? 49   GLY A O   1 
ATOM   394  N N   . TYR A 1 50  ? -4.372  -10.083 6.434   1.00 15.80 ? 50   TYR A N   1 
ATOM   395  C CA  . TYR A 1 50  ? -3.172  -9.361  6.038   1.00 15.89 ? 50   TYR A CA  1 
ATOM   396  C C   . TYR A 1 50  ? -2.399  -9.021  7.342   1.00 14.23 ? 50   TYR A C   1 
ATOM   397  O O   . TYR A 1 50  ? -3.046  -8.750  8.379   1.00 15.70 ? 50   TYR A O   1 
ATOM   398  C CB  . TYR A 1 50  ? -3.560  -8.030  5.369   1.00 14.00 ? 50   TYR A CB  1 
ATOM   399  C CG  . TYR A 1 50  ? -4.087  -8.341  3.957   1.00 15.78 ? 50   TYR A CG  1 
ATOM   400  C CD1 . TYR A 1 50  ? -5.438  -8.688  3.764   1.00 14.47 ? 50   TYR A CD1 1 
ATOM   401  C CD2 . TYR A 1 50  ? -3.205  -8.284  2.924   1.00 12.68 ? 50   TYR A CD2 1 
ATOM   402  C CE1 . TYR A 1 50  ? -5.950  -9.018  2.457   1.00 15.62 ? 50   TYR A CE1 1 
ATOM   403  C CE2 . TYR A 1 50  ? -3.661  -8.595  1.521   1.00 17.38 ? 50   TYR A CE2 1 
ATOM   404  C CZ  . TYR A 1 50  ? -5.040  -8.966  1.360   1.00 16.87 ? 50   TYR A CZ  1 
ATOM   405  O OH  . TYR A 1 50  ? -5.398  -9.316  0.068   1.00 20.03 ? 50   TYR A OH  1 
ATOM   406  N N   . ASP A 1 51  ? -1.040  -9.012  7.247   1.00 15.21 ? 51   ASP A N   1 
ATOM   407  C CA  . ASP A 1 51  ? -0.273  -8.640  8.455   1.00 12.38 ? 51   ASP A CA  1 
ATOM   408  C C   . ASP A 1 51  ? 0.087   -7.143  8.153   1.00 14.42 ? 51   ASP A C   1 
ATOM   409  O O   . ASP A 1 51  ? 0.991   -6.859  7.386   1.00 15.97 ? 51   ASP A O   1 
ATOM   410  C CB  . ASP A 1 51  ? 0.952   -9.503  8.462   1.00 14.36 ? 51   ASP A CB  1 
ATOM   411  C CG  . ASP A 1 51  ? 1.815   -9.319  9.749   1.00 19.62 ? 51   ASP A CG  1 
ATOM   412  O OD1 . ASP A 1 51  ? 2.841   -10.001 9.755   1.00 17.44 ? 51   ASP A OD1 1 
ATOM   413  O OD2 . ASP A 1 51  ? 1.387   -8.535  10.603  1.00 20.35 ? 51   ASP A OD2 1 
ATOM   414  N N   . VAL A 1 52  ? -0.598  -6.258  8.875   1.00 15.72 ? 52   VAL A N   1 
ATOM   415  C CA  . VAL A 1 52  ? -0.520  -4.837  8.510   1.00 16.37 ? 52   VAL A CA  1 
ATOM   416  C C   . VAL A 1 52  ? 0.228   -4.078  9.537   1.00 13.64 ? 52   VAL A C   1 
ATOM   417  O O   . VAL A 1 52  ? -0.280  -3.888  10.661  1.00 15.65 ? 52   VAL A O   1 
ATOM   418  C CB  . VAL A 1 52  ? -1.921  -4.170  8.369   1.00 15.30 ? 52   VAL A CB  1 
ATOM   419  C CG1 . VAL A 1 52  ? -1.722  -2.693  7.725   1.00 15.57 ? 52   VAL A CG1 1 
ATOM   420  C CG2 . VAL A 1 52  ? -2.850  -4.996  7.325   1.00 13.91 ? 52   VAL A CG2 1 
ATOM   421  N N   . TYR A 1 53  ? 1.394   -3.574  9.091   1.00 14.10 ? 53   TYR A N   1 
ATOM   422  C CA  . TYR A 1 53  ? 2.253   -2.729  9.990   1.00 12.61 ? 53   TYR A CA  1 
ATOM   423  C C   . TYR A 1 53  ? 1.940   -1.259  9.655   1.00 15.17 ? 53   TYR A C   1 
ATOM   424  O O   . TYR A 1 53  ? 2.272   -0.810  8.563   1.00 17.56 ? 53   TYR A O   1 
ATOM   425  C CB  . TYR A 1 53  ? 3.705   -3.024  9.602   1.00 12.11 ? 53   TYR A CB  1 
ATOM   426  C CG  . TYR A 1 53  ? 4.129   -4.422  10.040  1.00 13.97 ? 53   TYR A CG  1 
ATOM   427  C CD1 . TYR A 1 53  ? 4.751   -4.574  11.332  1.00 16.30 ? 53   TYR A CD1 1 
ATOM   428  C CD2 . TYR A 1 53  ? 3.990   -5.521  9.221   1.00 12.79 ? 53   TYR A CD2 1 
ATOM   429  C CE1 . TYR A 1 53  ? 5.145   -5.762  11.754  1.00 15.18 ? 53   TYR A CE1 1 
ATOM   430  C CE2 . TYR A 1 53  ? 4.485   -6.772  9.684   1.00 12.69 ? 53   TYR A CE2 1 
ATOM   431  C CZ  . TYR A 1 53  ? 5.036   -6.814  10.980  1.00 14.59 ? 53   TYR A CZ  1 
ATOM   432  O OH  . TYR A 1 53  ? 5.465   -8.108  11.361  1.00 19.27 ? 53   TYR A OH  1 
ATOM   433  N N   . PRO A 1 54  ? 1.280   -0.555  10.560  1.00 12.92 ? 54   PRO A N   1 
ATOM   434  C CA  . PRO A 1 54  ? 1.016   0.858   10.311  1.00 15.90 ? 54   PRO A CA  1 
ATOM   435  C C   . PRO A 1 54  ? 2.335   1.657   10.382  1.00 15.23 ? 54   PRO A C   1 
ATOM   436  O O   . PRO A 1 54  ? 3.254   1.441   11.180  1.00 14.68 ? 54   PRO A O   1 
ATOM   437  C CB  . PRO A 1 54  ? 0.066   1.285   11.437  1.00 13.67 ? 54   PRO A CB  1 
ATOM   438  C CG  . PRO A 1 54  ? 0.424   0.342   12.610  1.00 13.99 ? 54   PRO A CG  1 
ATOM   439  C CD  . PRO A 1 54  ? 0.826   -1.004  11.938  1.00 13.01 ? 54   PRO A CD  1 
ATOM   440  N N   . VAL A 1 55  ? 2.442   2.628   9.470   1.00 15.00 ? 55   VAL A N   1 
ATOM   441  C CA  . VAL A 1 55  ? 3.653   3.488   9.427   1.00 13.93 ? 55   VAL A CA  1 
ATOM   442  C C   . VAL A 1 55  ? 3.173   4.942   9.447   1.00 15.25 ? 55   VAL A C   1 
ATOM   443  O O   . VAL A 1 55  ? 2.461   5.409   8.554   1.00 13.37 ? 55   VAL A O   1 
ATOM   444  C CB  . VAL A 1 55  ? 4.434   3.268   8.076   1.00 14.80 ? 55   VAL A CB  1 
ATOM   445  C CG1 . VAL A 1 55  ? 5.604   4.290   7.959   1.00 14.62 ? 55   VAL A CG1 1 
ATOM   446  C CG2 . VAL A 1 55  ? 4.976   1.813   8.079   1.00 15.15 ? 55   VAL A CG2 1 
ATOM   447  N N   . ASN A 1 56  ? 3.589   5.698   10.479  1.00 13.40 ? 56   ASN A N   1 
ATOM   448  C CA  . ASN A 1 56  ? 3.175   7.092   10.594  1.00 14.53 ? 56   ASN A CA  1 
ATOM   449  C C   . ASN A 1 56  ? 4.014   7.588   11.818  1.00 16.61 ? 56   ASN A C   1 
ATOM   450  O O   . ASN A 1 56  ? 3.760   7.147   12.944  1.00 16.33 ? 56   ASN A O   1 
ATOM   451  C CB  . ASN A 1 56  ? 1.685   7.250   10.976  1.00 14.78 ? 56   ASN A CB  1 
ATOM   452  C CG  . ASN A 1 56  ? 1.278   8.721   10.958  1.00 14.46 ? 56   ASN A CG  1 
ATOM   453  O OD1 . ASN A 1 56  ? 2.155   9.609   11.093  1.00 14.55 ? 56   ASN A OD1 1 
ATOM   454  N ND2 . ASN A 1 56  ? -0.012  9.025   10.706  1.00 13.64 ? 56   ASN A ND2 1 
ATOM   455  N N   . PRO A 1 57  ? 4.991   8.458   11.590  1.00 14.58 ? 57   PRO A N   1 
ATOM   456  C CA  . PRO A 1 57  ? 5.841   8.974   12.685  1.00 16.90 ? 57   PRO A CA  1 
ATOM   457  C C   . PRO A 1 57  ? 5.074   9.681   13.780  1.00 16.62 ? 57   PRO A C   1 
ATOM   458  O O   . PRO A 1 57  ? 5.672   9.886   14.855  1.00 17.45 ? 57   PRO A O   1 
ATOM   459  C CB  . PRO A 1 57  ? 6.799   10.025  11.989  1.00 18.09 ? 57   PRO A CB  1 
ATOM   460  C CG  . PRO A 1 57  ? 6.776   9.525   10.526  1.00 18.84 ? 57   PRO A CG  1 
ATOM   461  C CD  . PRO A 1 57  ? 5.386   8.963   10.246  1.00 17.78 ? 57   PRO A CD  1 
ATOM   462  N N   . LYS A 1 58  ? 3.819   10.049  13.531  1.00 14.60 ? 58   LYS A N   1 
ATOM   463  C CA  . LYS A 1 58  ? 3.068   10.751  14.554  1.00 15.77 ? 58   LYS A CA  1 
ATOM   464  C C   . LYS A 1 58  ? 2.619   9.779   15.682  1.00 14.44 ? 58   LYS A C   1 
ATOM   465  O O   . LYS A 1 58  ? 2.373   10.233  16.813  1.00 15.85 ? 58   LYS A O   1 
ATOM   466  C CB  . LYS A 1 58  ? 1.825   11.356  13.942  1.00 16.75 ? 58   LYS A CB  1 
ATOM   467  C CG  . LYS A 1 58  ? 0.851   11.982  14.984  1.00 14.64 ? 58   LYS A CG  1 
ATOM   468  C CD  . LYS A 1 58  ? -0.256  12.662  14.183  1.00 14.26 ? 58   LYS A CD  1 
ATOM   469  C CE  . LYS A 1 58  ? -1.360  13.293  15.056  1.00 13.50 ? 58   LYS A CE  1 
ATOM   470  N NZ  . LYS A 1 58  ? -2.423  13.989  14.239  1.00 15.65 ? 58   LYS A NZ  1 
ATOM   471  N N   . TYR A 1 59  ? 2.393   8.509   15.329  1.00 15.84 ? 59   TYR A N   1 
ATOM   472  C CA  . TYR A 1 59  ? 1.736   7.563   16.347  1.00 14.94 ? 59   TYR A CA  1 
ATOM   473  C C   . TYR A 1 59  ? 2.619   6.404   16.749  1.00 16.39 ? 59   TYR A C   1 
ATOM   474  O O   . TYR A 1 59  ? 3.492   5.995   15.981  1.00 17.70 ? 59   TYR A O   1 
ATOM   475  C CB  . TYR A 1 59  ? 0.451   6.933   15.721  1.00 15.43 ? 59   TYR A CB  1 
ATOM   476  C CG  . TYR A 1 59  ? -0.553  7.981   15.389  1.00 13.73 ? 59   TYR A CG  1 
ATOM   477  C CD1 . TYR A 1 59  ? -0.864  8.295   14.008  1.00 14.01 ? 59   TYR A CD1 1 
ATOM   478  C CD2 . TYR A 1 59  ? -1.246  8.680   16.425  1.00 15.36 ? 59   TYR A CD2 1 
ATOM   479  C CE1 . TYR A 1 59  ? -1.916  9.253   13.687  1.00 13.38 ? 59   TYR A CE1 1 
ATOM   480  C CE2 . TYR A 1 59  ? -2.269  9.639   16.155  1.00 15.17 ? 59   TYR A CE2 1 
ATOM   481  C CZ  . TYR A 1 59  ? -2.597  9.905   14.754  1.00 16.54 ? 59   TYR A CZ  1 
ATOM   482  O OH  . TYR A 1 59  ? -3.624  10.790  14.539  1.00 16.59 ? 59   TYR A OH  1 
ATOM   483  N N   . GLU A 1 60  ? 2.384   5.883   17.966  1.00 15.07 ? 60   GLU A N   1 
ATOM   484  C CA  . GLU A 1 60  ? 3.174   4.735   18.446  1.00 15.27 ? 60   GLU A CA  1 
ATOM   485  C C   . GLU A 1 60  ? 2.357   3.426   18.394  1.00 13.07 ? 60   GLU A C   1 
ATOM   486  O O   . GLU A 1 60  ? 2.922   2.349   18.293  1.00 14.25 ? 60   GLU A O   1 
ATOM   487  C CB  . GLU A 1 60  ? 3.625   5.075   19.901  1.00 22.08 ? 60   GLU A CB  1 
ATOM   488  C CG  . GLU A 1 60  ? 4.831   6.071   19.644  1.00 35.20 ? 60   GLU A CG  1 
ATOM   489  C CD  . GLU A 1 60  ? 5.265   6.926   20.798  1.00 45.64 ? 60   GLU A CD  1 
ATOM   490  O OE1 . GLU A 1 60  ? 5.060   6.496   21.939  1.00 49.02 ? 60   GLU A OE1 1 
ATOM   491  O OE2 . GLU A 1 60  ? 5.878   8.018   20.558  1.00 43.26 ? 60   GLU A OE2 1 
ATOM   492  N N   . GLU A 1 61  ? 1.027   3.591   18.342  1.00 15.05 ? 61   GLU A N   1 
ATOM   493  C CA  . GLU A 1 61  ? 0.141   2.384   18.212  1.00 15.25 ? 61   GLU A CA  1 
ATOM   494  C C   . GLU A 1 61  ? -1.168  2.788   17.484  1.00 13.60 ? 61   GLU A C   1 
ATOM   495  O O   . GLU A 1 61  ? -1.718  3.853   17.721  1.00 15.20 ? 61   GLU A O   1 
ATOM   496  C CB  . GLU A 1 61  ? -0.140  1.794   19.628  1.00 16.55 ? 61   GLU A CB  1 
ATOM   497  C CG  . GLU A 1 61  ? -0.721  0.372   19.481  1.00 19.83 ? 61   GLU A CG  1 
ATOM   498  C CD  . GLU A 1 61  ? -0.713  -0.404  20.834  1.00 25.13 ? 61   GLU A CD  1 
ATOM   499  O OE1 . GLU A 1 61  ? -0.760  -1.669  20.752  1.00 27.36 ? 61   GLU A OE1 1 
ATOM   500  O OE2 . GLU A 1 61  ? -0.642  0.279   21.876  1.00 23.86 ? 61   GLU A OE2 1 
ATOM   501  N N   . VAL A 1 62  ? -1.552  1.963   16.520  1.00 13.95 ? 62   VAL A N   1 
ATOM   502  C CA  . VAL A 1 62  ? -2.793  2.235   15.798  1.00 15.78 ? 62   VAL A CA  1 
ATOM   503  C C   . VAL A 1 62  ? -3.519  0.889   15.606  1.00 16.44 ? 62   VAL A C   1 
ATOM   504  O O   . VAL A 1 62  ? -2.906  -0.071  15.143  1.00 16.35 ? 62   VAL A O   1 
ATOM   505  C CB  . VAL A 1 62  ? -2.475  2.811   14.382  1.00 14.41 ? 62   VAL A CB  1 
ATOM   506  C CG1 . VAL A 1 62  ? -3.794  2.981   13.544  1.00 16.34 ? 62   VAL A CG1 1 
ATOM   507  C CG2 . VAL A 1 62  ? -1.879  4.237   14.548  1.00 16.24 ? 62   VAL A CG2 1 
ATOM   508  N N   . LEU A 1 63  ? -4.778  0.886   16.029  1.00 13.83 ? 63   LEU A N   1 
ATOM   509  C CA  . LEU A 1 63  ? -5.643  -0.333  15.888  1.00 14.88 ? 63   LEU A CA  1 
ATOM   510  C C   . LEU A 1 63  ? -4.913  -1.536  16.567  1.00 16.77 ? 63   LEU A C   1 
ATOM   511  O O   . LEU A 1 63  ? -4.987  -2.700  16.103  1.00 19.16 ? 63   LEU A O   1 
ATOM   512  C CB  . LEU A 1 63  ? -5.901  -0.674  14.364  1.00 16.43 ? 63   LEU A CB  1 
ATOM   513  C CG  . LEU A 1 63  ? -6.943  0.343   13.908  1.00 16.15 ? 63   LEU A CG  1 
ATOM   514  C CD1 . LEU A 1 63  ? -7.018  0.182   12.291  1.00 16.86 ? 63   LEU A CD1 1 
ATOM   515  C CD2 . LEU A 1 63  ? -8.359  0.056   14.492  1.00 16.15 ? 63   LEU A CD2 1 
ATOM   516  N N   . GLY A 1 64  ? -4.215  -1.223  17.642  1.00 14.56 ? 64   GLY A N   1 
ATOM   517  C CA  . GLY A 1 64  ? -3.581  -2.300  18.375  1.00 16.77 ? 64   GLY A CA  1 
ATOM   518  C C   . GLY A 1 64  ? -2.292  -2.845  17.826  1.00 19.64 ? 64   GLY A C   1 
ATOM   519  O O   . GLY A 1 64  ? -1.770  -3.842  18.327  1.00 20.82 ? 64   GLY A O   1 
ATOM   520  N N   . ARG A 1 65  ? -1.791  -2.206  16.785  1.00 16.16 ? 65   ARG A N   1 
ATOM   521  C CA  . ARG A 1 65  ? -0.559  -2.688  16.131  1.00 15.43 ? 65   ARG A CA  1 
ATOM   522  C C   . ARG A 1 65  ? 0.512   -1.609  16.432  1.00 17.55 ? 65   ARG A C   1 
ATOM   523  O O   . ARG A 1 65  ? 0.247   -0.369  16.366  1.00 15.33 ? 65   ARG A O   1 
ATOM   524  C CB  . ARG A 1 65  ? -0.710  -2.726  14.592  1.00 16.31 ? 65   ARG A CB  1 
ATOM   525  C CG  . ARG A 1 65  ? -1.667  -3.862  14.095  1.00 18.31 ? 65   ARG A CG  1 
ATOM   526  C CD  . ARG A 1 65  ? -0.945  -5.199  14.411  1.00 19.07 ? 65   ARG A CD  1 
ATOM   527  N NE  . ARG A 1 65  ? 0.322   -5.330  13.649  1.00 19.21 ? 65   ARG A NE  1 
ATOM   528  C CZ  . ARG A 1 65  ? 0.566   -6.192  12.666  1.00 19.56 ? 65   ARG A CZ  1 
ATOM   529  N NH1 . ARG A 1 65  ? -0.357  -7.116  12.272  1.00 20.92 ? 65   ARG A NH1 1 
ATOM   530  N NH2 . ARG A 1 65  ? 1.734   -6.063  12.021  1.00 15.82 ? 65   ARG A NH2 1 
ATOM   531  N N   . LYS A 1 66  ? 1.722   -2.038  16.730  1.00 14.52 ? 66   LYS A N   1 
ATOM   532  C CA  . LYS A 1 66  ? 2.792   -0.968  16.934  1.00 14.38 ? 66   LYS A CA  1 
ATOM   533  C C   . LYS A 1 66  ? 2.891   -0.201  15.602  1.00 14.38 ? 66   LYS A C   1 
ATOM   534  O O   . LYS A 1 66  ? 2.929   -0.846  14.541  1.00 13.75 ? 66   LYS A O   1 
ATOM   535  C CB  . LYS A 1 66  ? 4.159   -1.694  17.069  1.00 19.55 ? 66   LYS A CB  1 
ATOM   536  C CG  . LYS A 1 66  ? 4.287   -2.368  18.480  1.00 29.38 ? 66   LYS A CG  1 
ATOM   537  C CD  . LYS A 1 66  ? 5.160   -3.691  18.378  1.00 38.07 ? 66   LYS A CD  1 
ATOM   538  C CE  . LYS A 1 66  ? 4.954   -4.685  19.639  1.00 42.33 ? 66   LYS A CE  1 
ATOM   539  N NZ  . LYS A 1 66  ? 5.843   -4.079  20.727  1.00 37.03 ? 66   LYS A NZ  1 
ATOM   540  N N   . CYS A 1 67  ? 3.099   1.099   15.729  1.00 13.84 ? 67   CYS A N   1 
ATOM   541  C CA  . CYS A 1 67  ? 3.143   1.959   14.512  1.00 14.30 ? 67   CYS A CA  1 
ATOM   542  C C   . CYS A 1 67  ? 4.600   2.427   14.412  1.00 16.96 ? 67   CYS A C   1 
ATOM   543  O O   . CYS A 1 67  ? 5.188   2.888   15.384  1.00 17.34 ? 67   CYS A O   1 
ATOM   544  C CB  . CYS A 1 67  ? 2.179   3.096   14.783  1.00 14.43 ? 67   CYS A CB  1 
ATOM   545  S SG  . CYS A 1 67  ? 2.020   4.164   13.245  1.00 15.09 ? 67   CYS A SG  1 
ATOM   546  N N   . TYR A 1 68  ? 5.139   2.373   13.182  1.00 13.68 ? 68   TYR A N   1 
ATOM   547  C CA  . TYR A 1 68  ? 6.572   2.650   12.987  1.00 13.56 ? 68   TYR A CA  1 
ATOM   548  C C   . TYR A 1 68  ? 6.717   4.012   12.250  1.00 15.87 ? 68   TYR A C   1 
ATOM   549  O O   . TYR A 1 68  ? 5.881   4.429   11.469  1.00 16.14 ? 68   TYR A O   1 
ATOM   550  C CB  . TYR A 1 68  ? 7.116   1.510   12.109  1.00 13.20 ? 68   TYR A CB  1 
ATOM   551  C CG  . TYR A 1 68  ? 7.167   0.216   12.921  1.00 17.94 ? 68   TYR A CG  1 
ATOM   552  C CD1 . TYR A 1 68  ? 6.073   -0.650  12.979  1.00 16.45 ? 68   TYR A CD1 1 
ATOM   553  C CD2 . TYR A 1 68  ? 8.299   -0.083  13.646  1.00 14.34 ? 68   TYR A CD2 1 
ATOM   554  C CE1 . TYR A 1 68  ? 6.156   -1.850  13.781  1.00 16.37 ? 68   TYR A CE1 1 
ATOM   555  C CE2 . TYR A 1 68  ? 8.372   -1.233  14.410  1.00 17.63 ? 68   TYR A CE2 1 
ATOM   556  C CZ  . TYR A 1 68  ? 7.294   -2.102  14.490  1.00 21.47 ? 68   TYR A CZ  1 
ATOM   557  O OH  . TYR A 1 68  ? 7.293   -3.237  15.290  1.00 20.47 ? 68   TYR A OH  1 
ATOM   558  N N   . PRO A 1 69  ? 7.862   4.644   12.475  1.00 16.46 ? 69   PRO A N   1 
ATOM   559  C CA  . PRO A 1 69  ? 8.164   5.959   11.884  1.00 18.19 ? 69   PRO A CA  1 
ATOM   560  C C   . PRO A 1 69  ? 8.726   5.857   10.449  1.00 17.27 ? 69   PRO A C   1 
ATOM   561  O O   . PRO A 1 69  ? 8.781   6.895   9.765   1.00 20.86 ? 69   PRO A O   1 
ATOM   562  C CB  . PRO A 1 69  ? 9.156   6.600   12.884  1.00 15.46 ? 69   PRO A CB  1 
ATOM   563  C CG  . PRO A 1 69  ? 9.965   5.350   13.386  1.00 17.75 ? 69   PRO A CG  1 
ATOM   564  C CD  . PRO A 1 69  ? 8.886   4.204   13.515  1.00 18.72 ? 69   PRO A CD  1 
ATOM   565  N N   . SER A 1 70  ? 9.036   4.632   9.987   1.00 14.57 ? 70   SER A N   1 
ATOM   566  C CA  . SER A 1 70  ? 9.513   4.453   8.624   1.00 18.42 ? 70   SER A CA  1 
ATOM   567  C C   . SER A 1 70  ? 9.268   2.990   8.254   1.00 19.82 ? 70   SER A C   1 
ATOM   568  O O   . SER A 1 70  ? 9.212   2.089   9.157   1.00 18.04 ? 70   SER A O   1 
ATOM   569  C CB  . SER A 1 70  ? 11.016  4.827   8.622   1.00 22.34 ? 70   SER A CB  1 
ATOM   570  O OG  . SER A 1 70  ? 11.782  3.900   8.028   1.00 28.12 ? 70   SER A OG  1 
ATOM   571  N N   . VAL A 1 71  ? 9.167   2.690   6.948   1.00 16.02 ? 71   VAL A N   1 
ATOM   572  C CA  . VAL A 1 71  ? 9.006   1.267   6.558   1.00 14.35 ? 71   VAL A CA  1 
ATOM   573  C C   . VAL A 1 71  ? 10.295  0.537   6.957   1.00 19.42 ? 71   VAL A C   1 
ATOM   574  O O   . VAL A 1 71  ? 10.293  -0.682  7.159   1.00 17.92 ? 71   VAL A O   1 
ATOM   575  C CB  . VAL A 1 71  ? 8.789   1.266   4.998   1.00 18.18 ? 71   VAL A CB  1 
ATOM   576  C CG1 . VAL A 1 71  ? 8.882   -0.227  4.495   1.00 18.73 ? 71   VAL A CG1 1 
ATOM   577  C CG2 . VAL A 1 71  ? 7.443   1.990   4.620   1.00 17.98 ? 71   VAL A CG2 1 
ATOM   578  N N   . LEU A 1 72  ? 11.446  1.254   6.992   1.00 18.94 ? 72   LEU A N   1 
ATOM   579  C CA  . LEU A 1 72  ? 12.713  0.577   7.273   1.00 16.86 ? 72   LEU A CA  1 
ATOM   580  C C   . LEU A 1 72  ? 12.834  0.125   8.750   1.00 19.03 ? 72   LEU A C   1 
ATOM   581  O O   . LEU A 1 72  ? 13.697  -0.746  9.040   1.00 22.58 ? 72   LEU A O   1 
ATOM   582  C CB  . LEU A 1 72  ? 13.911  1.528   6.955   1.00 22.04 ? 72   LEU A CB  1 
ATOM   583  C CG  . LEU A 1 72  ? 13.987  1.680   5.414   1.00 23.66 ? 72   LEU A CG  1 
ATOM   584  C CD1 . LEU A 1 72  ? 15.114  2.754   5.055   1.00 30.05 ? 72   LEU A CD1 1 
ATOM   585  C CD2 . LEU A 1 72  ? 14.287  0.295   4.769   1.00 30.21 ? 72   LEU A CD2 1 
ATOM   586  N N   . ASP A 1 73  ? 12.022  0.705   9.633   1.00 15.97 ? 73   ASP A N   1 
ATOM   587  C CA  . ASP A 1 73  ? 12.049  0.306   11.045  1.00 19.30 ? 73   ASP A CA  1 
ATOM   588  C C   . ASP A 1 73  ? 11.200  -0.899  11.343  1.00 18.85 ? 73   ASP A C   1 
ATOM   589  O O   . ASP A 1 73  ? 11.318  -1.434  12.488  1.00 19.34 ? 73   ASP A O   1 
ATOM   590  C CB  . ASP A 1 73  ? 11.565  1.447   11.971  1.00 18.51 ? 73   ASP A CB  1 
ATOM   591  C CG  . ASP A 1 73  ? 12.620  2.560   11.993  1.00 28.04 ? 73   ASP A CG  1 
ATOM   592  O OD1 . ASP A 1 73  ? 12.467  3.614   11.451  1.00 32.59 ? 73   ASP A OD1 1 
ATOM   593  O OD2 . ASP A 1 73  ? 13.683  2.295   12.458  1.00 39.91 ? 73   ASP A OD2 1 
ATOM   594  N N   . ILE A 1 74  ? 10.489  -1.438  10.316  1.00 17.22 ? 74   ILE A N   1 
ATOM   595  C CA  . ILE A 1 74  ? 9.606   -2.598  10.614  1.00 17.31 ? 74   ILE A CA  1 
ATOM   596  C C   . ILE A 1 74  ? 10.477  -3.846  10.760  1.00 15.97 ? 74   ILE A C   1 
ATOM   597  O O   . ILE A 1 74  ? 11.263  -4.210  9.888   1.00 18.15 ? 74   ILE A O   1 
ATOM   598  C CB  . ILE A 1 74  ? 8.637   -2.764  9.460   1.00 13.80 ? 74   ILE A CB  1 
ATOM   599  C CG1 . ILE A 1 74  ? 7.680   -1.524  9.488   1.00 16.48 ? 74   ILE A CG1 1 
ATOM   600  C CG2 . ILE A 1 74  ? 7.819   -4.148  9.584   1.00 16.14 ? 74   ILE A CG2 1 
ATOM   601  C CD1 . ILE A 1 74  ? 6.706   -1.493  8.188   1.00 14.51 ? 74   ILE A CD1 1 
ATOM   602  N N   . PRO A 1 75  ? 10.301  -4.576  11.901  1.00 17.42 ? 75   PRO A N   1 
ATOM   603  C CA  . PRO A 1 75  ? 11.133  -5.788  12.122  1.00 20.61 ? 75   PRO A CA  1 
ATOM   604  C C   . PRO A 1 75  ? 10.582  -7.069  11.445  1.00 23.48 ? 75   PRO A C   1 
ATOM   605  O O   . PRO A 1 75  ? 10.285  -8.116  12.113  1.00 25.04 ? 75   PRO A O   1 
ATOM   606  C CB  . PRO A 1 75  ? 11.175  -5.917  13.666  1.00 21.45 ? 75   PRO A CB  1 
ATOM   607  C CG  . PRO A 1 75  ? 9.746   -5.298  14.090  1.00 23.78 ? 75   PRO A CG  1 
ATOM   608  C CD  . PRO A 1 75  ? 9.342   -4.232  13.016  1.00 17.85 ? 75   PRO A CD  1 
ATOM   609  N N   . ASP A 1 76  ? 10.340  -6.964  10.156  1.00 17.04 ? 76   ASP A N   1 
ATOM   610  C CA  . ASP A 1 76  ? 9.816   -8.089  9.419   1.00 16.97 ? 76   ASP A CA  1 
ATOM   611  C C   . ASP A 1 76  ? 10.004  -7.777  7.955   1.00 17.87 ? 76   ASP A C   1 
ATOM   612  O O   . ASP A 1 76  ? 10.340  -6.631  7.614   1.00 21.02 ? 76   ASP A O   1 
ATOM   613  C CB  . ASP A 1 76  ? 8.290   -8.180  9.694   1.00 16.83 ? 76   ASP A CB  1 
ATOM   614  C CG  . ASP A 1 76  ? 7.711   -9.601  9.406   1.00 20.05 ? 76   ASP A CG  1 
ATOM   615  O OD1 . ASP A 1 76  ? 8.398   -10.494 8.813   1.00 20.88 ? 76   ASP A OD1 1 
ATOM   616  O OD2 . ASP A 1 76  ? 6.500   -9.754  9.743   1.00 19.71 ? 76   ASP A OD2 1 
ATOM   617  N N   . LYS A 1 77  ? 9.766   -8.757  7.106   1.00 16.37 ? 77   LYS A N   1 
ATOM   618  C CA  . LYS A 1 77  ? 9.818   -8.434  5.678   1.00 18.17 ? 77   LYS A CA  1 
ATOM   619  C C   . LYS A 1 77  ? 8.536   -7.690  5.363   1.00 19.71 ? 77   LYS A C   1 
ATOM   620  O O   . LYS A 1 77  ? 7.501   -7.846  6.001   1.00 19.23 ? 77   LYS A O   1 
ATOM   621  C CB  . LYS A 1 77  ? 9.920   -9.703  4.817   1.00 24.42 ? 77   LYS A CB  1 
ATOM   622  C CG  . LYS A 1 77  ? 8.808   -10.589 5.091   1.00 26.37 ? 77   LYS A CG  1 
ATOM   623  C CD  . LYS A 1 77  ? 8.986   -11.813 4.208   1.00 41.52 ? 77   LYS A CD  1 
ATOM   624  C CE  . LYS A 1 77  ? 8.017   -12.872 4.633   1.00 41.77 ? 77   LYS A CE  1 
ATOM   625  N NZ  . LYS A 1 77  ? 7.978   -13.908 3.524   1.00 50.40 ? 77   LYS A NZ  1 
ATOM   626  N N   . ILE A 1 78  ? 8.601   -6.837  4.321   1.00 16.59 ? 78   ILE A N   1 
ATOM   627  C CA  . ILE A 1 78  ? 7.409   -6.136  3.899   1.00 17.08 ? 78   ILE A CA  1 
ATOM   628  C C   . ILE A 1 78  ? 7.371   -6.439  2.383   1.00 18.52 ? 78   ILE A C   1 
ATOM   629  O O   . ILE A 1 78  ? 8.387   -6.370  1.734   1.00 20.41 ? 78   ILE A O   1 
ATOM   630  C CB  . ILE A 1 78  ? 7.571   -4.577  4.164   1.00 18.27 ? 78   ILE A CB  1 
ATOM   631  C CG1 . ILE A 1 78  ? 7.320   -4.320  5.665   1.00 18.28 ? 78   ILE A CG1 1 
ATOM   632  C CG2 . ILE A 1 78  ? 6.608   -3.768  3.297   1.00 18.11 ? 78   ILE A CG2 1 
ATOM   633  C CD1 . ILE A 1 78  ? 5.878   -4.779  6.166   1.00 19.72 ? 78   ILE A CD1 1 
ATOM   634  N N   . GLU A 1 79  ? 6.174   -6.735  1.922   1.00 18.35 ? 79   GLU A N   1 
ATOM   635  C CA  . GLU A 1 79  ? 5.940   -7.085  0.496   1.00 18.31 ? 79   GLU A CA  1 
ATOM   636  C C   . GLU A 1 79  ? 5.230   -5.905  -0.244  1.00 20.04 ? 79   GLU A C   1 
ATOM   637  O O   . GLU A 1 79  ? 5.524   -5.670  -1.397  1.00 19.53 ? 79   GLU A O   1 
ATOM   638  C CB  . GLU A 1 79  ? 5.012   -8.325  0.432   1.00 18.75 ? 79   GLU A CB  1 
ATOM   639  C CG  . GLU A 1 79  ? 5.829   -9.531  0.819   1.00 20.09 ? 79   GLU A CG  1 
ATOM   640  C CD  . GLU A 1 79  ? 5.006   -10.714 1.371   1.00 20.23 ? 79   GLU A CD  1 
ATOM   641  O OE1 . GLU A 1 79  ? 3.812   -10.600 1.739   1.00 23.88 ? 79   GLU A OE1 1 
ATOM   642  O OE2 . GLU A 1 79  ? 5.598   -11.848 1.371   1.00 28.92 ? 79   GLU A OE2 1 
ATOM   643  N N   . VAL A 1 80  ? 4.265   -5.277  0.409   1.00 18.44 ? 80   VAL A N   1 
ATOM   644  C CA  . VAL A 1 80  ? 3.526   -4.201  -0.228  1.00 17.16 ? 80   VAL A CA  1 
ATOM   645  C C   . VAL A 1 80  ? 3.576   -2.939  0.605   1.00 17.49 ? 80   VAL A C   1 
ATOM   646  O O   . VAL A 1 80  ? 3.350   -3.042  1.796   1.00 17.26 ? 80   VAL A O   1 
ATOM   647  C CB  . VAL A 1 80  ? 2.056   -4.550  -0.348  1.00 17.55 ? 80   VAL A CB  1 
ATOM   648  C CG1 . VAL A 1 80  ? 1.268   -3.402  -1.061  1.00 17.52 ? 80   VAL A CG1 1 
ATOM   649  C CG2 . VAL A 1 80  ? 1.844   -5.878  -1.177  1.00 17.69 ? 80   VAL A CG2 1 
ATOM   650  N N   . VAL A 1 81  ? 3.943   -1.792  0.005   1.00 15.63 ? 81   VAL A N   1 
ATOM   651  C CA  . VAL A 1 81  ? 3.791   -0.513  0.732   1.00 16.32 ? 81   VAL A CA  1 
ATOM   652  C C   . VAL A 1 81  ? 2.537   0.095   0.224   1.00 17.76 ? 81   VAL A C   1 
ATOM   653  O O   . VAL A 1 81  ? 2.521   0.455   -0.990  1.00 19.44 ? 81   VAL A O   1 
ATOM   654  C CB  . VAL A 1 81  ? 5.049   0.327   0.507   1.00 14.95 ? 81   VAL A CB  1 
ATOM   655  C CG1 . VAL A 1 81  ? 4.846   1.677   1.212   1.00 16.31 ? 81   VAL A CG1 1 
ATOM   656  C CG2 . VAL A 1 81  ? 6.331   -0.425  1.166   1.00 18.91 ? 81   VAL A CG2 1 
ATOM   657  N N   . ASP A 1 82  ? 1.507   0.257   1.070   1.00 17.02 ? 82   ASP A N   1 
ATOM   658  C CA  . ASP A 1 82  ? 0.123   0.690   0.655   1.00 17.25 ? 82   ASP A CA  1 
ATOM   659  C C   . ASP A 1 82  ? 0.086   2.144   1.148   1.00 20.10 ? 82   ASP A C   1 
ATOM   660  O O   . ASP A 1 82  ? 0.155   2.387   2.338   1.00 16.85 ? 82   ASP A O   1 
ATOM   661  C CB  . ASP A 1 82  ? -0.853  -0.236  1.368   1.00 16.30 ? 82   ASP A CB  1 
ATOM   662  C CG  . ASP A 1 82  ? -2.249  0.043   1.087   1.00 16.08 ? 82   ASP A CG  1 
ATOM   663  O OD1 . ASP A 1 82  ? -2.487  0.606   -0.084  1.00 18.84 ? 82   ASP A OD1 1 
ATOM   664  O OD2 . ASP A 1 82  ? -3.173  -0.262  1.839   1.00 19.39 ? 82   ASP A OD2 1 
ATOM   665  N N   . LEU A 1 83  ? -0.022  3.090   0.195   1.00 16.82 ? 83   LEU A N   1 
ATOM   666  C CA  . LEU A 1 83  ? 0.191   4.524   0.520   1.00 17.90 ? 83   LEU A CA  1 
ATOM   667  C C   . LEU A 1 83  ? -1.073  5.298   0.745   1.00 20.38 ? 83   LEU A C   1 
ATOM   668  O O   . LEU A 1 83  ? -1.949  5.262   -0.115  1.00 16.08 ? 83   LEU A O   1 
ATOM   669  C CB  . LEU A 1 83  ? 0.966   5.175   -0.647  1.00 16.08 ? 83   LEU A CB  1 
ATOM   670  C CG  . LEU A 1 83  ? 2.362   4.597   -0.889  1.00 17.49 ? 83   LEU A CG  1 
ATOM   671  C CD1 . LEU A 1 83  ? 2.842   5.037   -2.336  1.00 18.69 ? 83   LEU A CD1 1 
ATOM   672  C CD2 . LEU A 1 83  ? 3.397   5.076   0.227   1.00 16.98 ? 83   LEU A CD2 1 
ATOM   673  N N   . PHE A 1 84  ? -1.232  5.886   1.950   1.00 14.98 ? 84   PHE A N   1 
ATOM   674  C CA  . PHE A 1 84  ? -2.375  6.762   2.278   1.00 17.72 ? 84   PHE A CA  1 
ATOM   675  C C   . PHE A 1 84  ? -1.784  8.150   2.712   1.00 16.42 ? 84   PHE A C   1 
ATOM   676  O O   . PHE A 1 84  ? -2.157  8.714   3.759   1.00 17.91 ? 84   PHE A O   1 
ATOM   677  C CB  . PHE A 1 84  ? -3.175  6.208   3.452   1.00 17.73 ? 84   PHE A CB  1 
ATOM   678  C CG  . PHE A 1 84  ? -4.075  5.044   3.068   1.00 15.36 ? 84   PHE A CG  1 
ATOM   679  C CD1 . PHE A 1 84  ? -5.421  5.288   2.757   1.00 18.74 ? 84   PHE A CD1 1 
ATOM   680  C CD2 . PHE A 1 84  ? -3.579  3.758   3.055   1.00 16.52 ? 84   PHE A CD2 1 
ATOM   681  C CE1 . PHE A 1 84  ? -6.313  4.212   2.437   1.00 17.69 ? 84   PHE A CE1 1 
ATOM   682  C CE2 . PHE A 1 84  ? -4.441  2.686   2.763   1.00 16.89 ? 84   PHE A CE2 1 
ATOM   683  C CZ  . PHE A 1 84  ? -5.777  2.887   2.464   1.00 18.22 ? 84   PHE A CZ  1 
ATOM   684  N N   . VAL A 1 85  ? -0.890  8.658   1.882   1.00 18.14 ? 85   VAL A N   1 
ATOM   685  C CA  . VAL A 1 85  ? -0.338  9.978   2.160   1.00 18.22 ? 85   VAL A CA  1 
ATOM   686  C C   . VAL A 1 85  ? -0.333  10.804  0.848   1.00 19.52 ? 85   VAL A C   1 
ATOM   687  O O   . VAL A 1 85  ? -0.413  10.221  -0.196  1.00 20.47 ? 85   VAL A O   1 
ATOM   688  C CB  . VAL A 1 85  ? 1.138   9.959   2.642   1.00 16.61 ? 85   VAL A CB  1 
ATOM   689  C CG1 . VAL A 1 85  ? 1.162   9.355   4.125   1.00 17.54 ? 85   VAL A CG1 1 
ATOM   690  C CG2 . VAL A 1 85  ? 2.114   9.133   1.746   1.00 18.33 ? 85   VAL A CG2 1 
ATOM   691  N N   . LYS A 1 86  ? -0.220  12.110  0.992   1.00 18.82 ? 86   LYS A N   1 
ATOM   692  C CA  . LYS A 1 86  ? -0.274  12.925  -0.201  1.00 21.09 ? 86   LYS A CA  1 
ATOM   693  C C   . LYS A 1 86  ? 0.826   12.600  -1.145  1.00 21.09 ? 86   LYS A C   1 
ATOM   694  O O   . LYS A 1 86  ? 1.957   12.209  -0.834  1.00 19.74 ? 86   LYS A O   1 
ATOM   695  C CB  . LYS A 1 86  ? -0.251  14.396  0.238   1.00 19.82 ? 86   LYS A CB  1 
ATOM   696  C CG  . LYS A 1 86  ? -1.592  14.718  0.824   1.00 26.55 ? 86   LYS A CG  1 
ATOM   697  C CD  . LYS A 1 86  ? -1.483  16.006  1.648   1.00 38.58 ? 86   LYS A CD  1 
ATOM   698  C CE  . LYS A 1 86  ? -2.798  16.684  1.643   1.00 39.09 ? 86   LYS A CE  1 
ATOM   699  N NZ  . LYS A 1 86  ? -2.934  17.555  2.881   1.00 43.91 ? 86   LYS A NZ  1 
ATOM   700  N N   . PRO A 1 87  ? 0.582   12.932  -2.466  1.00 23.23 ? 87   PRO A N   1 
ATOM   701  C CA  . PRO A 1 87  ? 1.576   12.638  -3.458  1.00 22.32 ? 87   PRO A CA  1 
ATOM   702  C C   . PRO A 1 87  ? 3.005   12.978  -3.219  1.00 22.12 ? 87   PRO A C   1 
ATOM   703  O O   . PRO A 1 87  ? 3.902   12.084  -3.382  1.00 24.29 ? 87   PRO A O   1 
ATOM   704  C CB  . PRO A 1 87  ? 1.042   13.360  -4.746  1.00 22.54 ? 87   PRO A CB  1 
ATOM   705  C CG  . PRO A 1 87  ? -0.450  13.399  -4.556  1.00 19.88 ? 87   PRO A CG  1 
ATOM   706  C CD  . PRO A 1 87  ? -0.664  13.507  -2.994  1.00 28.48 ? 87   PRO A CD  1 
ATOM   707  N N   . LYS A 1 88  ? 3.305   14.245  -2.755  1.00 21.74 ? 88   LYS A N   1 
ATOM   708  C CA  . LYS A 1 88  ? 4.722   14.539  -2.552  1.00 19.86 ? 88   LYS A CA  1 
ATOM   709  C C   . LYS A 1 88  ? 5.386   13.780  -1.421  1.00 23.93 ? 88   LYS A C   1 
ATOM   710  O O   . LYS A 1 88  ? 6.604   13.553  -1.431  1.00 23.47 ? 88   LYS A O   1 
ATOM   711  C CB  . LYS A 1 88  ? 4.990   16.052  -2.353  1.00 26.69 ? 88   LYS A CB  1 
ATOM   712  C CG  . LYS A 1 88  ? 4.863   16.825  -3.745  1.00 33.69 ? 88   LYS A CG  1 
ATOM   713  C CD  . LYS A 1 88  ? 5.698   18.175  -3.727  1.00 44.33 ? 88   LYS A CD  1 
ATOM   714  C CE  . LYS A 1 88  ? 7.159   18.077  -4.459  1.00 52.71 ? 88   LYS A CE  1 
ATOM   715  N NZ  . LYS A 1 88  ? 8.067   19.419  -4.580  1.00 52.68 ? 88   LYS A NZ  1 
ATOM   716  N N   . LEU A 1 89  ? 4.533   13.252  -0.535  1.00 22.59 ? 89   LEU A N   1 
ATOM   717  C CA  . LEU A 1 89  ? 5.106   12.427  0.583   1.00 22.45 ? 89   LEU A CA  1 
ATOM   718  C C   . LEU A 1 89  ? 5.452   11.046  0.069   1.00 24.59 ? 89   LEU A C   1 
ATOM   719  O O   . LEU A 1 89  ? 6.339   10.327  0.615   1.00 26.42 ? 89   LEU A O   1 
ATOM   720  C CB  . LEU A 1 89  ? 4.064   12.265  1.690   1.00 20.80 ? 89   LEU A CB  1 
ATOM   721  C CG  . LEU A 1 89  ? 4.106   13.455  2.680   1.00 27.69 ? 89   LEU A CG  1 
ATOM   722  C CD1 . LEU A 1 89  ? 3.610   14.717  1.972   1.00 33.69 ? 89   LEU A CD1 1 
ATOM   723  C CD2 . LEU A 1 89  ? 3.130   13.199  3.784   1.00 28.75 ? 89   LEU A CD2 1 
ATOM   724  N N   . THR A 1 90  ? 4.825   10.654  -1.041  1.00 20.95 ? 90   THR A N   1 
ATOM   725  C CA  . THR A 1 90  ? 5.115   9.274   -1.454  1.00 23.98 ? 90   THR A CA  1 
ATOM   726  C C   . THR A 1 90  ? 6.502   9.019   -1.993  1.00 28.21 ? 90   THR A C   1 
ATOM   727  O O   . THR A 1 90  ? 6.930   7.857   -2.055  1.00 26.53 ? 90   THR A O   1 
ATOM   728  C CB  . THR A 1 90  ? 4.095   8.715   -2.524  1.00 23.21 ? 90   THR A CB  1 
ATOM   729  O OG1 . THR A 1 90  ? 4.270   9.507   -3.725  1.00 24.87 ? 90   THR A OG1 1 
ATOM   730  C CG2 . THR A 1 90  ? 2.661   8.819   -2.050  1.00 22.02 ? 90   THR A CG2 1 
ATOM   731  N N   . MET A 1 91  ? 7.250   10.047  -2.404  1.00 26.32 ? 91   MET A N   1 
ATOM   732  C CA  . MET A 1 91  ? 8.554   9.745   -2.987  1.00 31.42 ? 91   MET A CA  1 
ATOM   733  C C   . MET A 1 91  ? 9.458   9.148   -1.937  1.00 29.81 ? 91   MET A C   1 
ATOM   734  O O   . MET A 1 91  ? 10.217  8.171   -2.147  1.00 27.58 ? 91   MET A O   1 
ATOM   735  C CB  . MET A 1 91  ? 9.161   11.041  -3.557  1.00 35.96 ? 91   MET A CB  1 
ATOM   736  C CG  . MET A 1 91  ? 10.674  10.946  -3.772  1.00 45.40 ? 91   MET A CG  1 
ATOM   737  S SD  . MET A 1 91  ? 10.951  9.668   -5.015  1.00 51.56 ? 91   MET A SD  1 
ATOM   738  C CE  . MET A 1 91  ? 9.917   10.407  -6.336  1.00 50.97 ? 91   MET A CE  1 
ATOM   739  N N   . GLU A 1 92  ? 9.375   9.720   -0.757  1.00 26.88 ? 92   GLU A N   1 
ATOM   740  C CA  . GLU A 1 92  ? 10.188  9.232   0.359   1.00 28.07 ? 92   GLU A CA  1 
ATOM   741  C C   . GLU A 1 92  ? 9.854   7.796   0.725   1.00 24.39 ? 92   GLU A C   1 
ATOM   742  O O   . GLU A 1 92  ? 10.746  7.006   0.978   1.00 22.01 ? 92   GLU A O   1 
ATOM   743  C CB  . GLU A 1 92  ? 9.918   10.087  1.528   1.00 31.48 ? 92   GLU A CB  1 
ATOM   744  C CG  . GLU A 1 92  ? 10.562  11.400  1.282   1.00 41.23 ? 92   GLU A CG  1 
ATOM   745  C CD  . GLU A 1 92  ? 12.087  11.265  1.126   1.00 45.26 ? 92   GLU A CD  1 
ATOM   746  O OE1 . GLU A 1 92  ? 12.723  10.331  1.755   1.00 42.04 ? 92   GLU A OE1 1 
ATOM   747  O OE2 . GLU A 1 92  ? 12.649  12.132  0.411   1.00 48.05 ? 92   GLU A OE2 1 
ATOM   748  N N   . TYR A 1 93  ? 8.578   7.501   0.738   1.00 21.97 ? 93   TYR A N   1 
ATOM   749  C CA  . TYR A 1 93  ? 8.109   6.166   1.131   1.00 20.94 ? 93   TYR A CA  1 
ATOM   750  C C   . TYR A 1 93  ? 8.432   5.129   0.071   1.00 25.30 ? 93   TYR A C   1 
ATOM   751  O O   . TYR A 1 93  ? 8.692   3.958   0.396   1.00 21.60 ? 93   TYR A O   1 
ATOM   752  C CB  . TYR A 1 93  ? 6.595   6.186   1.535   1.00 20.17 ? 93   TYR A CB  1 
ATOM   753  C CG  . TYR A 1 93  ? 6.483   6.769   2.922   1.00 18.98 ? 93   TYR A CG  1 
ATOM   754  C CD1 . TYR A 1 93  ? 5.927   8.043   3.139   1.00 18.31 ? 93   TYR A CD1 1 
ATOM   755  C CD2 . TYR A 1 93  ? 6.991   6.072   4.019   1.00 18.48 ? 93   TYR A CD2 1 
ATOM   756  C CE1 . TYR A 1 93  ? 5.845   8.630   4.416   1.00 17.85 ? 93   TYR A CE1 1 
ATOM   757  C CE2 . TYR A 1 93  ? 6.957   6.630   5.299   1.00 16.32 ? 93   TYR A CE2 1 
ATOM   758  C CZ  . TYR A 1 93  ? 6.394   7.849   5.508   1.00 18.92 ? 93   TYR A CZ  1 
ATOM   759  O OH  . TYR A 1 93  ? 6.257   8.415   6.739   1.00 17.86 ? 93   TYR A OH  1 
ATOM   760  N N   . VAL A 1 94  ? 8.504   5.564   -1.198  1.00 21.87 ? 94   VAL A N   1 
ATOM   761  C CA  . VAL A 1 94  ? 8.877   4.640   -2.285  1.00 22.30 ? 94   VAL A CA  1 
ATOM   762  C C   . VAL A 1 94  ? 10.346  4.367   -2.160  1.00 22.11 ? 94   VAL A C   1 
ATOM   763  O O   . VAL A 1 94  ? 10.825  3.210   -2.371  1.00 24.39 ? 94   VAL A O   1 
ATOM   764  C CB  . VAL A 1 94  ? 8.521   5.305   -3.719  1.00 22.13 ? 94   VAL A CB  1 
ATOM   765  C CG1 . VAL A 1 94  ? 9.402   4.635   -4.823  1.00 26.86 ? 94   VAL A CG1 1 
ATOM   766  C CG2 . VAL A 1 94  ? 7.056   5.055   -4.030  1.00 24.68 ? 94   VAL A CG2 1 
ATOM   767  N N   . GLU A 1 95  ? 11.098  5.398   -1.778  1.00 25.42 ? 95   GLU A N   1 
ATOM   768  C CA  . GLU A 1 95  ? 12.529  5.167   -1.547  1.00 27.45 ? 95   GLU A CA  1 
ATOM   769  C C   . GLU A 1 95  ? 12.671  4.171   -0.383  1.00 28.27 ? 95   GLU A C   1 
ATOM   770  O O   . GLU A 1 95  ? 13.513  3.270   -0.413  1.00 28.42 ? 95   GLU A O   1 
ATOM   771  C CB  . GLU A 1 95  ? 13.298  6.431   -1.127  1.00 32.37 ? 95   GLU A CB  1 
ATOM   772  C CG  . GLU A 1 95  ? 13.620  7.383   -2.244  1.00 42.10 ? 95   GLU A CG  1 
ATOM   773  C CD  . GLU A 1 95  ? 14.504  6.657   -3.187  1.00 52.88 ? 95   GLU A CD  1 
ATOM   774  O OE1 . GLU A 1 95  ? 15.593  6.153   -2.719  1.00 55.53 ? 95   GLU A OE1 1 
ATOM   775  O OE2 . GLU A 1 95  ? 14.090  6.528   -4.362  1.00 56.40 ? 95   GLU A OE2 1 
ATOM   776  N N   . GLN A 1 96  ? 11.916  4.374   0.683   1.00 23.56 ? 96   GLN A N   1 
ATOM   777  C CA  . GLN A 1 96  ? 12.074  3.391   1.780   1.00 20.92 ? 96   GLN A CA  1 
ATOM   778  C C   . GLN A 1 96  ? 11.688  1.978   1.275   1.00 22.06 ? 96   GLN A C   1 
ATOM   779  O O   . GLN A 1 96  ? 12.389  0.963   1.650   1.00 26.40 ? 96   GLN A O   1 
ATOM   780  C CB  . GLN A 1 96  ? 11.117  3.800   2.943   1.00 21.06 ? 96   GLN A CB  1 
ATOM   781  C CG  . GLN A 1 96  ? 11.558  5.090   3.711   1.00 20.19 ? 96   GLN A CG  1 
ATOM   782  C CD  . GLN A 1 96  ? 10.547  5.473   4.721   1.00 20.23 ? 96   GLN A CD  1 
ATOM   783  O OE1 . GLN A 1 96  ? 9.651   4.656   5.112   1.00 21.55 ? 96   GLN A OE1 1 
ATOM   784  N NE2 . GLN A 1 96  ? 10.637  6.718   5.202   1.00 21.80 ? 96   GLN A NE2 1 
ATOM   785  N N   . ALA A 1 97  ? 10.588  1.877   0.539   1.00 22.41 ? 97   ALA A N   1 
ATOM   786  C CA  . ALA A 1 97  ? 10.121  0.596   -0.001  1.00 23.04 ? 97   ALA A CA  1 
ATOM   787  C C   . ALA A 1 97  ? 11.205  -0.140  -0.799  1.00 26.11 ? 97   ALA A C   1 
ATOM   788  O O   . ALA A 1 97  ? 11.424  -1.340  -0.664  1.00 25.02 ? 97   ALA A O   1 
ATOM   789  C CB  . ALA A 1 97  ? 8.898   0.803   -0.912  1.00 24.57 ? 97   ALA A CB  1 
ATOM   790  N N   . ILE A 1 98  ? 11.927  0.611   -1.634  1.00 24.74 ? 98   ILE A N   1 
ATOM   791  C CA  . ILE A 1 98  ? 13.026  0.024   -2.371  1.00 26.98 ? 98   ILE A CA  1 
ATOM   792  C C   . ILE A 1 98  ? 14.137  -0.474  -1.476  1.00 26.13 ? 98   ILE A C   1 
ATOM   793  O O   . ILE A 1 98  ? 14.644  -1.596  -1.694  1.00 28.74 ? 98   ILE A O   1 
ATOM   794  C CB  . ILE A 1 98  ? 13.578  1.137   -3.377  1.00 27.92 ? 98   ILE A CB  1 
ATOM   795  C CG1 . ILE A 1 98  ? 12.451  1.429   -4.416  1.00 29.89 ? 98   ILE A CG1 1 
ATOM   796  C CG2 . ILE A 1 98  ? 14.972  0.650   -4.051  1.00 30.83 ? 98   ILE A CG2 1 
ATOM   797  C CD1 . ILE A 1 98  ? 12.794  2.721   -5.302  1.00 29.11 ? 98   ILE A CD1 1 
ATOM   798  N N   . LYS A 1 99  ? 14.600  0.327   -0.546  1.00 24.01 ? 99   LYS A N   1 
ATOM   799  C CA  . LYS A 1 99  ? 15.652  -0.096  0.353   1.00 25.70 ? 99   LYS A CA  1 
ATOM   800  C C   . LYS A 1 99  ? 15.212  -1.300  1.214   1.00 29.33 ? 99   LYS A C   1 
ATOM   801  O O   . LYS A 1 99  ? 16.032  -2.104  1.580   1.00 27.73 ? 99   LYS A O   1 
ATOM   802  C CB  . LYS A 1 99  ? 16.099  1.029   1.292   1.00 25.71 ? 99   LYS A CB  1 
ATOM   803  C CG  . LYS A 1 99  ? 16.793  2.183   0.519   1.00 32.07 ? 99   LYS A CG  1 
ATOM   804  C CD  . LYS A 1 99  ? 17.366  3.327   1.440   1.00 31.29 ? 99   LYS A CD  1 
ATOM   805  C CE  . LYS A 1 99  ? 17.919  4.538   0.556   1.00 35.71 ? 99   LYS A CE  1 
ATOM   806  N NZ  . LYS A 1 99  ? 18.201  5.740   1.424   1.00 38.05 ? 99   LYS A NZ  1 
ATOM   807  N N   . LYS A 1 100 ? 13.907  -1.424  1.495   1.00 24.08 ? 100  LYS A N   1 
ATOM   808  C CA  . LYS A 1 100 ? 13.414  -2.514  2.350   1.00 23.85 ? 100  LYS A CA  1 
ATOM   809  C C   . LYS A 1 100 ? 13.269  -3.812  1.496   1.00 22.93 ? 100  LYS A C   1 
ATOM   810  O O   . LYS A 1 100 ? 13.145  -4.897  2.065   1.00 23.87 ? 100  LYS A O   1 
ATOM   811  C CB  . LYS A 1 100 ? 12.012  -2.095  2.860   1.00 21.92 ? 100  LYS A CB  1 
ATOM   812  C CG  . LYS A 1 100 ? 11.298  -3.129  3.730   1.00 22.07 ? 100  LYS A CG  1 
ATOM   813  C CD  . LYS A 1 100 ? 12.140  -3.262  5.038   1.00 21.51 ? 100  LYS A CD  1 
ATOM   814  C CE  . LYS A 1 100 ? 11.300  -3.887  6.135   1.00 21.33 ? 100  LYS A CE  1 
ATOM   815  N NZ  . LYS A 1 100 ? 12.192  -4.435  7.196   1.00 27.98 ? 100  LYS A NZ  1 
ATOM   816  N N   . GLY A 1 101 ? 13.248  -3.732  0.146   1.00 23.75 ? 101  GLY A N   1 
ATOM   817  C CA  . GLY A 1 101 ? 13.070  -4.960  -0.635  1.00 22.66 ? 101  GLY A CA  1 
ATOM   818  C C   . GLY A 1 101 ? 11.599  -5.284  -0.834  1.00 26.44 ? 101  GLY A C   1 
ATOM   819  O O   . GLY A 1 101 ? 11.228  -6.384  -1.142  1.00 25.29 ? 101  GLY A O   1 
ATOM   820  N N   . ALA A 1 102 ? 10.713  -4.280  -0.691  1.00 22.60 ? 102  ALA A N   1 
ATOM   821  C CA  . ALA A 1 102 ? 9.319   -4.560  -0.963  1.00 21.56 ? 102  ALA A CA  1 
ATOM   822  C C   . ALA A 1 102 ? 9.183   -4.943  -2.461  1.00 23.72 ? 102  ALA A C   1 
ATOM   823  O O   . ALA A 1 102 ? 10.076  -4.635  -3.262  1.00 25.02 ? 102  ALA A O   1 
ATOM   824  C CB  . ALA A 1 102 ? 8.439   -3.301  -0.674  1.00 21.69 ? 102  ALA A CB  1 
ATOM   825  N N   . LYS A 1 103 ? 8.095   -5.588  -2.769  1.00 20.39 ? 103  LYS A N   1 
ATOM   826  C CA  . LYS A 1 103 ? 7.776   -6.054  -4.088  1.00 24.99 ? 103  LYS A CA  1 
ATOM   827  C C   . LYS A 1 103 ? 6.787   -5.150  -4.809  1.00 27.14 ? 103  LYS A C   1 
ATOM   828  O O   . LYS A 1 103 ? 6.770   -5.100  -6.058  1.00 24.50 ? 103  LYS A O   1 
ATOM   829  C CB  . LYS A 1 103 ? 7.102   -7.446  -4.044  1.00 25.60 ? 103  LYS A CB  1 
ATOM   830  C CG  . LYS A 1 103 ? 8.065   -8.474  -3.357  1.00 32.65 ? 103  LYS A CG  1 
ATOM   831  C CD  . LYS A 1 103 ? 9.200   -8.798  -4.261  1.00 40.57 ? 103  LYS A CD  1 
ATOM   832  C CE  . LYS A 1 103 ? 10.185  -9.739  -3.505  1.00 47.85 ? 103  LYS A CE  1 
ATOM   833  N NZ  . LYS A 1 103 ? 11.406  -9.819  -4.337  1.00 55.71 ? 103  LYS A NZ  1 
ATOM   834  N N   . VAL A 1 104 ? 5.928   -4.497  -4.042  1.00 24.46 ? 104  VAL A N   1 
ATOM   835  C CA  . VAL A 1 104 ? 4.860   -3.764  -4.651  1.00 20.19 ? 104  VAL A CA  1 
ATOM   836  C C   . VAL A 1 104 ? 4.676   -2.422  -3.981  1.00 24.58 ? 104  VAL A C   1 
ATOM   837  O O   . VAL A 1 104 ? 4.722   -2.375  -2.785  1.00 22.00 ? 104  VAL A O   1 
ATOM   838  C CB  . VAL A 1 104 ? 3.536   -4.488  -4.419  1.00 21.29 ? 104  VAL A CB  1 
ATOM   839  C CG1 . VAL A 1 104 ? 2.279   -3.749  -5.005  1.00 21.76 ? 104  VAL A CG1 1 
ATOM   840  C CG2 . VAL A 1 104 ? 3.545   -5.916  -5.068  1.00 23.84 ? 104  VAL A CG2 1 
ATOM   841  N N   . VAL A 1 105 ? 4.427   -1.354  -4.782  1.00 20.89 ? 105  VAL A N   1 
ATOM   842  C CA  . VAL A 1 105 ? 4.056   -0.005  -4.225  1.00 21.27 ? 105  VAL A CA  1 
ATOM   843  C C   . VAL A 1 105 ? 2.622   0.145   -4.677  1.00 25.40 ? 105  VAL A C   1 
ATOM   844  O O   . VAL A 1 105 ? 2.311   -0.046  -5.887  1.00 26.99 ? 105  VAL A O   1 
ATOM   845  C CB  . VAL A 1 105 ? 4.944   1.150   -4.780  1.00 23.42 ? 105  VAL A CB  1 
ATOM   846  C CG1 . VAL A 1 105 ? 4.341   2.555   -4.330  1.00 27.42 ? 105  VAL A CG1 1 
ATOM   847  C CG2 . VAL A 1 105 ? 6.308   1.066   -4.092  1.00 26.83 ? 105  VAL A CG2 1 
ATOM   848  N N   . TRP A 1 106 ? 1.698   0.438   -3.748  1.00 18.41 ? 106  TRP A N   1 
ATOM   849  C CA  . TRP A 1 106 ? 0.334   0.570   -4.090  1.00 18.89 ? 106  TRP A CA  1 
ATOM   850  C C   . TRP A 1 106 ? -0.151  1.989   -3.752  1.00 22.54 ? 106  TRP A C   1 
ATOM   851  O O   . TRP A 1 106 ? -0.296  2.377   -2.599  1.00 21.29 ? 106  TRP A O   1 
ATOM   852  C CB  . TRP A 1 106 ? -0.493  -0.486  -3.329  1.00 19.85 ? 106  TRP A CB  1 
ATOM   853  C CG  . TRP A 1 106 ? -1.950  -0.597  -3.632  1.00 19.83 ? 106  TRP A CG  1 
ATOM   854  C CD1 . TRP A 1 106 ? -2.841  0.387   -3.603  1.00 18.92 ? 106  TRP A CD1 1 
ATOM   855  C CD2 . TRP A 1 106 ? -2.671  -1.777  -4.066  1.00 21.69 ? 106  TRP A CD2 1 
ATOM   856  N NE1 . TRP A 1 106 ? -4.066  -0.042  -3.986  1.00 22.28 ? 106  TRP A NE1 1 
ATOM   857  C CE2 . TRP A 1 106 ? -4.005  -1.374  -4.284  1.00 20.81 ? 106  TRP A CE2 1 
ATOM   858  C CE3 . TRP A 1 106 ? -2.300  -3.160  -4.265  1.00 21.96 ? 106  TRP A CE3 1 
ATOM   859  C CZ2 . TRP A 1 106 ? -5.035  -2.241  -4.689  1.00 18.65 ? 106  TRP A CZ2 1 
ATOM   860  C CZ3 . TRP A 1 106 ? -3.318  -4.044  -4.648  1.00 19.62 ? 106  TRP A CZ3 1 
ATOM   861  C CH2 . TRP A 1 106 ? -4.646  -3.617  -4.858  1.00 17.86 ? 106  TRP A CH2 1 
ATOM   862  N N   . PHE A 1 107 ? -0.461  2.767   -4.800  1.00 21.44 ? 107  PHE A N   1 
ATOM   863  C CA  . PHE A 1 107 ? -0.943  4.145   -4.621  1.00 21.70 ? 107  PHE A CA  1 
ATOM   864  C C   . PHE A 1 107 ? -2.426  4.100   -4.476  1.00 22.71 ? 107  PHE A C   1 
ATOM   865  O O   . PHE A 1 107 ? -3.201  3.758   -5.430  1.00 23.42 ? 107  PHE A O   1 
ATOM   866  C CB  . PHE A 1 107 ? -0.543  5.036   -5.896  1.00 20.04 ? 107  PHE A CB  1 
ATOM   867  C CG  . PHE A 1 107 ? 0.888   5.311   -6.024  1.00 21.87 ? 107  PHE A CG  1 
ATOM   868  C CD1 . PHE A 1 107 ? 1.490   6.393   -5.385  1.00 18.53 ? 107  PHE A CD1 1 
ATOM   869  C CD2 . PHE A 1 107 ? 1.695   4.491   -6.872  1.00 21.67 ? 107  PHE A CD2 1 
ATOM   870  C CE1 . PHE A 1 107 ? 2.852   6.702   -5.572  1.00 21.14 ? 107  PHE A CE1 1 
ATOM   871  C CE2 . PHE A 1 107 ? 3.084   4.794   -7.072  1.00 22.45 ? 107  PHE A CE2 1 
ATOM   872  C CZ  . PHE A 1 107 ? 3.693   5.923   -6.417  1.00 21.56 ? 107  PHE A CZ  1 
ATOM   873  N N   . GLN A 1 108 ? -2.935  4.480   -3.325  1.00 19.02 ? 108  GLN A N   1 
ATOM   874  C CA  . GLN A 1 108 ? -4.343  4.520   -3.087  1.00 19.15 ? 108  GLN A CA  1 
ATOM   875  C C   . GLN A 1 108 ? -4.894  5.830   -3.855  1.00 17.32 ? 108  GLN A C   1 
ATOM   876  O O   . GLN A 1 108 ? -4.065  6.532   -4.403  1.00 19.56 ? 108  GLN A O   1 
ATOM   877  C CB  . GLN A 1 108 ? -4.720  4.598   -1.553  1.00 19.27 ? 108  GLN A CB  1 
ATOM   878  C CG  . GLN A 1 108 ? -4.371  3.259   -0.754  1.00 18.55 ? 108  GLN A CG  1 
ATOM   879  C CD  . GLN A 1 108 ? -5.506  2.238   -0.806  1.00 19.98 ? 108  GLN A CD  1 
ATOM   880  O OE1 . GLN A 1 108 ? -6.747  2.557   -0.840  1.00 23.61 ? 108  GLN A OE1 1 
ATOM   881  N NE2 . GLN A 1 108 ? -5.102  0.968   -0.781  1.00 15.93 ? 108  GLN A NE2 1 
ATOM   882  N N   . TYR A 1 109 ? -6.168  6.029   -3.762  1.00 19.01 ? 109  TYR A N   1 
ATOM   883  C CA  . TYR A 1 109 ? -6.799  7.188   -4.519  1.00 24.43 ? 109  TYR A CA  1 
ATOM   884  C C   . TYR A 1 109 ? -6.191  8.484   -4.025  1.00 28.17 ? 109  TYR A C   1 
ATOM   885  O O   . TYR A 1 109 ? -6.039  8.670   -2.826  1.00 22.93 ? 109  TYR A O   1 
ATOM   886  C CB  . TYR A 1 109 ? -8.304  7.309   -4.333  1.00 22.82 ? 109  TYR A CB  1 
ATOM   887  C CG  . TYR A 1 109 ? -9.135  6.063   -4.614  1.00 27.04 ? 109  TYR A CG  1 
ATOM   888  C CD1 . TYR A 1 109 ? -8.816  5.201   -5.642  1.00 32.37 ? 109  TYR A CD1 1 
ATOM   889  C CD2 . TYR A 1 109 ? -10.250 5.768   -3.838  1.00 30.91 ? 109  TYR A CD2 1 
ATOM   890  C CE1 . TYR A 1 109 ? -9.672  4.004   -5.920  1.00 27.13 ? 109  TYR A CE1 1 
ATOM   891  C CE2 . TYR A 1 109 ? -11.056 4.611   -4.093  1.00 31.13 ? 109  TYR A CE2 1 
ATOM   892  C CZ  . TYR A 1 109 ? -10.726 3.767   -5.166  1.00 30.60 ? 109  TYR A CZ  1 
ATOM   893  O OH  . TYR A 1 109 ? -11.562 2.723   -5.569  1.00 38.45 ? 109  TYR A OH  1 
ATOM   894  N N   . ASN A 1 110 ? -5.899  9.377   -4.967  1.00 25.77 ? 110  ASN A N   1 
ATOM   895  C CA  . ASN A 1 110 ? -5.325  10.690  -4.679  1.00 23.12 ? 110  ASN A CA  1 
ATOM   896  C C   . ASN A 1 110 ? -3.932  10.718  -4.101  1.00 25.91 ? 110  ASN A C   1 
ATOM   897  O O   . ASN A 1 110 ? -3.563  11.764  -3.554  1.00 27.00 ? 110  ASN A O   1 
ATOM   898  C CB  . ASN A 1 110 ? -6.280  11.517  -3.796  1.00 23.56 ? 110  ASN A CB  1 
ATOM   899  C CG  . ASN A 1 110 ? -7.733  11.609  -4.397  1.00 38.07 ? 110  ASN A CG  1 
ATOM   900  O OD1 . ASN A 1 110 ? -8.749  11.298  -3.728  1.00 39.90 ? 110  ASN A OD1 1 
ATOM   901  N ND2 . ASN A 1 110 ? -7.810  11.978  -5.647  1.00 40.52 ? 110  ASN A ND2 1 
ATOM   902  N N   . THR A 1 111 ? -3.134  9.622   -4.240  1.00 20.10 ? 111  THR A N   1 
ATOM   903  C CA  . THR A 1 111 ? -1.778  9.609   -3.800  1.00 20.18 ? 111  THR A CA  1 
ATOM   904  C C   . THR A 1 111 ? -0.752  9.512   -4.839  1.00 19.01 ? 111  THR A C   1 
ATOM   905  O O   . THR A 1 111 ? 0.439   9.606   -4.589  1.00 19.95 ? 111  THR A O   1 
ATOM   906  C CB  . THR A 1 111 ? -1.536  8.395   -2.761  1.00 20.19 ? 111  THR A CB  1 
ATOM   907  O OG1 . THR A 1 111 ? -1.552  7.171   -3.519  1.00 21.67 ? 111  THR A OG1 1 
ATOM   908  C CG2 . THR A 1 111 ? -2.700  8.322   -1.800  1.00 17.76 ? 111  THR A CG2 1 
ATOM   909  N N   . TYR A 1 112 ? -1.176  9.273   -6.118  1.00 21.81 ? 112  TYR A N   1 
ATOM   910  C CA  . TYR A 1 112 ? -0.195  9.068   -7.157  1.00 24.27 ? 112  TYR A CA  1 
ATOM   911  C C   . TYR A 1 112 ? 0.760   10.171  -7.427  1.00 25.93 ? 112  TYR A C   1 
ATOM   912  O O   . TYR A 1 112 ? 0.371   11.350  -7.442  1.00 23.06 ? 112  TYR A O   1 
ATOM   913  C CB  . TYR A 1 112 ? -1.006  8.684   -8.436  1.00 24.65 ? 112  TYR A CB  1 
ATOM   914  C CG  . TYR A 1 112 ? -0.119  8.429   -9.607  1.00 35.06 ? 112  TYR A CG  1 
ATOM   915  C CD1 . TYR A 1 112 ? 0.076   9.432   -10.603 1.00 35.73 ? 112  TYR A CD1 1 
ATOM   916  C CD2 . TYR A 1 112 ? 0.568   7.194   -9.734  1.00 29.55 ? 112  TYR A CD2 1 
ATOM   917  C CE1 . TYR A 1 112 ? 0.922   9.200   -11.663 1.00 36.23 ? 112  TYR A CE1 1 
ATOM   918  C CE2 . TYR A 1 112 ? 1.430   6.946   -10.845 1.00 34.84 ? 112  TYR A CE2 1 
ATOM   919  C CZ  . TYR A 1 112 ? 1.588   7.972   -11.796 1.00 37.32 ? 112  TYR A CZ  1 
ATOM   920  O OH  . TYR A 1 112 ? 2.426   7.768   -12.902 1.00 44.61 ? 112  TYR A OH  1 
ATOM   921  N N   . ASN A 1 113 ? 2.035   9.812   -7.552  1.00 25.81 ? 113  ASN A N   1 
ATOM   922  C CA  . ASN A 1 113 ? 3.097   10.763  -7.816  1.00 31.56 ? 113  ASN A CA  1 
ATOM   923  C C   . ASN A 1 113 ? 3.944   10.129  -8.929  1.00 34.39 ? 113  ASN A C   1 
ATOM   924  O O   . ASN A 1 113 ? 4.480   8.994   -8.808  1.00 28.11 ? 113  ASN A O   1 
ATOM   925  C CB  . ASN A 1 113 ? 3.963   10.993  -6.579  1.00 32.56 ? 113  ASN A CB  1 
ATOM   926  C CG  . ASN A 1 113 ? 5.056   11.992  -6.826  1.00 35.81 ? 113  ASN A CG  1 
ATOM   927  O OD1 . ASN A 1 113 ? 4.861   13.208  -6.598  1.00 46.87 ? 113  ASN A OD1 1 
ATOM   928  N ND2 . ASN A 1 113 ? 6.157   11.544  -7.313  1.00 31.95 ? 113  ASN A ND2 1 
ATOM   929  N N   . ARG A 1 114 ? 4.082   10.852  -10.061 1.00 34.13 ? 114  ARG A N   1 
ATOM   930  C CA  . ARG A 1 114 ? 4.868   10.297  -11.187 1.00 34.13 ? 114  ARG A CA  1 
ATOM   931  C C   . ARG A 1 114 ? 6.317   9.978   -10.944 1.00 30.79 ? 114  ARG A C   1 
ATOM   932  O O   . ARG A 1 114 ? 6.807   8.922   -11.334 1.00 34.76 ? 114  ARG A O   1 
ATOM   933  C CB  . ARG A 1 114 ? 4.759   11.268  -12.350 1.00 37.57 ? 114  ARG A CB  1 
ATOM   934  C CG  . ARG A 1 114 ? 3.565   11.057  -13.123 1.00 48.14 ? 114  ARG A CG  1 
ATOM   935  C CD  . ARG A 1 114 ? 3.677   12.097  -14.175 1.00 54.91 ? 114  ARG A CD  1 
ATOM   936  N NE  . ARG A 1 114 ? 3.909   13.364  -13.491 1.00 58.66 ? 114  ARG A NE  1 
ATOM   937  C CZ  . ARG A 1 114 ? 4.166   14.503  -14.101 1.00 57.83 ? 114  ARG A CZ  1 
ATOM   938  N NH1 . ARG A 1 114 ? 4.351   15.604  -13.380 1.00 58.16 ? 114  ARG A NH1 1 
ATOM   939  N NH2 . ARG A 1 114 ? 4.248   14.510  -15.432 1.00 59.77 ? 114  ARG A NH2 1 
ATOM   940  N N   . GLU A 1 115 ? 7.004   10.918  -10.341 1.00 30.70 ? 115  GLU A N   1 
ATOM   941  C CA  . GLU A 1 115 ? 8.383   10.770  -9.983  1.00 35.26 ? 115  GLU A CA  1 
ATOM   942  C C   . GLU A 1 115 ? 8.506   9.509   -9.038  1.00 37.05 ? 115  GLU A C   1 
ATOM   943  O O   . GLU A 1 115 ? 9.374   8.634   -9.227  1.00 34.51 ? 115  GLU A O   1 
ATOM   944  C CB  . GLU A 1 115 ? 8.771   12.034  -9.221  1.00 39.77 ? 115  GLU A CB  1 
ATOM   945  C CG  . GLU A 1 115 ? 10.242  12.213  -8.892  1.00 49.79 ? 115  GLU A CG  1 
ATOM   946  C CD  . GLU A 1 115 ? 11.177  11.945  -10.090 1.00 56.42 ? 115  GLU A CD  1 
ATOM   947  O OE1 . GLU A 1 115 ? 10.771  12.220  -11.274 1.00 59.83 ? 115  GLU A OE1 1 
ATOM   948  O OE2 . GLU A 1 115 ? 12.314  11.466  -9.832  1.00 60.10 ? 115  GLU A OE2 1 
ATOM   949  N N   . ALA A 1 116 ? 7.665   9.447   -8.001  1.00 33.17 ? 116  ALA A N   1 
ATOM   950  C CA  . ALA A 1 116 ? 7.809   8.277   -7.080  1.00 32.31 ? 116  ALA A CA  1 
ATOM   951  C C   . ALA A 1 116 ? 7.623   6.974   -7.908  1.00 30.24 ? 116  ALA A C   1 
ATOM   952  O O   . ALA A 1 116 ? 8.343   5.969   -7.707  1.00 30.72 ? 116  ALA A O   1 
ATOM   953  C CB  . ALA A 1 116 ? 6.728   8.370   -5.919  1.00 30.24 ? 116  ALA A CB  1 
ATOM   954  N N   . SER A 1 117 ? 6.589   6.970   -8.763  1.00 29.97 ? 117  SER A N   1 
ATOM   955  C CA  . SER A 1 117 ? 6.295   5.825   -9.623  1.00 35.51 ? 117  SER A CA  1 
ATOM   956  C C   . SER A 1 117 ? 7.535   5.423   -10.454 1.00 36.20 ? 117  SER A C   1 
ATOM   957  O O   . SER A 1 117 ? 7.827   4.227   -10.625 1.00 34.36 ? 117  SER A O   1 
ATOM   958  C CB  . SER A 1 117 ? 5.154   6.164   -10.563 1.00 33.60 ? 117  SER A CB  1 
ATOM   959  O OG  . SER A 1 117 ? 4.713   5.025   -11.245 1.00 44.35 ? 117  SER A OG  1 
ATOM   960  N N   . LYS A 1 118 ? 8.266   6.414   -10.943 1.00 38.88 ? 118  LYS A N   1 
ATOM   961  C CA  . LYS A 1 118 ? 9.482   6.171   -11.739 1.00 41.33 ? 118  LYS A CA  1 
ATOM   962  C C   . LYS A 1 118 ? 10.610  5.506   -10.929 1.00 41.51 ? 118  LYS A C   1 
ATOM   963  O O   . LYS A 1 118 ? 11.229  4.562   -11.408 1.00 41.90 ? 118  LYS A O   1 
ATOM   964  C CB  . LYS A 1 118 ? 10.017  7.504   -12.306 1.00 43.66 ? 118  LYS A CB  1 
ATOM   965  C CG  . LYS A 1 118 ? 11.170  7.383   -13.320 1.00 43.01 ? 118  LYS A CG  1 
ATOM   966  C CD  . LYS A 1 118 ? 11.719  8.834   -13.506 1.00 49.24 ? 118  LYS A CD  1 
ATOM   967  C CE  . LYS A 1 118 ? 12.875  9.042   -14.501 1.00 54.33 ? 118  LYS A CE  1 
ATOM   968  N NZ  . LYS A 1 118 ? 13.585  10.359  -14.140 1.00 57.86 ? 118  LYS A NZ  1 
ATOM   969  N N   . LYS A 1 119 ? 10.907  6.006   -9.727  1.00 36.25 ? 119  LYS A N   1 
ATOM   970  C CA  . LYS A 1 119 ? 11.931  5.365   -8.970  1.00 37.11 ? 119  LYS A CA  1 
ATOM   971  C C   . LYS A 1 119 ? 11.482  3.908   -8.708  1.00 34.92 ? 119  LYS A C   1 
ATOM   972  O O   . LYS A 1 119 ? 12.322  3.011   -8.776  1.00 33.36 ? 119  LYS A O   1 
ATOM   973  C CB  . LYS A 1 119 ? 12.224  6.096   -7.643  1.00 41.29 ? 119  LYS A CB  1 
ATOM   974  C CG  . LYS A 1 119 ? 12.726  7.541   -7.730  1.00 47.37 ? 119  LYS A CG  1 
ATOM   975  C CD  . LYS A 1 119 ? 14.068  7.701   -8.461  1.00 49.01 ? 119  LYS A CD  1 
ATOM   976  C CE  . LYS A 1 119 ? 14.156  9.090   -9.173  1.00 54.38 ? 119  LYS A CE  1 
ATOM   977  N NZ  . LYS A 1 119 ? 15.213  9.102   -10.253 1.00 55.16 ? 119  LYS A NZ  1 
ATOM   978  N N   . ALA A 1 120 ? 10.189  3.660   -8.437  1.00 32.20 ? 120  ALA A N   1 
ATOM   979  C CA  . ALA A 1 120 ? 9.771   2.283   -8.154  1.00 32.73 ? 120  ALA A CA  1 
ATOM   980  C C   . ALA A 1 120 ? 9.952   1.373   -9.384  1.00 39.29 ? 120  ALA A C   1 
ATOM   981  O O   . ALA A 1 120 ? 10.325  0.178   -9.280  1.00 39.09 ? 120  ALA A O   1 
ATOM   982  C CB  . ALA A 1 120 ? 8.285   2.209   -7.713  1.00 31.91 ? 120  ALA A CB  1 
ATOM   983  N N   . ASP A 1 121 ? 9.619   1.926   -10.543 1.00 38.58 ? 121  ASP A N   1 
ATOM   984  C CA  . ASP A 1 121 ? 9.721   1.163   -11.810 1.00 40.57 ? 121  ASP A CA  1 
ATOM   985  C C   . ASP A 1 121 ? 11.216  0.882   -12.069 1.00 37.28 ? 121  ASP A C   1 
ATOM   986  O O   . ASP A 1 121 ? 11.600  -0.259  -12.328 1.00 39.05 ? 121  ASP A O   1 
ATOM   987  C CB  . ASP A 1 121 ? 9.050   2.006   -12.918 1.00 44.28 ? 121  ASP A CB  1 
ATOM   988  C CG  . ASP A 1 121 ? 8.809   1.222   -14.203 1.00 49.48 ? 121  ASP A CG  1 
ATOM   989  O OD1 . ASP A 1 121 ? 8.635   0.000   -14.091 1.00 49.16 ? 121  ASP A OD1 1 
ATOM   990  O OD2 . ASP A 1 121 ? 8.790   1.845   -15.308 1.00 49.17 ? 121  ASP A OD2 1 
ATOM   991  N N   . GLU A 1 122 ? 12.072  1.870   -11.939 1.00 35.42 ? 122  GLU A N   1 
ATOM   992  C CA  . GLU A 1 122 ? 13.502  1.632   -12.133 1.00 41.52 ? 122  GLU A CA  1 
ATOM   993  C C   . GLU A 1 122 ? 14.082  0.531   -11.243 1.00 45.91 ? 122  GLU A C   1 
ATOM   994  O O   . GLU A 1 122 ? 14.967  -0.236  -11.657 1.00 44.62 ? 122  GLU A O   1 
ATOM   995  C CB  . GLU A 1 122 ? 14.304  2.909   -11.895 1.00 44.09 ? 122  GLU A CB  1 
ATOM   996  C CG  . GLU A 1 122 ? 13.976  3.969   -13.004 1.00 48.77 ? 122  GLU A CG  1 
ATOM   997  C CD  . GLU A 1 122 ? 14.666  5.316   -12.802 1.00 54.23 ? 122  GLU A CD  1 
ATOM   998  O OE1 . GLU A 1 122 ? 14.809  6.047   -13.820 1.00 58.26 ? 122  GLU A OE1 1 
ATOM   999  O OE2 . GLU A 1 122 ? 15.052  5.661   -11.643 1.00 56.73 ? 122  GLU A OE2 1 
ATOM   1000 N N   . ALA A 1 123 ? 13.576  0.444   -10.008 1.00 42.68 ? 123  ALA A N   1 
ATOM   1001 C CA  . ALA A 1 123 ? 14.062  -0.545  -9.063  1.00 39.38 ? 123  ALA A CA  1 
ATOM   1002 C C   . ALA A 1 123 ? 13.412  -1.897  -9.310  1.00 36.06 ? 123  ALA A C   1 
ATOM   1003 O O   . ALA A 1 123 ? 13.785  -2.846  -8.681  1.00 38.69 ? 123  ALA A O   1 
ATOM   1004 C CB  . ALA A 1 123 ? 13.779  -0.042  -7.600  1.00 37.43 ? 123  ALA A CB  1 
ATOM   1005 N N   . GLY A 1 124 ? 12.385  -1.985  -10.143 1.00 32.14 ? 124  GLY A N   1 
ATOM   1006 C CA  . GLY A 1 124 ? 11.787  -3.282  -10.394 1.00 35.46 ? 124  GLY A CA  1 
ATOM   1007 C C   . GLY A 1 124 ? 10.556  -3.662  -9.630  1.00 36.55 ? 124  GLY A C   1 
ATOM   1008 O O   . GLY A 1 124 ? 10.058  -4.788  -9.716  1.00 35.71 ? 124  GLY A O   1 
ATOM   1009 N N   . LEU A 1 125 ? 9.994   -2.713  -8.888  1.00 36.09 ? 125  LEU A N   1 
ATOM   1010 C CA  . LEU A 1 125 ? 8.792   -3.055  -8.149  1.00 31.08 ? 125  LEU A CA  1 
ATOM   1011 C C   . LEU A 1 125 ? 7.604   -3.007  -9.009  1.00 29.57 ? 125  LEU A C   1 
ATOM   1012 O O   . LEU A 1 125 ? 7.622   -2.364  -10.043 1.00 33.26 ? 125  LEU A O   1 
ATOM   1013 C CB  . LEU A 1 125 ? 8.625   -2.099  -6.953  1.00 28.45 ? 125  LEU A CB  1 
ATOM   1014 C CG  . LEU A 1 125 ? 9.748   -1.640  -6.022  1.00 36.87 ? 125  LEU A CG  1 
ATOM   1015 C CD1 . LEU A 1 125 ? 9.136   -1.555  -4.606  1.00 34.19 ? 125  LEU A CD1 1 
ATOM   1016 C CD2 . LEU A 1 125 ? 10.990  -2.414  -6.014  1.00 34.64 ? 125  LEU A CD2 1 
ATOM   1017 N N   . ILE A 1 126 ? 6.598   -3.741  -8.648  1.00 24.78 ? 126  ILE A N   1 
ATOM   1018 C CA  . ILE A 1 126 ? 5.333   -3.731  -9.276  1.00 25.32 ? 126  ILE A CA  1 
ATOM   1019 C C   . ILE A 1 126 ? 4.601   -2.425  -8.716  1.00 32.91 ? 126  ILE A C   1 
ATOM   1020 O O   . ILE A 1 126 ? 4.633   -2.130  -7.497  1.00 27.36 ? 126  ILE A O   1 
ATOM   1021 C CB  . ILE A 1 126 ? 4.549   -4.867  -8.873  1.00 26.57 ? 126  ILE A CB  1 
ATOM   1022 C CG1 . ILE A 1 126 ? 5.242   -6.196  -9.395  1.00 32.36 ? 126  ILE A CG1 1 
ATOM   1023 C CG2 . ILE A 1 126 ? 3.128   -4.746  -9.411  1.00 23.98 ? 126  ILE A CG2 1 
ATOM   1024 C CD1 . ILE A 1 126 ? 4.472   -7.469  -8.971  1.00 33.72 ? 126  ILE A CD1 1 
ATOM   1025 N N   . ILE A 1 127 ? 3.967   -1.666  -9.614  1.00 27.93 ? 127  ILE A N   1 
ATOM   1026 C CA  . ILE A 1 127 ? 3.266   -0.459  -9.190  1.00 25.19 ? 127  ILE A CA  1 
ATOM   1027 C C   . ILE A 1 127 ? 1.799   -0.625  -9.439  1.00 25.90 ? 127  ILE A C   1 
ATOM   1028 O O   . ILE A 1 127 ? 1.306   -1.005  -10.579 1.00 27.11 ? 127  ILE A O   1 
ATOM   1029 C CB  . ILE A 1 127 ? 3.852   0.774   -9.978  1.00 27.03 ? 127  ILE A CB  1 
ATOM   1030 C CG1 . ILE A 1 127 ? 5.373   0.882   -9.690  1.00 30.63 ? 127  ILE A CG1 1 
ATOM   1031 C CG2 . ILE A 1 127 ? 3.029   2.066   -9.625  1.00 23.62 ? 127  ILE A CG2 1 
ATOM   1032 C CD1 . ILE A 1 127 ? 6.214   1.546   -10.818 1.00 40.29 ? 127  ILE A CD1 1 
ATOM   1033 N N   . VAL A 1 128 ? 0.989   -0.453  -8.426  1.00 22.07 ? 128  VAL A N   1 
ATOM   1034 C CA  . VAL A 1 128 ? -0.474  -0.521  -8.566  1.00 20.35 ? 128  VAL A CA  1 
ATOM   1035 C C   . VAL A 1 128 ? -0.891  0.929   -8.327  1.00 27.44 ? 128  VAL A C   1 
ATOM   1036 O O   . VAL A 1 128 ? -0.357  1.578   -7.418  1.00 22.97 ? 128  VAL A O   1 
ATOM   1037 C CB  . VAL A 1 128 ? -1.211  -1.417  -7.441  1.00 19.26 ? 128  VAL A CB  1 
ATOM   1038 C CG1 . VAL A 1 128 ? -2.706  -1.425  -7.519  1.00 18.76 ? 128  VAL A CG1 1 
ATOM   1039 C CG2 . VAL A 1 128 ? -0.760  -2.893  -7.608  1.00 20.25 ? 128  VAL A CG2 1 
ATOM   1040 N N   . ALA A 1 129 ? -1.783  1.463   -9.162  1.00 22.52 ? 129  ALA A N   1 
ATOM   1041 C CA  . ALA A 1 129 ? -2.153  2.894   -8.983  1.00 24.56 ? 129  ALA A CA  1 
ATOM   1042 C C   . ALA A 1 129 ? -3.599  3.150   -9.162  1.00 27.37 ? 129  ALA A C   1 
ATOM   1043 O O   . ALA A 1 129 ? -4.279  2.426   -9.906  1.00 27.22 ? 129  ALA A O   1 
ATOM   1044 C CB  . ALA A 1 129 ? -1.357  3.748   -9.935  1.00 27.57 ? 129  ALA A CB  1 
ATOM   1045 N N   . ASN A 1 130 ? -4.098  4.174   -8.466  1.00 25.64 ? 130  ASN A N   1 
ATOM   1046 C CA  . ASN A 1 130 ? -5.492  4.496   -8.518  1.00 29.52 ? 130  ASN A CA  1 
ATOM   1047 C C   . ASN A 1 130 ? -6.451  3.358   -8.198  1.00 31.37 ? 130  ASN A C   1 
ATOM   1048 O O   . ASN A 1 130 ? -7.453  3.177   -8.891  1.00 30.07 ? 130  ASN A O   1 
ATOM   1049 C CB  . ASN A 1 130 ? -5.859  5.100   -9.933  1.00 31.88 ? 130  ASN A CB  1 
ATOM   1050 C CG  . ASN A 1 130 ? -7.166  6.020   -9.886  1.00 40.89 ? 130  ASN A CG  1 
ATOM   1051 O OD1 . ASN A 1 130 ? -7.845  6.210   -10.912 1.00 42.46 ? 130  ASN A OD1 1 
ATOM   1052 N ND2 . ASN A 1 130 ? -7.512  6.546   -8.701  1.00 35.80 ? 130  ASN A ND2 1 
ATOM   1053 N N   . ARG A 1 131 ? -6.131  2.521   -7.179  1.00 26.10 ? 131  ARG A N   1 
ATOM   1054 C CA  . ARG A 1 131 ? -7.076  1.476   -6.784  1.00 22.55 ? 131  ARG A CA  1 
ATOM   1055 C C   . ARG A 1 131 ? -6.988  1.418   -5.249  1.00 23.28 ? 131  ARG A C   1 
ATOM   1056 O O   . ARG A 1 131 ? -6.040  1.958   -4.645  1.00 20.68 ? 131  ARG A O   1 
ATOM   1057 C CB  . ARG A 1 131 ? -6.621  0.071   -7.283  1.00 22.90 ? 131  ARG A CB  1 
ATOM   1058 C CG  . ARG A 1 131 ? -6.055  -0.022  -8.671  1.00 27.45 ? 131  ARG A CG  1 
ATOM   1059 C CD  . ARG A 1 131 ? -6.039  -1.561  -9.141  1.00 27.04 ? 131  ARG A CD  1 
ATOM   1060 N NE  . ARG A 1 131 ? -5.283  -1.724  -10.409 1.00 27.05 ? 131  ARG A NE  1 
ATOM   1061 C CZ  . ARG A 1 131 ? -5.706  -2.547  -11.420 1.00 26.76 ? 131  ARG A CZ  1 
ATOM   1062 N NH1 . ARG A 1 131 ? -6.842  -3.194  -11.280 1.00 26.49 ? 131  ARG A NH1 1 
ATOM   1063 N NH2 . ARG A 1 131 ? -4.939  -2.724  -12.489 1.00 29.43 ? 131  ARG A NH2 1 
ATOM   1064 N N   . CYS A 1 132 ? -7.963  0.774   -4.663  1.00 23.47 ? 132  CYS A N   1 
ATOM   1065 C CA  . CYS A 1 132 ? -7.970  0.607   -3.260  1.00 24.42 ? 132  CYS A CA  1 
ATOM   1066 C C   . CYS A 1 132 ? -7.750  -0.903  -2.938  1.00 24.99 ? 132  CYS A C   1 
ATOM   1067 O O   . CYS A 1 132 ? -8.412  -1.738  -3.554  1.00 24.84 ? 132  CYS A O   1 
ATOM   1068 C CB  . CYS A 1 132 ? -9.300  1.023   -2.718  1.00 24.10 ? 132  CYS A CB  1 
ATOM   1069 S SG  . CYS A 1 132 ? -9.549  0.624   -0.947  1.00 25.06 ? 132  CYS A SG  1 
ATOM   1070 N N   . MET A 1 133 ? -6.909  -1.241  -1.914  1.00 22.18 ? 133  MET A N   1 
ATOM   1071 C CA  . MET A 1 133 ? -6.760  -2.690  -1.665  1.00 20.47 ? 133  MET A CA  1 
ATOM   1072 C C   . MET A 1 133 ? -8.031  -3.341  -1.232  1.00 20.38 ? 133  MET A C   1 
ATOM   1073 O O   . MET A 1 133 ? -8.280  -4.566  -1.474  1.00 22.26 ? 133  MET A O   1 
ATOM   1074 C CB  . MET A 1 133 ? -5.663  -2.874  -0.572  1.00 19.69 ? 133  MET A CB  1 
ATOM   1075 C CG  . MET A 1 133 ? -4.370  -2.667  -1.178  1.00 16.40 ? 133  MET A CG  1 
ATOM   1076 S SD  . MET A 1 133 ? -2.950  -3.179  0.017   1.00 20.48 ? 133  MET A SD  1 
ATOM   1077 C CE  . MET A 1 133 ? -3.044  -5.023  -0.289  1.00 20.34 ? 133  MET A CE  1 
ATOM   1078 N N   . MET A 1 134 ? -8.804  -2.605  -0.433  1.00 21.38 ? 134  MET A N   1 
ATOM   1079 C CA  . MET A 1 134 ? -10.048 -3.092  0.066   1.00 21.65 ? 134  MET A CA  1 
ATOM   1080 C C   . MET A 1 134 ? -11.040 -3.329  -1.065  1.00 26.79 ? 134  MET A C   1 
ATOM   1081 O O   . MET A 1 134 ? -11.634 -4.372  -1.177  1.00 25.76 ? 134  MET A O   1 
ATOM   1082 C CB  . MET A 1 134 ? -10.671 -2.127  1.034   1.00 22.67 ? 134  MET A CB  1 
ATOM   1083 C CG  . MET A 1 134 ? -12.165 -2.494  1.568   1.00 21.59 ? 134  MET A CG  1 
ATOM   1084 S SD  . MET A 1 134 ? -12.676 -1.490  2.951   1.00 26.79 ? 134  MET A SD  1 
ATOM   1085 C CE  . MET A 1 134 ? -13.109 0.121   1.916   1.00 27.44 ? 134  MET A CE  1 
ATOM   1086 N N   . ARG A 1 135 ? -11.242 -2.312  -1.873  1.00 24.42 ? 135  ARG A N   1 
ATOM   1087 C CA  . ARG A 1 135 ? -12.178 -2.452  -3.012  1.00 28.40 ? 135  ARG A CA  1 
ATOM   1088 C C   . ARG A 1 135 ? -11.728 -3.532  -4.001  1.00 25.81 ? 135  ARG A C   1 
ATOM   1089 O O   . ARG A 1 135 ? -12.574 -4.286  -4.463  1.00 29.36 ? 135  ARG A O   1 
ATOM   1090 C CB  . ARG A 1 135 ? -12.288 -1.123  -3.712  1.00 28.76 ? 135  ARG A CB  1 
ATOM   1091 C CG  . ARG A 1 135 ? -13.077 -0.214  -2.762  1.00 38.08 ? 135  ARG A CG  1 
ATOM   1092 C CD  . ARG A 1 135 ? -14.528 -0.181  -3.172  1.00 47.36 ? 135  ARG A CD  1 
ATOM   1093 N NE  . ARG A 1 135 ? -15.241 0.813   -2.399  1.00 48.80 ? 135  ARG A NE  1 
ATOM   1094 C CZ  . ARG A 1 135 ? -15.898 0.555   -1.271  1.00 56.14 ? 135  ARG A CZ  1 
ATOM   1095 N NH1 . ARG A 1 135 ? -15.926 -0.697  -0.777  1.00 55.13 ? 135  ARG A NH1 1 
ATOM   1096 N NH2 . ARG A 1 135 ? -16.556 1.549   -0.641  1.00 58.16 ? 135  ARG A NH2 1 
ATOM   1097 N N   . GLU A 1 136 ? -10.450 -3.604  -4.338  1.00 23.52 ? 136  GLU A N   1 
ATOM   1098 C CA  . GLU A 1 136 ? -9.976  -4.661  -5.266  1.00 24.53 ? 136  GLU A CA  1 
ATOM   1099 C C   . GLU A 1 136 ? -10.172 -6.033  -4.581  1.00 28.19 ? 136  GLU A C   1 
ATOM   1100 O O   . GLU A 1 136 ? -10.548 -7.024  -5.255  1.00 27.02 ? 136  GLU A O   1 
ATOM   1101 C CB  . GLU A 1 136 ? -8.525  -4.440  -5.629  1.00 29.08 ? 136  GLU A CB  1 
ATOM   1102 C CG  . GLU A 1 136 ? -8.318  -3.263  -6.639  1.00 26.64 ? 136  GLU A CG  1 
ATOM   1103 C CD  . GLU A 1 136 ? -9.151  -3.608  -7.990  1.00 27.73 ? 136  GLU A CD  1 
ATOM   1104 O OE1 . GLU A 1 136 ? -10.381 -3.506  -7.930  1.00 30.43 ? 136  GLU A OE1 1 
ATOM   1105 O OE2 . GLU A 1 136 ? -8.502  -3.969  -8.967  1.00 30.33 ? 136  GLU A OE2 1 
ATOM   1106 N N   . HIS A 1 137 ? -9.932  -6.126  -3.254  1.00 24.97 ? 137  HIS A N   1 
ATOM   1107 C CA  . HIS A 1 137 ? -10.148 -7.399  -2.597  1.00 26.56 ? 137  HIS A CA  1 
ATOM   1108 C C   . HIS A 1 137 ? -11.655 -7.774  -2.720  1.00 32.12 ? 137  HIS A C   1 
ATOM   1109 O O   . HIS A 1 137 ? -12.003 -8.942  -2.987  1.00 29.84 ? 137  HIS A O   1 
ATOM   1110 C CB  . HIS A 1 137 ? -9.828  -7.277  -1.090  1.00 25.72 ? 137  HIS A CB  1 
ATOM   1111 C CG  . HIS A 1 137 ? -9.842  -8.612  -0.400  1.00 24.31 ? 137  HIS A CG  1 
ATOM   1112 N ND1 . HIS A 1 137 ? -10.975 -9.171  0.161   1.00 29.03 ? 137  HIS A ND1 1 
ATOM   1113 C CD2 . HIS A 1 137 ? -8.824  -9.511  -0.198  1.00 24.55 ? 137  HIS A CD2 1 
ATOM   1114 C CE1 . HIS A 1 137 ? -10.661 -10.353 0.693   1.00 32.93 ? 137  HIS A CE1 1 
ATOM   1115 N NE2 . HIS A 1 137 ? -9.369  -10.582 0.491   1.00 23.95 ? 137  HIS A NE2 1 
ATOM   1116 N N   . GLU A 1 138 ? -12.550 -6.811  -2.438  1.00 31.68 ? 138  GLU A N   1 
ATOM   1117 C CA  . GLU A 1 138 ? -13.964 -7.114  -2.544  1.00 38.30 ? 138  GLU A CA  1 
ATOM   1118 C C   . GLU A 1 138 ? -14.332 -7.519  -3.979  1.00 35.80 ? 138  GLU A C   1 
ATOM   1119 O O   . GLU A 1 138 ? -15.043 -8.478  -4.190  1.00 42.15 ? 138  GLU A O   1 
ATOM   1120 C CB  . GLU A 1 138 ? -14.818 -5.910  -2.130  1.00 35.79 ? 138  GLU A CB  1 
ATOM   1121 C CG  . GLU A 1 138 ? -14.748 -5.613  -0.675  1.00 37.33 ? 138  GLU A CG  1 
ATOM   1122 C CD  . GLU A 1 138 ? -15.386 -4.245  -0.293  1.00 38.53 ? 138  GLU A CD  1 
ATOM   1123 O OE1 . GLU A 1 138 ? -15.972 -4.150  0.790   1.00 40.95 ? 138  GLU A OE1 1 
ATOM   1124 O OE2 . GLU A 1 138 ? -15.273 -3.259  -1.075  1.00 45.55 ? 138  GLU A OE2 1 
ATOM   1125 N N   . ARG A 1 139 ? -13.833 -6.817  -4.974  1.00 38.64 ? 139  ARG A N   1 
ATOM   1126 C CA  . ARG A 1 139 ? -14.169 -7.119  -6.341  1.00 37.94 ? 139  ARG A CA  1 
ATOM   1127 C C   . ARG A 1 139 ? -13.602 -8.470  -6.799  1.00 40.40 ? 139  ARG A C   1 
ATOM   1128 O O   . ARG A 1 139 ? -14.280 -9.195  -7.524  1.00 38.40 ? 139  ARG A O   1 
ATOM   1129 C CB  . ARG A 1 139 ? -13.601 -6.036  -7.225  1.00 35.89 ? 139  ARG A CB  1 
ATOM   1130 C CG  . ARG A 1 139 ? -14.064 -6.020  -8.632  1.00 43.26 ? 139  ARG A CG  1 
ATOM   1131 C CD  . ARG A 1 139 ? -13.524 -4.868  -9.430  1.00 38.14 ? 139  ARG A CD  1 
ATOM   1132 N NE  . ARG A 1 139 ? -12.085 -4.836  -9.612  1.00 36.59 ? 139  ARG A NE  1 
ATOM   1133 C CZ  . ARG A 1 139 ? -11.413 -5.321  -10.643 1.00 33.45 ? 139  ARG A CZ  1 
ATOM   1134 N NH1 . ARG A 1 139 ? -10.076 -5.223  -10.703 1.00 34.28 ? 139  ARG A NH1 1 
ATOM   1135 N NH2 . ARG A 1 139 ? -12.080 -5.932  -11.642 1.00 41.54 ? 139  ARG A NH2 1 
ATOM   1136 N N   . LEU A 1 140 ? -12.400 -8.841  -6.358  1.00 35.62 ? 140  LEU A N   1 
ATOM   1137 C CA  . LEU A 1 140 ? -11.775 -10.057 -6.869  1.00 35.06 ? 140  LEU A CA  1 
ATOM   1138 C C   . LEU A 1 140 ? -11.741 -11.291 -5.999  1.00 39.10 ? 140  LEU A C   1 
ATOM   1139 O O   . LEU A 1 140 ? -11.645 -12.423 -6.526  1.00 40.57 ? 140  LEU A O   1 
ATOM   1140 C CB  . LEU A 1 140 ? -10.355 -9.724  -7.351  1.00 35.31 ? 140  LEU A CB  1 
ATOM   1141 C CG  . LEU A 1 140 ? -10.209 -8.549  -8.374  1.00 35.96 ? 140  LEU A CG  1 
ATOM   1142 C CD1 . LEU A 1 140 ? -8.766  -8.129  -8.576  1.00 33.18 ? 140  LEU A CD1 1 
ATOM   1143 C CD2 . LEU A 1 140 ? -10.842 -8.982  -9.774  1.00 33.34 ? 140  LEU A CD2 1 
ATOM   1144 N N   . LEU A 1 141 ? -11.805 -11.130 -4.689  1.00 36.28 ? 141  LEU A N   1 
ATOM   1145 C CA  . LEU A 1 141 ? -11.700 -12.245 -3.774  1.00 36.75 ? 141  LEU A CA  1 
ATOM   1146 C C   . LEU A 1 141 ? -12.914 -12.339 -2.903  1.00 40.67 ? 141  LEU A C   1 
ATOM   1147 O O   . LEU A 1 141 ? -13.014 -13.192 -2.028  1.00 41.29 ? 141  LEU A O   1 
ATOM   1148 C CB  . LEU A 1 141 ? -10.436 -12.099 -2.921  1.00 35.30 ? 141  LEU A CB  1 
ATOM   1149 C CG  . LEU A 1 141 ? -9.163  -12.224 -3.742  1.00 36.61 ? 141  LEU A CG  1 
ATOM   1150 C CD1 . LEU A 1 141 ? -7.939  -11.840 -2.944  1.00 35.91 ? 141  LEU A CD1 1 
ATOM   1151 C CD2 . LEU A 1 141 ? -9.105  -13.714 -4.261  1.00 39.23 ? 141  LEU A CD2 1 
ATOM   1152 N N   . GLY A 1 142 ? -13.854 -11.446 -3.163  1.00 45.11 ? 142  GLY A N   1 
ATOM   1153 C CA  . GLY A 1 142 ? -15.105 -11.443 -2.443  1.00 47.42 ? 142  GLY A CA  1 
ATOM   1154 C C   . GLY A 1 142 ? -16.019 -12.616 -2.800  1.00 45.74 ? 142  GLY A C   1 
ATOM   1155 O O   . GLY A 1 142 ? -16.523 -13.206 -1.831  1.00 45.56 ? 142  GLY A O   1 
HETATM 1156 N N1A . COA B 2 .   ? 4.025   9.835   7.108   1.00 17.87 ? 200  COA A N1A 1 
HETATM 1157 C C2A . COA B 2 .   ? 2.983   9.094   7.451   1.00 14.21 ? 200  COA A C2A 1 
HETATM 1158 N N3A . COA B 2 .   ? 1.767   9.600   7.658   1.00 14.73 ? 200  COA A N3A 1 
HETATM 1159 C C4A . COA B 2 .   ? 1.584   10.915  7.458   1.00 17.49 ? 200  COA A C4A 1 
HETATM 1160 C C5A . COA B 2 .   ? 2.643   11.732  7.066   1.00 15.73 ? 200  COA A C5A 1 
HETATM 1161 C C6A . COA B 2 .   ? 3.899   11.168  6.910   1.00 18.52 ? 200  COA A C6A 1 
HETATM 1162 N N6A . COA B 2 .   ? 4.984   11.910  6.640   1.00 18.65 ? 200  COA A N6A 1 
HETATM 1163 N N7A . COA B 2 .   ? 2.158   12.974  6.988   1.00 17.87 ? 200  COA A N7A 1 
HETATM 1164 C C8A . COA B 2 .   ? 0.865   12.954  7.308   1.00 20.07 ? 200  COA A C8A 1 
HETATM 1165 N N9A . COA B 2 .   ? 0.509   11.695  7.604   1.00 17.35 ? 200  COA A N9A 1 
HETATM 1166 C C1B . COA B 2 .   ? -0.796  11.246  8.112   1.00 19.95 ? 200  COA A C1B 1 
HETATM 1167 C C2B . COA B 2 .   ? -1.400  12.197  9.151   1.00 20.18 ? 200  COA A C2B 1 
HETATM 1168 O O2B . COA B 2 .   ? -0.963  11.837  10.462  1.00 19.85 ? 200  COA A O2B 1 
HETATM 1169 C C3B . COA B 2 .   ? -2.899  11.987  8.925   1.00 20.94 ? 200  COA A C3B 1 
HETATM 1170 O O3B . COA B 2 .   ? -3.540  11.207  9.938   1.00 21.39 ? 200  COA A O3B 1 
HETATM 1171 P P3B . COA B 2 .   ? -4.101  11.954  11.253  1.00 19.88 ? 200  COA A P3B 1 
HETATM 1172 O O7A . COA B 2 .   ? -4.531  10.727  12.203  1.00 19.85 ? 200  COA A O7A 1 
HETATM 1173 O O8A . COA B 2 .   ? -5.360  12.825  10.821  1.00 20.79 ? 200  COA A O8A 1 
HETATM 1174 O O9A . COA B 2 .   ? -2.975  12.768  11.784  1.00 18.80 ? 200  COA A O9A 1 
HETATM 1175 C C4B . COA B 2 .   ? -2.993  11.298  7.559   1.00 20.93 ? 200  COA A C4B 1 
HETATM 1176 O O4B . COA B 2 .   ? -1.679  11.369  6.997   1.00 22.98 ? 200  COA A O4B 1 
HETATM 1177 C C5B . COA B 2 .   ? -3.967  12.047  6.645   1.00 25.78 ? 200  COA A C5B 1 
HETATM 1178 O O5B . COA B 2 .   ? -3.608  13.428  6.615   1.00 22.82 ? 200  COA A O5B 1 
HETATM 1179 P P1A . COA B 2 .   ? -3.846  14.351  5.299   1.00 26.07 ? 200  COA A P1A 1 
HETATM 1180 O O1A . COA B 2 .   ? -2.915  13.891  4.242   1.00 26.92 ? 200  COA A O1A 1 
HETATM 1181 O O2A . COA B 2 .   ? -3.712  15.723  5.844   1.00 29.64 ? 200  COA A O2A 1 
HETATM 1182 O O3A . COA B 2 .   ? -5.405  14.067  5.036   1.00 25.37 ? 200  COA A O3A 1 
HETATM 1183 P P2A . COA B 2 .   ? -6.238  14.540  3.731   1.00 25.83 ? 200  COA A P2A 1 
HETATM 1184 O O4A . COA B 2 .   ? -7.622  14.696  4.231   1.00 27.31 ? 200  COA A O4A 1 
HETATM 1185 O O5A . COA B 2 .   ? -5.489  15.648  3.092   1.00 25.63 ? 200  COA A O5A 1 
HETATM 1186 O O6A . COA B 2 .   ? -6.244  13.265  2.748   1.00 24.74 ? 200  COA A O6A 1 
HETATM 1187 C CBP . COA B 2 .   ? -5.053  11.402  1.849   1.00 20.07 ? 200  COA A CBP 1 
HETATM 1188 C CCP . COA B 2 .   ? -5.141  12.931  1.897   1.00 20.30 ? 200  COA A CCP 1 
HETATM 1189 C CDP . COA B 2 .   ? -5.017  10.760  3.238   1.00 20.40 ? 200  COA A CDP 1 
HETATM 1190 C CEP . COA B 2 .   ? -4.022  10.958  0.816   1.00 20.57 ? 200  COA A CEP 1 
HETATM 1191 C CAP . COA B 2 .   ? -6.424  10.987  1.283   1.00 22.55 ? 200  COA A CAP 1 
HETATM 1192 O OAP . COA B 2 .   ? -6.697  11.512  -0.023  1.00 24.62 ? 200  COA A OAP 1 
HETATM 1193 C C9P . COA B 2 .   ? -6.660  9.478   1.187   1.00 22.56 ? 200  COA A C9P 1 
HETATM 1194 O O9P . COA B 2 .   ? -7.176  8.900   2.289   1.00 22.87 ? 200  COA A O9P 1 
HETATM 1195 N N8P . COA B 2 .   ? -6.486  8.830   0.033   1.00 22.81 ? 200  COA A N8P 1 
HETATM 1196 C C7P . COA B 2 .   ? -6.789  7.402   -0.122  1.00 18.73 ? 200  COA A C7P 1 
HETATM 1197 C C6P . COA B 2 .   ? -8.287  7.324   -0.448  1.00 19.98 ? 200  COA A C6P 1 
HETATM 1198 C C5P . COA B 2 .   ? -8.720  5.868   -0.627  1.00 19.02 ? 200  COA A C5P 1 
HETATM 1199 O O5P . COA B 2 .   ? -7.958  5.095   -1.430  1.00 22.50 ? 200  COA A O5P 1 
HETATM 1200 N N4P . COA B 2 .   ? -9.770  5.443   0.057   1.00 27.17 ? 200  COA A N4P 1 
HETATM 1201 C C3P . COA B 2 .   ? -10.193 4.040   -0.042  1.00 34.46 ? 200  COA A C3P 1 
HETATM 1202 C C2P . COA B 2 .   ? -11.630 4.074   -0.551  1.00 42.42 ? 200  COA A C2P 1 
HETATM 1203 S S1P . COA B 2 .   ? -12.280 2.368   -0.575  1.00 52.14 ? 200  COA A S1P 1 
HETATM 1204 O O   . HOH C 3 .   ? -6.336  2.973   17.869  0.50 5.79  ? 1001 HOH A O   1 
HETATM 1205 O O   . HOH C 3 .   ? 3.139   -8.513  14.488  1.00 57.00 ? 1002 HOH A O   1 
HETATM 1206 O O   . HOH C 3 .   ? -3.231  -14.543 5.172   1.00 17.90 ? 1003 HOH A O   1 
HETATM 1207 O O   . HOH C 3 .   ? 9.042   8.104   7.347   1.00 19.50 ? 1004 HOH A O   1 
HETATM 1208 O O   . HOH C 3 .   ? 5.981   5.673   14.724  1.00 22.06 ? 1005 HOH A O   1 
HETATM 1209 O O   . HOH C 3 .   ? -3.958  8.694   5.812   1.00 17.04 ? 1006 HOH A O   1 
HETATM 1210 O O   . HOH C 3 .   ? -4.038  4.996   18.682  1.00 19.75 ? 1007 HOH A O   1 
HETATM 1211 O O   . HOH C 3 .   ? -5.612  -13.057 0.697   1.00 21.99 ? 1008 HOH A O   1 
HETATM 1212 O O   . HOH C 3 .   ? -4.692  -10.332 9.931   1.00 19.19 ? 1009 HOH A O   1 
HETATM 1213 O O   . HOH C 3 .   ? -4.752  3.043   9.681   1.00 21.28 ? 1010 HOH A O   1 
HETATM 1214 O O   . HOH C 3 .   ? 8.923   -3.463  17.330  1.00 22.95 ? 1011 HOH A O   1 
HETATM 1215 O O   . HOH C 3 .   ? -8.079  -12.603 1.630   1.00 23.39 ? 1012 HOH A O   1 
HETATM 1216 O O   . HOH C 3 .   ? -6.600  8.230   5.137   1.00 19.91 ? 1013 HOH A O   1 
HETATM 1217 O O   . HOH C 3 .   ? -10.248 0.266   -6.455  1.00 28.00 ? 1014 HOH A O   1 
HETATM 1218 O O   . HOH C 3 .   ? 7.934   -12.629 0.255   1.00 37.34 ? 1015 HOH A O   1 
HETATM 1219 O O   . HOH C 3 .   ? 11.501  -6.727  3.221   1.00 26.71 ? 1016 HOH A O   1 
HETATM 1220 O O   . HOH C 3 .   ? 5.349   -5.071  15.219  1.00 34.42 ? 1017 HOH A O   1 
HETATM 1221 O O   . HOH C 3 .   ? -2.959  15.391  10.862  1.00 24.56 ? 1018 HOH A O   1 
HETATM 1222 O O   . HOH C 3 .   ? 13.390  -6.842  5.980   1.00 34.28 ? 1019 HOH A O   1 
HETATM 1223 O O   . HOH C 3 .   ? 2.029   -4.901  17.021  1.00 26.64 ? 1020 HOH A O   1 
HETATM 1224 O O   . HOH C 3 .   ? -0.682  12.791  4.006   1.00 30.10 ? 1021 HOH A O   1 
HETATM 1225 O O   . HOH C 3 .   ? 12.456  9.019   4.007   1.00 36.41 ? 1022 HOH A O   1 
HETATM 1226 O O   . HOH C 3 .   ? -8.728  10.045  4.584   1.00 36.14 ? 1023 HOH A O   1 
HETATM 1227 O O   . HOH C 3 .   ? -0.191  -3.442  22.765  1.00 34.21 ? 1024 HOH A O   1 
HETATM 1228 O O   . HOH C 3 .   ? 7.551   6.898   16.525  1.00 40.13 ? 1025 HOH A O   1 
HETATM 1229 O O   . HOH C 3 .   ? -6.938  4.346   -13.409 1.00 35.22 ? 1026 HOH A O   1 
HETATM 1230 O O   . HOH C 3 .   ? 14.450  -2.768  7.506   1.00 31.18 ? 1027 HOH A O   1 
HETATM 1231 O O   . HOH C 3 .   ? 16.336  6.563   3.215   1.00 44.34 ? 1028 HOH A O   1 
HETATM 1232 O O   . HOH C 3 .   ? 14.161  6.002   7.573   1.00 41.25 ? 1029 HOH A O   1 
HETATM 1233 O O   . HOH C 3 .   ? 3.227   -10.342 12.454  1.00 37.72 ? 1030 HOH A O   1 
HETATM 1234 O O   . HOH C 3 .   ? -8.911  3.306   15.563  1.00 30.05 ? 1031 HOH A O   1 
HETATM 1235 O O   . HOH C 3 .   ? -4.755  14.656  15.643  1.00 38.74 ? 1032 HOH A O   1 
HETATM 1236 O O   . HOH C 3 .   ? 2.284   4.659   -13.610 1.00 43.62 ? 1033 HOH A O   1 
HETATM 1237 O O   . HOH C 3 .   ? 16.778  5.873   4.504   1.00 45.13 ? 1034 HOH A O   1 
HETATM 1238 O O   . HOH C 3 .   ? -3.566  6.624   -7.134  1.00 31.82 ? 1035 HOH A O   1 
HETATM 1239 O O   . HOH C 3 .   ? 14.735  -3.029  12.164  1.00 47.71 ? 1036 HOH A O   1 
HETATM 1240 O O   . HOH C 3 .   ? 7.796   -6.067  17.130  0.50 33.72 ? 1037 HOH A O   1 
HETATM 1241 O O   . HOH C 3 .   ? 3.235   13.798  -9.965  1.00 38.06 ? 1038 HOH A O   1 
HETATM 1242 O O   . HOH C 3 .   ? 13.833  17.108  -2.494  1.00 44.56 ? 1039 HOH A O   1 
HETATM 1243 O O   . HOH C 3 .   ? -4.656  9.180   -7.675  1.00 40.72 ? 1040 HOH A O   1 
HETATM 1244 O O   . HOH C 3 .   ? 2.812   -11.886 -8.230  1.00 57.82 ? 1041 HOH A O   1 
HETATM 1245 O O   . HOH C 3 .   ? -5.413  11.498  16.648  1.00 33.80 ? 1042 HOH A O   1 
HETATM 1246 O O   . HOH C 3 .   ? -13.471 -1.408  7.809   1.00 39.00 ? 1043 HOH A O   1 
HETATM 1247 O O   . HOH C 3 .   ? 0.240   -10.894 13.126  1.00 45.24 ? 1044 HOH A O   1 
HETATM 1248 O O   . HOH C 3 .   ? 12.175  -1.147  14.979  1.00 35.32 ? 1045 HOH A O   1 
HETATM 1249 O O   . HOH C 3 .   ? -12.821 2.899   10.667  1.00 38.87 ? 1046 HOH A O   1 
HETATM 1250 O O   . HOH C 3 .   ? -10.466 -0.613  -10.505 1.00 54.83 ? 1048 HOH A O   1 
HETATM 1251 O O   . HOH C 3 .   ? 13.871  0.948   14.534  1.00 61.77 ? 1049 HOH A O   1 
HETATM 1252 O O   . HOH C 3 .   ? -4.392  -5.612  15.754  1.00 36.49 ? 1050 HOH A O   1 
HETATM 1253 O O   . HOH C 3 .   ? -10.695 10.626  17.147  1.00 53.07 ? 1051 HOH A O   1 
HETATM 1254 O O   . HOH C 3 .   ? 15.259  3.514   -7.866  1.00 52.05 ? 1052 HOH A O   1 
HETATM 1255 O O   . HOH C 3 .   ? -14.929 2.821   -29.501 1.00 64.39 ? 1053 HOH A O   1 
HETATM 1256 O O   . HOH C 3 .   ? -14.658 -8.859  0.908   1.00 43.53 ? 1054 HOH A O   1 
HETATM 1257 O O   . HOH C 3 .   ? 6.891   -16.768 -3.681  1.00 35.22 ? 1055 HOH A O   1 
HETATM 1258 O O   . HOH C 3 .   ? -0.891  19.934  2.206   1.00 50.72 ? 1056 HOH A O   1 
HETATM 1259 O O   . HOH C 3 .   ? -6.352  8.586   -7.954  1.00 41.40 ? 1057 HOH A O   1 
HETATM 1260 O O   . HOH C 3 .   ? 4.323   -2.680  -12.356 1.00 40.33 ? 1059 HOH A O   1 
HETATM 1261 O O   . HOH C 3 .   ? -9.600  15.155  10.743  1.00 64.68 ? 1060 HOH A O   1 
HETATM 1262 O O   . HOH C 3 .   ? 1.641   17.012  -4.040  1.00 56.03 ? 1061 HOH A O   1 
HETATM 1263 O O   . HOH C 3 .   ? -0.273  16.987  5.616   1.00 47.72 ? 1062 HOH A O   1 
HETATM 1264 O O   . HOH C 3 .   ? 11.698  -3.236  16.807  1.00 29.60 ? 1063 HOH A O   1 
HETATM 1265 O O   . HOH C 3 .   ? 3.616   -7.406  18.134  1.00 71.41 ? 1064 HOH A O   1 
HETATM 1266 O O   . HOH C 3 .   ? -12.769 10.087  12.700  1.00 39.72 ? 1065 HOH A O   1 
HETATM 1267 O O   . HOH C 3 .   ? 2.524   15.903  -7.139  1.00 62.03 ? 1066 HOH A O   1 
HETATM 1268 O O   . HOH C 3 .   ? -4.381  17.034  15.723  1.00 56.92 ? 1067 HOH A O   1 
HETATM 1269 O O   . HOH C 3 .   ? -2.310  -8.343  14.169  1.00 45.04 ? 1068 HOH A O   1 
HETATM 1270 O O   . HOH C 3 .   ? 12.412  -5.578  -4.433  1.00 53.09 ? 1069 HOH A O   1 
HETATM 1271 O O   . HOH C 3 .   ? 9.438   -8.310  0.112   1.00 40.86 ? 1070 HOH A O   1 
HETATM 1272 O O   . HOH C 3 .   ? 9.449   -16.097 -1.823  1.00 46.15 ? 1071 HOH A O   1 
HETATM 1273 O O   . HOH C 3 .   ? 3.332   -12.001 14.826  1.00 44.34 ? 1072 HOH A O   1 
HETATM 1274 O O   . HOH C 3 .   ? 2.540   -10.888 -10.151 1.00 58.62 ? 1073 HOH A O   1 
HETATM 1275 O O   . HOH C 3 .   ? -6.551  -15.655 -8.361  1.00 63.64 ? 1074 HOH A O   1 
HETATM 1276 O O   . HOH C 3 .   ? 1.819   14.468  -7.944  1.00 51.52 ? 1075 HOH A O   1 
HETATM 1277 O O   . HOH C 3 .   ? -12.212 -18.479 -8.585  1.00 52.15 ? 1076 HOH A O   1 
HETATM 1278 O O   . HOH C 3 .   ? 1.959   -0.986  -13.252 1.00 35.73 ? 1077 HOH A O   1 
HETATM 1279 O O   . HOH C 3 .   ? -15.500 1.865   -24.569 1.00 57.66 ? 1078 HOH A O   1 
HETATM 1280 O O   . HOH C 3 .   ? 6.132   -11.234 12.685  1.00 42.23 ? 1079 HOH A O   1 
HETATM 1281 O O   . HOH C 3 .   ? 20.120  7.478   -1.041  1.00 60.73 ? 1080 HOH A O   1 
HETATM 1282 O O   . HOH C 3 .   ? 2.656   -3.563  13.854  1.00 14.29 ? 1081 HOH A O   1 
HETATM 1283 O O   . HOH C 3 .   ? 4.900   -13.513 3.530   1.00 21.03 ? 1082 HOH A O   1 
HETATM 1284 O O   . HOH C 3 .   ? -1.695  15.414  7.930   1.00 32.05 ? 1083 HOH A O   1 
HETATM 1285 O O   . HOH C 3 .   ? 1.631   -1.628  23.685  1.00 38.43 ? 1084 HOH A O   1 
HETATM 1286 O O   . HOH C 3 .   ? 8.559   13.047  0.651   1.00 41.64 ? 1085 HOH A O   1 
HETATM 1287 O O   . HOH C 3 .   ? -4.890  1.694   -12.455 1.00 35.78 ? 1086 HOH A O   1 
HETATM 1288 O O   . HOH C 3 .   ? 5.736   13.915  -10.104 1.00 48.97 ? 1087 HOH A O   1 
HETATM 1289 O O   . HOH C 3 .   ? -8.147  11.663  17.305  1.00 48.37 ? 1088 HOH A O   1 
HETATM 1290 O O   . HOH C 3 .   ? 10.731  18.059  -3.029  1.00 51.51 ? 1089 HOH A O   1 
HETATM 1291 O O   . HOH C 3 .   ? 13.995  -7.875  10.376  1.00 55.57 ? 1090 HOH A O   1 
HETATM 1292 O O   . HOH C 3 .   ? 5.342   3.884   -14.022 1.00 59.88 ? 1091 HOH A O   1 
HETATM 1293 O O   . HOH C 3 .   ? 9.329   -6.913  -7.669  1.00 50.98 ? 1092 HOH A O   1 
HETATM 1294 O O   . HOH C 3 .   ? -4.795  16.792  12.599  1.00 53.37 ? 1093 HOH A O   1 
HETATM 1295 O O   . HOH C 3 .   ? -7.943  -7.815  -16.577 1.00 59.05 ? 1094 HOH A O   1 
HETATM 1296 O O   . HOH C 3 .   ? -6.950  16.627  14.882  1.00 59.95 ? 1095 HOH A O   1 
HETATM 1297 O O   . HOH C 3 .   ? 15.763  7.767   0.727   1.00 60.20 ? 1096 HOH A O   1 
HETATM 1298 O O   . HOH C 3 .   ? 2.890   -3.178  -16.305 1.00 53.20 ? 1097 HOH A O   1 
HETATM 1299 O O   . HOH C 3 .   ? 6.835   -15.728 -4.851  1.00 61.30 ? 1098 HOH A O   1 
HETATM 1300 O O   . HOH C 3 .   ? 7.371   3.483   17.456  1.00 55.77 ? 1099 HOH A O   1 
HETATM 1301 O O   . HOH C 3 .   ? 8.279   -12.962 -4.741  1.00 55.90 ? 1100 HOH A O   1 
HETATM 1302 O O   . HOH C 3 .   ? -2.892  -15.359 -11.421 1.00 42.01 ? 1101 HOH A O   1 
HETATM 1303 O O   . HOH C 3 .   ? -7.322  -10.981 -15.894 1.00 49.06 ? 1102 HOH A O   1 
HETATM 1304 O O   . HOH C 3 .   ? -1.541  -7.797  -1.282  1.00 34.77 ? 1103 HOH A O   1 
HETATM 1305 O O   . HOH C 3 .   ? -8.607  -1.823  -23.751 1.00 52.79 ? 1104 HOH A O   1 
HETATM 1306 O O   . HOH C 3 .   ? -7.040  -4.899  -13.768 1.00 35.93 ? 1105 HOH A O   1 
HETATM 1307 O O   . HOH C 3 .   ? 4.997   19.565  -4.498  1.00 63.35 ? 1106 HOH A O   1 
HETATM 1308 O O   . HOH C 3 .   ? 17.854  7.887   -0.555  1.00 58.33 ? 1107 HOH A O   1 
HETATM 1309 O O   . HOH C 3 .   ? -5.635  -0.244  -17.997 1.00 54.59 ? 1108 HOH A O   1 
HETATM 1310 O O   . HOH C 3 .   ? -10.441 -4.140  -23.832 1.00 62.27 ? 1109 HOH A O   1 
HETATM 1311 O O   . HOH C 3 .   ? -16.594 -10.945 1.950   1.00 55.02 ? 1110 HOH A O   1 
HETATM 1312 O O   . HOH C 3 .   ? -11.968 -1.738  -7.011  1.00 41.20 ? 1111 HOH A O   1 
HETATM 1313 O O   . HOH C 3 .   ? -15.301 -0.737  12.392  1.00 43.25 ? 1112 HOH A O   1 
HETATM 1314 O O   . HOH C 3 .   ? 11.489  -6.508  -6.622  1.00 49.68 ? 1113 HOH A O   1 
HETATM 1315 O O   . HOH C 3 .   ? -2.632  -5.443  20.379  1.00 52.28 ? 1114 HOH A O   1 
HETATM 1316 O O   . HOH C 3 .   ? 1.333   17.825  2.403   1.00 39.75 ? 1115 HOH A O   1 
HETATM 1317 O O   . HOH C 3 .   ? 1.468   16.309  -2.100  1.00 29.56 ? 1116 HOH A O   1 
HETATM 1318 O O   . HOH C 3 .   ? 1.410   16.822  5.271   1.00 29.50 ? 1117 HOH A O   1 
HETATM 1319 O O   . HOH C 3 .   ? -14.033 -3.664  8.221   1.00 56.50 ? 1118 HOH A O   1 
HETATM 1320 O O   . HOH C 3 .   ? -4.582  17.178  7.317   1.00 54.10 ? 1119 HOH A O   1 
HETATM 1321 O O   . HOH C 3 .   ? -12.095 2.387   14.306  1.00 54.71 ? 1120 HOH A O   1 
HETATM 1322 O O   . HOH C 3 .   ? 11.521  11.387  -13.460 1.00 61.10 ? 1121 HOH A O   1 
# 
